data_7X36
#
_entry.id   7X36
#
_cell.length_a   88.944
_cell.length_b   76.526
_cell.length_c   147.781
_cell.angle_alpha   90.000
_cell.angle_beta   104.029
_cell.angle_gamma   90.000
#
_symmetry.space_group_name_H-M   'P 1 21 1'
#
loop_
_entity.id
_entity.type
_entity.pdbx_description
1 polymer EupfF
2 branched 2-acetamido-2-deoxy-beta-D-glucopyranose-(1-4)-2-acetamido-2-deoxy-beta-D-glucopyranose
3 branched beta-D-mannopyranose-(1-4)-2-acetamido-2-deoxy-beta-D-glucopyranose-(1-4)-2-acetamido-2-deoxy-beta-D-glucopyranose
4 branched alpha-D-mannopyranose-(1-6)-beta-D-mannopyranose-(1-4)-2-acetamido-2-deoxy-beta-D-glucopyranose-(1-4)-2-acetamido-2-deoxy-beta-D-glucopyranose
5 non-polymer 2-acetamido-2-deoxy-beta-D-glucopyranose
6 non-polymer 'CALCIUM ION'
7 non-polymer 'BENZOIC ACID'
8 non-polymer 1,2-ETHANEDIOL
9 non-polymer DI(HYDROXYETHYL)ETHER
10 non-polymer GLYCEROL
11 non-polymer alpha-D-mannopyranose
12 water water
#
_entity_poly.entity_id   1
_entity_poly.type   'polypeptide(L)'
_entity_poly.pdbx_seq_one_letter_code
;MLFTVSLLLSGLLAVSPSLSAVLPRASSATGSVPLPERLLHHWPNGTWVENIAVRPNGNLLLTTSTPNGTVWHVKKPWTD
TPEVELAYNFDEWVDRLIGIGETTPDKYIVVGSRFYSPDAYSSHVDRTFAAMELDFTKEPPSTRMVAWMPEAELLQGVAA
LPWDRSIVLISDQYVLRPRYKQVDWTPSPGQIWRLDTKTGDYELVMTDYAEMNTTYAHGPDVGINGIRILGNELYWVNQD
NGGVYRVEIQKNGHPVPPAVPEVVSVVESQLWDDFAFGPGDEDLLWVTGLNAVYAVSKKNGTAVVVDGVGTSNNMSFPGP
TSCQFGRTKHDSNVLYVTGNLYSVPDSLLDVKIGGWVRAIDTTGFHLHHHHHH
;
_entity_poly.pdbx_strand_id   A,B,C,D
#
loop_
_chem_comp.id
_chem_comp.type
_chem_comp.name
_chem_comp.formula
BEZ non-polymer 'BENZOIC ACID' 'C7 H6 O2'
BMA D-saccharide, beta linking beta-D-mannopyranose 'C6 H12 O6'
CA non-polymer 'CALCIUM ION' 'Ca 2'
EDO non-polymer 1,2-ETHANEDIOL 'C2 H6 O2'
GOL non-polymer GLYCEROL 'C3 H8 O3'
MAN D-saccharide, alpha linking alpha-D-mannopyranose 'C6 H12 O6'
NAG D-saccharide, beta linking 2-acetamido-2-deoxy-beta-D-glucopyranose 'C8 H15 N O6'
PEG non-polymer DI(HYDROXYETHYL)ETHER 'C4 H10 O3'
#
# COMPACT_ATOMS: atom_id res chain seq x y z
CA ALA A 29 -26.38 -28.89 20.87
C ALA A 29 -26.00 -27.54 21.49
N THR A 30 -26.57 -27.24 22.65
CA THR A 30 -26.26 -25.99 23.34
C THR A 30 -24.79 -25.99 23.73
N GLY A 31 -24.07 -24.94 23.31
CA GLY A 31 -22.66 -24.84 23.61
C GLY A 31 -21.74 -25.33 22.52
N SER A 32 -22.29 -25.85 21.44
CA SER A 32 -21.45 -26.36 20.37
C SER A 32 -20.78 -25.24 19.61
N VAL A 33 -19.62 -25.55 19.04
CA VAL A 33 -18.84 -24.61 18.22
C VAL A 33 -19.29 -24.77 16.78
N PRO A 34 -19.52 -23.69 16.03
CA PRO A 34 -19.42 -22.29 16.46
C PRO A 34 -20.61 -21.85 17.28
N LEU A 35 -20.30 -21.18 18.39
CA LEU A 35 -21.32 -20.64 19.26
C LEU A 35 -22.26 -19.70 18.49
N PRO A 36 -23.50 -19.56 18.95
CA PRO A 36 -24.43 -18.60 18.33
C PRO A 36 -23.86 -17.18 18.34
N GLU A 37 -24.06 -16.48 17.22
CA GLU A 37 -23.53 -15.13 17.03
C GLU A 37 -24.57 -14.29 16.29
N ARG A 38 -24.69 -13.02 16.65
CA ARG A 38 -25.50 -12.07 15.90
C ARG A 38 -24.79 -10.72 15.84
N LEU A 39 -25.19 -9.90 14.87
CA LEU A 39 -24.66 -8.56 14.67
C LEU A 39 -25.56 -7.53 15.36
N LEU A 40 -24.97 -6.73 16.26
CA LEU A 40 -25.73 -5.68 16.92
C LEU A 40 -25.82 -4.45 16.03
N HIS A 41 -24.70 -4.04 15.45
CA HIS A 41 -24.68 -2.80 14.68
C HIS A 41 -23.39 -2.72 13.88
N HIS A 42 -23.48 -2.07 12.73
CA HIS A 42 -22.35 -1.94 11.82
C HIS A 42 -22.21 -0.48 11.46
N TRP A 43 -20.99 0.02 11.52
CA TRP A 43 -20.67 1.40 11.22
C TRP A 43 -20.21 1.54 9.77
N PRO A 44 -20.14 2.77 9.25
CA PRO A 44 -19.70 2.95 7.87
C PRO A 44 -18.24 2.58 7.67
N ASN A 45 -17.90 2.35 6.40
CA ASN A 45 -16.51 2.19 6.00
C ASN A 45 -15.67 3.33 6.58
N GLY A 46 -14.46 2.98 7.04
CA GLY A 46 -13.56 3.91 7.67
C GLY A 46 -13.72 4.06 9.17
N THR A 47 -14.75 3.44 9.75
CA THR A 47 -14.96 3.49 11.20
C THR A 47 -14.29 2.28 11.85
N TRP A 48 -13.31 2.54 12.71
CA TRP A 48 -12.51 1.52 13.37
C TRP A 48 -12.97 1.45 14.82
N VAL A 49 -13.68 0.37 15.18
CA VAL A 49 -14.11 0.18 16.56
C VAL A 49 -13.05 -0.63 17.28
N GLU A 50 -12.47 -0.05 18.33
CA GLU A 50 -11.24 -0.55 18.91
C GLU A 50 -11.40 -1.22 20.27
N ASN A 51 -12.30 -0.76 21.13
CA ASN A 51 -12.48 -1.39 22.43
C ASN A 51 -13.89 -1.14 22.94
N ILE A 52 -14.16 -1.71 24.12
CA ILE A 52 -15.52 -1.78 24.67
C ILE A 52 -15.44 -1.79 26.20
N ALA A 53 -16.34 -1.02 26.84
CA ALA A 53 -16.67 -1.20 28.23
C ALA A 53 -18.19 -1.36 28.33
N VAL A 54 -18.64 -2.16 29.29
CA VAL A 54 -20.06 -2.35 29.57
C VAL A 54 -20.40 -1.56 30.82
N ARG A 55 -21.44 -0.72 30.73
CA ARG A 55 -21.88 0.10 31.85
C ARG A 55 -22.53 -0.75 32.93
N PRO A 56 -22.60 -0.27 34.17
CA PRO A 56 -23.37 -1.00 35.19
C PRO A 56 -24.83 -1.25 34.77
N ASN A 57 -25.44 -0.36 34.00
CA ASN A 57 -26.83 -0.59 33.57
C ASN A 57 -26.89 -1.53 32.37
N GLY A 58 -25.75 -1.99 31.86
CA GLY A 58 -25.71 -2.96 30.78
C GLY A 58 -25.47 -2.43 29.39
N ASN A 59 -25.60 -1.11 29.17
CA ASN A 59 -25.32 -0.55 27.86
C ASN A 59 -23.82 -0.61 27.57
N LEU A 60 -23.50 -0.61 26.27
CA LEU A 60 -22.11 -0.66 25.83
C LEU A 60 -21.57 0.76 25.57
N LEU A 61 -20.28 0.94 25.84
CA LEU A 61 -19.52 2.13 25.44
C LEU A 61 -18.34 1.66 24.60
N LEU A 62 -18.28 2.09 23.35
CA LEU A 62 -17.29 1.64 22.38
C LEU A 62 -16.36 2.80 22.04
N THR A 63 -15.05 2.55 22.03
CA THR A 63 -14.15 3.57 21.49
C THR A 63 -13.95 3.37 20.00
N THR A 64 -13.78 4.47 19.28
CA THR A 64 -13.36 4.39 17.89
C THR A 64 -12.01 5.07 17.71
N SER A 65 -11.22 4.53 16.79
CA SER A 65 -9.91 5.08 16.47
C SER A 65 -9.98 5.98 15.24
N THR A 66 -10.79 5.59 14.26
CA THR A 66 -11.04 6.40 13.08
C THR A 66 -12.53 6.35 12.80
N PRO A 67 -13.09 7.36 12.10
CA PRO A 67 -12.45 8.56 11.53
C PRO A 67 -12.02 9.56 12.59
N ASN A 68 -12.61 9.41 13.77
CA ASN A 68 -12.43 10.31 14.89
C ASN A 68 -12.20 9.50 16.15
N GLY A 69 -11.71 10.16 17.20
CA GLY A 69 -11.61 9.52 18.49
C GLY A 69 -12.85 9.76 19.32
N THR A 70 -13.77 8.80 19.35
CA THR A 70 -15.10 9.01 19.92
C THR A 70 -15.46 7.84 20.82
N VAL A 71 -16.49 8.03 21.64
CA VAL A 71 -17.15 6.94 22.36
C VAL A 71 -18.60 6.89 21.86
N TRP A 72 -19.05 5.70 21.46
CA TRP A 72 -20.43 5.45 21.04
C TRP A 72 -21.14 4.63 22.12
N HIS A 73 -22.44 4.85 22.24
CA HIS A 73 -23.25 4.33 23.33
C HIS A 73 -24.31 3.41 22.73
N VAL A 74 -24.25 2.12 23.08
CA VAL A 74 -25.19 1.13 22.55
C VAL A 74 -26.20 0.87 23.65
N LYS A 75 -27.48 1.17 23.40
CA LYS A 75 -28.52 1.08 24.42
C LYS A 75 -29.24 -0.26 24.37
N LYS A 76 -29.38 -0.90 25.52
CA LYS A 76 -30.06 -2.19 25.62
C LYS A 76 -29.48 -3.18 24.60
N PRO A 77 -28.20 -3.52 24.70
CA PRO A 77 -27.56 -4.34 23.66
C PRO A 77 -28.11 -5.76 23.55
N TRP A 78 -28.91 -6.19 24.53
CA TRP A 78 -29.55 -7.51 24.47
C TRP A 78 -30.76 -7.53 23.52
N THR A 79 -31.18 -6.39 22.97
CA THR A 79 -32.30 -6.38 22.03
C THR A 79 -31.80 -6.66 20.61
N ASP A 80 -32.75 -6.88 19.70
CA ASP A 80 -32.39 -7.32 18.35
C ASP A 80 -31.62 -6.26 17.56
N THR A 81 -32.01 -5.01 17.64
CA THR A 81 -31.33 -3.94 16.88
C THR A 81 -31.18 -2.73 17.76
N PRO A 82 -30.19 -2.73 18.66
CA PRO A 82 -30.12 -1.69 19.69
C PRO A 82 -29.90 -0.34 19.04
N GLU A 83 -30.44 0.70 19.70
CA GLU A 83 -30.16 2.06 19.28
C GLU A 83 -28.70 2.40 19.64
N VAL A 84 -28.03 3.16 18.78
CA VAL A 84 -26.67 3.59 19.07
C VAL A 84 -26.56 5.10 18.84
N GLU A 85 -25.77 5.76 19.65
CA GLU A 85 -25.60 7.21 19.53
C GLU A 85 -24.17 7.59 19.88
N LEU A 86 -23.71 8.67 19.27
CA LEU A 86 -22.41 9.22 19.61
C LEU A 86 -22.49 9.78 21.02
N ALA A 87 -21.57 9.36 21.88
CA ALA A 87 -21.56 9.91 23.22
C ALA A 87 -20.68 11.13 23.33
N TYR A 88 -19.50 11.11 22.69
CA TYR A 88 -18.58 12.23 22.81
C TYR A 88 -17.43 12.06 21.82
N ASN A 89 -17.07 13.16 21.17
CA ASN A 89 -15.93 13.24 20.27
C ASN A 89 -14.80 13.93 21.03
N PHE A 90 -13.64 13.27 21.12
CA PHE A 90 -12.53 13.77 21.93
C PHE A 90 -11.53 14.62 21.14
N ASP A 91 -11.91 15.08 19.94
CA ASP A 91 -11.07 15.93 19.09
C ASP A 91 -10.36 17.04 19.84
N GLU A 92 -10.96 17.56 20.91
CA GLU A 92 -10.29 18.63 21.64
C GLU A 92 -8.88 18.24 22.02
N TRP A 93 -8.67 16.95 22.31
CA TRP A 93 -7.41 16.47 22.84
C TRP A 93 -6.69 15.47 21.94
N VAL A 94 -7.41 14.69 21.13
CA VAL A 94 -6.81 13.59 20.39
C VAL A 94 -7.48 13.43 19.04
N ASP A 95 -6.77 12.80 18.11
CA ASP A 95 -7.29 12.36 16.83
C ASP A 95 -7.95 10.98 16.91
N ARG A 96 -7.49 10.17 17.83
CA ARG A 96 -7.89 8.76 17.93
C ARG A 96 -8.06 8.37 19.37
N LEU A 97 -8.96 7.39 19.62
CA LEU A 97 -9.05 6.72 20.91
C LEU A 97 -8.68 5.27 20.75
N ILE A 98 -8.11 4.71 21.80
CA ILE A 98 -7.70 3.31 21.69
C ILE A 98 -8.47 2.51 22.75
N GLY A 99 -7.88 2.30 23.92
CA GLY A 99 -8.53 1.53 24.96
C GLY A 99 -9.48 2.34 25.85
N ILE A 100 -10.25 1.60 26.63
CA ILE A 100 -11.21 2.16 27.59
C ILE A 100 -11.31 1.22 28.78
N GLY A 101 -11.36 1.81 29.98
CA GLY A 101 -11.56 0.99 31.17
C GLY A 101 -12.33 1.72 32.26
N GLU A 102 -13.31 1.06 32.86
CA GLU A 102 -14.12 1.66 33.91
C GLU A 102 -13.33 1.84 35.19
N THR A 103 -13.53 2.96 35.87
CA THR A 103 -12.86 3.22 37.14
C THR A 103 -13.88 3.03 38.27
N THR A 104 -14.26 4.10 38.97
CA THR A 104 -15.39 4.01 39.87
C THR A 104 -16.65 3.81 39.01
N PRO A 105 -17.78 3.33 39.59
CA PRO A 105 -18.91 2.95 38.73
C PRO A 105 -19.37 4.06 37.78
N ASP A 106 -19.39 3.76 36.48
CA ASP A 106 -19.89 4.60 35.41
C ASP A 106 -19.02 5.82 35.16
N LYS A 107 -17.75 5.76 35.56
CA LYS A 107 -16.68 6.64 35.07
C LYS A 107 -15.69 5.76 34.31
N TYR A 108 -15.15 6.29 33.23
CA TYR A 108 -14.30 5.55 32.29
C TYR A 108 -13.08 6.37 31.91
N ILE A 109 -11.92 5.73 31.91
CA ILE A 109 -10.71 6.34 31.37
C ILE A 109 -10.55 5.85 29.94
N VAL A 110 -10.35 6.77 28.99
CA VAL A 110 -9.99 6.40 27.62
C VAL A 110 -8.62 7.00 27.34
N VAL A 111 -7.91 6.40 26.36
CA VAL A 111 -6.56 6.84 25.98
C VAL A 111 -6.49 7.06 24.48
N GLY A 112 -5.68 8.02 24.07
CA GLY A 112 -5.49 8.25 22.65
C GLY A 112 -4.44 9.31 22.43
N SER A 113 -4.25 9.65 21.17
CA SER A 113 -3.20 10.59 20.77
C SER A 113 -3.60 11.24 19.46
N ARG A 114 -2.71 12.12 18.97
CA ARG A 114 -2.76 12.53 17.59
C ARG A 114 -2.14 11.45 16.72
N PHE A 115 -2.63 11.35 15.50
CA PHE A 115 -2.09 10.43 14.51
C PHE A 115 -1.80 11.17 13.21
N TYR A 116 -0.80 10.68 12.47
CA TYR A 116 -0.39 11.35 11.24
C TYR A 116 -1.53 11.39 10.22
N SER A 117 -2.36 10.37 10.17
CA SER A 117 -3.49 10.37 9.25
C SER A 117 -4.53 9.38 9.76
N PRO A 118 -5.77 9.49 9.31
CA PRO A 118 -6.80 8.50 9.66
C PRO A 118 -6.69 7.18 8.90
N ASP A 119 -5.64 7.00 8.11
CA ASP A 119 -5.43 5.78 7.36
C ASP A 119 -5.13 4.63 8.32
N ALA A 120 -5.47 3.42 7.89
CA ALA A 120 -5.40 2.25 8.76
C ALA A 120 -3.98 1.91 9.17
N TYR A 121 -2.99 2.29 8.38
CA TYR A 121 -1.59 1.94 8.64
C TYR A 121 -0.80 3.11 9.21
N SER A 122 -1.48 4.18 9.61
CA SER A 122 -0.79 5.37 10.10
C SER A 122 -0.21 5.15 11.49
N SER A 123 0.97 5.69 11.73
CA SER A 123 1.52 5.71 13.07
C SER A 123 0.89 6.82 13.88
N HIS A 124 1.14 6.80 15.18
CA HIS A 124 0.76 7.91 16.04
C HIS A 124 1.79 9.04 15.87
N VAL A 125 1.52 10.19 16.50
CA VAL A 125 2.52 11.26 16.60
C VAL A 125 3.13 11.22 17.98
N ASP A 126 4.46 11.08 18.02
CA ASP A 126 5.18 10.88 19.27
C ASP A 126 4.87 11.99 20.26
N ARG A 127 4.67 11.59 21.51
CA ARG A 127 4.52 12.44 22.70
C ARG A 127 3.13 13.05 22.79
N THR A 128 2.16 12.62 21.99
CA THR A 128 0.82 13.21 22.08
C THR A 128 -0.20 12.35 22.83
N PHE A 129 0.23 11.28 23.53
CA PHE A 129 -0.72 10.41 24.20
C PHE A 129 -1.24 11.03 25.49
N ALA A 130 -2.51 10.75 25.79
CA ALA A 130 -3.22 11.32 26.93
C ALA A 130 -4.21 10.30 27.47
N ALA A 131 -4.56 10.44 28.74
CA ALA A 131 -5.68 9.71 29.35
C ALA A 131 -6.74 10.73 29.73
N MET A 132 -7.97 10.47 29.28
CA MET A 132 -9.14 11.31 29.51
C MET A 132 -10.23 10.53 30.21
N GLU A 133 -11.11 11.24 30.91
CA GLU A 133 -12.18 10.61 31.66
C GLU A 133 -13.51 10.96 31.02
N LEU A 134 -14.39 9.96 30.97
CA LEU A 134 -15.78 10.16 30.58
C LEU A 134 -16.63 9.77 31.77
N ASP A 135 -17.35 10.74 32.33
CA ASP A 135 -18.05 10.55 33.59
C ASP A 135 -19.54 10.46 33.28
N PHE A 136 -20.07 9.25 33.28
CA PHE A 136 -21.48 9.01 33.04
C PHE A 136 -22.29 9.00 34.32
N THR A 137 -21.72 9.44 35.44
CA THR A 137 -22.54 9.72 36.61
C THR A 137 -23.19 11.10 36.53
N LYS A 138 -22.80 11.91 35.55
CA LYS A 138 -23.47 13.17 35.24
C LYS A 138 -24.21 13.00 33.93
N GLU A 139 -25.34 13.69 33.78
CA GLU A 139 -26.01 13.74 32.49
C GLU A 139 -26.25 15.21 32.18
N PRO A 140 -25.85 15.70 30.99
CA PRO A 140 -25.02 14.96 30.02
C PRO A 140 -23.66 14.53 30.61
N PRO A 141 -23.01 13.55 30.00
CA PRO A 141 -21.75 13.06 30.59
C PRO A 141 -20.67 14.12 30.49
N SER A 142 -19.79 14.12 31.48
CA SER A 142 -18.72 15.09 31.64
C SER A 142 -17.39 14.47 31.21
N THR A 143 -16.54 15.28 30.59
CA THR A 143 -15.21 14.83 30.19
C THR A 143 -14.15 15.75 30.79
N ARG A 144 -12.92 15.25 30.85
CA ARG A 144 -11.81 16.06 31.34
C ARG A 144 -10.52 15.39 30.94
N MET A 145 -9.47 16.20 30.81
CA MET A 145 -8.13 15.67 30.67
C MET A 145 -7.62 15.18 32.03
N VAL A 146 -7.20 13.92 32.11
CA VAL A 146 -6.65 13.39 33.35
C VAL A 146 -5.13 13.49 33.37
N ALA A 147 -4.46 13.12 32.28
CA ALA A 147 -3.01 13.22 32.26
C ALA A 147 -2.50 13.23 30.84
N TRP A 148 -1.77 14.29 30.45
CA TRP A 148 -0.87 14.15 29.32
C TRP A 148 0.28 13.22 29.72
N MET A 149 0.61 12.28 28.85
CA MET A 149 1.65 11.29 29.13
C MET A 149 2.63 11.28 27.96
N PRO A 150 3.39 12.37 27.78
CA PRO A 150 4.28 12.45 26.61
C PRO A 150 5.38 11.40 26.60
N GLU A 151 5.73 10.84 27.76
CA GLU A 151 6.78 9.82 27.85
C GLU A 151 6.33 8.43 27.40
N ALA A 152 5.03 8.18 27.32
CA ALA A 152 4.57 6.88 26.86
C ALA A 152 4.74 6.79 25.34
N GLU A 153 4.90 5.58 24.86
CA GLU A 153 4.98 5.39 23.41
C GLU A 153 3.59 5.33 22.79
N LEU A 154 2.82 4.28 23.08
CA LEU A 154 1.44 4.20 22.57
C LEU A 154 0.56 3.53 23.61
N LEU A 155 -0.34 4.29 24.21
CA LEU A 155 -1.23 3.72 25.22
C LEU A 155 -2.29 2.86 24.55
N GLN A 156 -2.52 1.67 25.13
CA GLN A 156 -3.29 0.64 24.48
C GLN A 156 -4.49 0.20 25.33
N GLY A 157 -4.26 -0.64 26.36
CA GLY A 157 -5.33 -1.09 27.21
C GLY A 157 -5.35 -0.43 28.58
N VAL A 158 -6.52 -0.40 29.20
CA VAL A 158 -6.80 0.25 30.48
C VAL A 158 -7.49 -0.74 31.42
N ALA A 159 -6.98 -0.86 32.66
CA ALA A 159 -7.53 -1.79 33.64
C ALA A 159 -7.41 -1.17 35.02
N ALA A 160 -8.55 -0.90 35.67
CA ALA A 160 -8.56 -0.36 37.01
C ALA A 160 -8.17 -1.42 38.06
N LEU A 161 -7.50 -0.98 39.12
CA LEU A 161 -7.29 -1.89 40.26
C LEU A 161 -8.60 -2.17 41.01
N PRO A 162 -9.04 -3.44 41.14
CA PRO A 162 -10.33 -3.73 41.81
C PRO A 162 -10.49 -3.15 43.21
N TRP A 163 -9.44 -3.16 44.04
CA TRP A 163 -9.52 -2.62 45.41
C TRP A 163 -9.31 -1.12 45.48
N ASP A 164 -8.93 -0.46 44.40
CA ASP A 164 -8.59 0.97 44.42
C ASP A 164 -8.88 1.50 43.00
N ARG A 165 -10.17 1.60 42.65
CA ARG A 165 -10.54 1.70 41.24
C ARG A 165 -10.26 3.08 40.66
N SER A 166 -9.87 4.04 41.48
CA SER A 166 -9.40 5.32 40.96
C SER A 166 -8.00 5.22 40.37
N ILE A 167 -7.28 4.12 40.60
CA ILE A 167 -5.97 3.86 40.02
C ILE A 167 -6.13 2.94 38.82
N VAL A 168 -5.53 3.31 37.69
CA VAL A 168 -5.53 2.42 36.54
C VAL A 168 -4.11 2.09 36.09
N LEU A 169 -3.97 0.90 35.53
CA LEU A 169 -2.82 0.45 34.76
C LEU A 169 -3.13 0.61 33.28
N ILE A 170 -2.11 0.92 32.49
CA ILE A 170 -2.27 1.15 31.07
C ILE A 170 -1.13 0.48 30.34
N SER A 171 -1.45 -0.35 29.35
CA SER A 171 -0.41 -0.96 28.53
C SER A 171 0.09 -0.01 27.42
N ASP A 172 1.29 -0.30 26.90
CA ASP A 172 1.99 0.67 26.05
C ASP A 172 3.06 -0.05 25.22
N GLN A 173 2.84 -0.10 23.91
CA GLN A 173 3.88 -0.57 22.99
C GLN A 173 3.48 -0.25 21.56
N TYR A 174 4.40 0.37 20.80
CA TYR A 174 4.37 0.39 19.35
C TYR A 174 5.72 0.92 18.83
N VAL A 175 5.80 1.39 17.59
CA VAL A 175 7.11 1.76 17.04
C VAL A 175 7.74 2.86 17.88
N LEU A 176 9.06 2.77 18.04
CA LEU A 176 9.77 3.73 18.88
C LEU A 176 9.88 5.10 18.23
N ARG A 177 9.92 5.17 16.90
CA ARG A 177 10.08 6.45 16.19
C ARG A 177 8.98 6.59 15.16
N PRO A 178 7.75 6.89 15.59
CA PRO A 178 6.64 7.01 14.64
C PRO A 178 6.79 8.26 13.79
N ARG A 179 6.56 8.11 12.47
CA ARG A 179 6.78 9.19 11.50
C ARG A 179 5.66 9.18 10.47
N TYR A 180 5.63 10.26 9.67
CA TYR A 180 4.66 10.42 8.61
C TYR A 180 4.66 9.25 7.65
N LYS A 181 5.85 8.75 7.31
CA LYS A 181 6.00 7.57 6.47
C LYS A 181 6.90 6.60 7.21
N GLN A 182 6.34 5.48 7.69
CA GLN A 182 7.08 4.62 8.61
C GLN A 182 8.06 3.74 7.84
N VAL A 183 9.34 3.84 8.21
CA VAL A 183 10.43 3.18 7.52
C VAL A 183 11.28 2.45 8.54
N ASP A 184 11.60 3.13 9.65
CA ASP A 184 12.32 2.54 10.78
C ASP A 184 11.30 1.89 11.72
N TRP A 185 11.25 0.56 11.72
CA TRP A 185 10.24 -0.15 12.52
C TRP A 185 10.76 -0.59 13.89
N THR A 186 11.89 -0.04 14.35
CA THR A 186 12.44 -0.30 15.68
C THR A 186 11.34 -0.21 16.72
N PRO A 187 10.98 -1.32 17.38
CA PRO A 187 9.85 -1.26 18.33
C PRO A 187 10.28 -0.68 19.66
N SER A 188 9.36 0.00 20.29
CA SER A 188 9.51 0.45 21.66
C SER A 188 9.32 -0.74 22.61
N PRO A 189 9.91 -0.71 23.81
CA PRO A 189 9.68 -1.82 24.76
C PRO A 189 8.26 -1.82 25.26
N GLY A 190 7.64 -3.00 25.31
CA GLY A 190 6.33 -3.10 25.90
C GLY A 190 6.41 -2.78 27.38
N GLN A 191 5.40 -2.09 27.88
CA GLN A 191 5.50 -1.65 29.26
C GLN A 191 4.11 -1.33 29.76
N ILE A 192 4.01 -1.04 31.06
CA ILE A 192 2.72 -0.83 31.71
C ILE A 192 2.89 0.32 32.69
N TRP A 193 2.02 1.34 32.56
CA TRP A 193 1.98 2.50 33.42
C TRP A 193 0.91 2.37 34.51
N ARG A 194 1.20 2.92 35.67
CA ARG A 194 0.20 3.24 36.69
C ARG A 194 -0.19 4.73 36.59
N LEU A 195 -1.50 5.01 36.57
CA LEU A 195 -2.04 6.36 36.57
C LEU A 195 -3.03 6.54 37.71
N ASP A 196 -2.76 7.51 38.59
CA ASP A 196 -3.71 7.91 39.63
C ASP A 196 -4.63 8.96 39.03
N THR A 197 -5.91 8.58 38.78
CA THR A 197 -6.83 9.49 38.10
C THR A 197 -7.29 10.64 38.99
N LYS A 198 -7.07 10.56 40.32
CA LYS A 198 -7.42 11.68 41.19
C LYS A 198 -6.40 12.81 41.13
N THR A 199 -5.13 12.50 40.87
CA THR A 199 -4.06 13.47 40.87
C THR A 199 -3.42 13.70 39.51
N GLY A 200 -3.56 12.78 38.57
CA GLY A 200 -2.87 12.87 37.30
C GLY A 200 -1.45 12.34 37.31
N ASP A 201 -0.98 11.82 38.45
CA ASP A 201 0.39 11.30 38.56
C ASP A 201 0.50 9.91 37.96
N TYR A 202 1.57 9.68 37.20
CA TYR A 202 1.76 8.39 36.53
C TYR A 202 3.23 7.99 36.60
N GLU A 203 3.45 6.68 36.59
CA GLU A 203 4.78 6.08 36.71
C GLU A 203 4.75 4.70 36.07
N LEU A 204 5.91 4.25 35.58
CA LEU A 204 6.00 2.90 35.04
C LEU A 204 5.95 1.88 36.18
N VAL A 205 5.19 0.80 35.98
CA VAL A 205 5.25 -0.35 36.88
C VAL A 205 6.00 -1.53 36.29
N MET A 206 6.08 -1.66 34.96
CA MET A 206 6.73 -2.80 34.37
C MET A 206 7.27 -2.36 33.02
N THR A 207 8.57 -2.61 32.79
CA THR A 207 9.13 -2.45 31.46
C THR A 207 10.36 -3.36 31.32
N ASP A 208 10.71 -3.63 30.06
CA ASP A 208 11.84 -4.50 29.72
C ASP A 208 11.45 -5.95 29.99
N TYR A 209 10.52 -6.45 29.20
CA TYR A 209 9.98 -7.80 29.35
C TYR A 209 9.80 -8.35 27.95
N ALA A 210 10.49 -9.45 27.63
CA ALA A 210 10.27 -10.09 26.33
C ALA A 210 8.79 -10.43 26.12
N GLU A 211 8.07 -10.71 27.21
CA GLU A 211 6.66 -11.08 27.16
C GLU A 211 5.75 -9.90 26.79
N MET A 212 6.29 -8.68 26.77
CA MET A 212 5.55 -7.50 26.36
C MET A 212 6.04 -6.95 25.03
N ASN A 213 7.06 -7.58 24.47
CA ASN A 213 7.79 -7.08 23.32
C ASN A 213 7.28 -7.70 22.03
N THR A 214 7.53 -7.01 20.93
CA THR A 214 7.35 -7.59 19.61
C THR A 214 8.68 -7.69 18.88
N THR A 215 8.76 -8.68 17.99
CA THR A 215 9.86 -8.86 17.03
C THR A 215 9.31 -8.95 15.63
N TYR A 216 8.02 -8.64 15.44
CA TYR A 216 7.34 -8.70 14.15
C TYR A 216 7.29 -10.11 13.58
N ALA A 217 7.36 -11.11 14.46
CA ALA A 217 7.05 -12.48 14.07
C ALA A 217 5.72 -12.55 13.33
N HIS A 218 4.75 -11.70 13.71
CA HIS A 218 3.45 -11.64 13.05
C HIS A 218 3.33 -10.43 12.12
N GLY A 219 4.44 -9.88 11.65
CA GLY A 219 4.40 -8.69 10.82
C GLY A 219 4.27 -7.45 11.66
N PRO A 220 4.06 -6.30 11.01
CA PRO A 220 3.94 -5.05 11.77
C PRO A 220 2.73 -5.13 12.68
N ASP A 221 2.94 -4.82 13.95
CA ASP A 221 1.95 -5.12 14.98
C ASP A 221 2.45 -4.52 16.29
N VAL A 222 1.82 -4.91 17.39
CA VAL A 222 2.27 -4.55 18.73
C VAL A 222 2.72 -5.80 19.45
N GLY A 223 3.37 -5.60 20.60
CA GLY A 223 3.60 -6.68 21.54
C GLY A 223 2.48 -6.77 22.54
N ILE A 224 2.70 -6.34 23.78
CA ILE A 224 1.59 -6.28 24.72
C ILE A 224 0.44 -5.47 24.12
N ASN A 225 -0.75 -6.05 24.14
CA ASN A 225 -1.96 -5.38 23.64
C ASN A 225 -2.92 -5.23 24.83
N GLY A 226 -4.04 -5.96 24.88
CA GLY A 226 -4.98 -5.74 25.96
C GLY A 226 -4.41 -6.12 27.32
N ILE A 227 -4.89 -5.43 28.36
CA ILE A 227 -4.67 -5.85 29.75
C ILE A 227 -6.01 -5.91 30.46
N ARG A 228 -6.17 -6.87 31.38
CA ARG A 228 -7.33 -6.91 32.29
C ARG A 228 -6.88 -7.42 33.64
N ILE A 229 -7.52 -6.94 34.71
CA ILE A 229 -7.16 -7.35 36.07
C ILE A 229 -8.32 -8.15 36.66
N LEU A 230 -8.00 -9.28 37.30
CA LEU A 230 -8.97 -10.06 38.06
C LEU A 230 -8.38 -10.33 39.43
N GLY A 231 -9.02 -9.81 40.47
CA GLY A 231 -8.41 -9.92 41.79
C GLY A 231 -7.08 -9.19 41.78
N ASN A 232 -6.03 -9.85 42.27
CA ASN A 232 -4.67 -9.29 42.23
C ASN A 232 -3.82 -9.91 41.12
N GLU A 233 -4.43 -10.38 40.04
CA GLU A 233 -3.70 -10.92 38.92
C GLU A 233 -3.88 -10.01 37.72
N LEU A 234 -2.78 -9.42 37.26
CA LEU A 234 -2.76 -8.66 36.02
C LEU A 234 -2.51 -9.63 34.87
N TYR A 235 -3.44 -9.68 33.92
CA TYR A 235 -3.32 -10.46 32.69
C TYR A 235 -2.99 -9.57 31.50
N TRP A 236 -2.18 -10.09 30.56
CA TRP A 236 -2.10 -9.42 29.26
C TRP A 236 -1.93 -10.44 28.15
N VAL A 237 -2.20 -9.99 26.94
CA VAL A 237 -1.97 -10.81 25.74
C VAL A 237 -0.89 -10.17 24.91
N ASN A 238 -0.11 -11.00 24.21
CA ASN A 238 0.90 -10.50 23.30
C ASN A 238 0.47 -10.81 21.87
N GLN A 239 0.35 -9.76 21.06
CA GLN A 239 -0.12 -9.88 19.68
C GLN A 239 0.93 -10.54 18.78
N ASP A 240 2.21 -10.46 19.14
CA ASP A 240 3.25 -10.88 18.21
C ASP A 240 3.69 -12.33 18.42
N ASN A 241 3.57 -12.87 19.63
CA ASN A 241 3.98 -14.26 19.91
C ASN A 241 2.81 -15.17 20.33
N GLY A 242 1.59 -14.65 20.36
CA GLY A 242 0.46 -15.47 20.76
C GLY A 242 0.46 -15.91 22.21
N GLY A 243 1.24 -15.26 23.05
CA GLY A 243 1.25 -15.56 24.45
C GLY A 243 0.18 -14.83 25.23
N VAL A 244 -0.35 -15.51 26.24
CA VAL A 244 -1.18 -14.90 27.27
C VAL A 244 -0.46 -15.05 28.59
N TYR A 245 -0.43 -13.98 29.37
CA TYR A 245 0.41 -13.96 30.55
C TYR A 245 -0.36 -13.36 31.71
N ARG A 246 0.20 -13.58 32.91
CA ARG A 246 -0.29 -12.90 34.09
C ARG A 246 0.85 -12.73 35.07
N VAL A 247 0.62 -11.86 36.06
CA VAL A 247 1.58 -11.61 37.13
C VAL A 247 0.78 -11.11 38.33
N GLU A 248 1.20 -11.49 39.52
CA GLU A 248 0.56 -10.98 40.73
C GLU A 248 0.98 -9.54 41.01
N ILE A 249 0.02 -8.69 41.40
CA ILE A 249 0.30 -7.28 41.67
C ILE A 249 -0.02 -6.94 43.12
N GLN A 250 0.80 -6.05 43.68
CA GLN A 250 0.70 -5.53 45.04
C GLN A 250 -0.40 -4.48 45.12
N LYS A 251 -0.69 -4.04 46.35
CA LYS A 251 -1.77 -3.07 46.55
C LYS A 251 -1.54 -1.77 45.78
N ASN A 252 -0.28 -1.39 45.57
CA ASN A 252 0.06 -0.16 44.84
C ASN A 252 0.09 -0.35 43.33
N GLY A 253 -0.22 -1.55 42.82
CA GLY A 253 -0.24 -1.81 41.41
C GLY A 253 1.07 -2.26 40.81
N HIS A 254 2.16 -2.22 41.56
CA HIS A 254 3.40 -2.80 41.09
C HIS A 254 3.40 -4.32 41.28
N PRO A 255 4.14 -5.05 40.44
CA PRO A 255 4.15 -6.51 40.56
C PRO A 255 4.82 -7.01 41.83
N VAL A 256 4.39 -8.17 42.29
CA VAL A 256 5.02 -8.79 43.45
C VAL A 256 6.35 -9.38 42.99
N PRO A 257 7.46 -9.11 43.69
CA PRO A 257 8.73 -9.69 43.28
C PRO A 257 8.66 -11.20 43.36
N PRO A 258 9.36 -11.90 42.46
CA PRO A 258 10.35 -11.38 41.51
C PRO A 258 9.78 -10.86 40.17
N ALA A 259 8.46 -10.63 40.10
CA ALA A 259 7.83 -10.01 38.93
C ALA A 259 8.15 -10.75 37.63
N VAL A 260 8.12 -12.07 37.68
CA VAL A 260 8.36 -12.90 36.50
C VAL A 260 7.00 -13.29 35.92
N PRO A 261 6.72 -12.99 34.65
CA PRO A 261 5.42 -13.36 34.07
C PRO A 261 5.22 -14.86 34.06
N GLU A 262 3.99 -15.29 34.37
CA GLU A 262 3.59 -16.68 34.29
C GLU A 262 2.83 -16.88 32.98
N VAL A 263 3.27 -17.85 32.18
CA VAL A 263 2.59 -18.12 30.91
C VAL A 263 1.26 -18.81 31.20
N VAL A 264 0.18 -18.23 30.69
CA VAL A 264 -1.15 -18.80 30.82
C VAL A 264 -1.44 -19.74 29.67
N SER A 265 -1.05 -19.34 28.48
CA SER A 265 -1.40 -20.01 27.24
C SER A 265 -0.57 -19.43 26.11
N VAL A 266 -0.26 -20.27 25.12
CA VAL A 266 0.42 -19.82 23.90
C VAL A 266 -0.28 -20.45 22.71
N VAL A 267 -0.81 -19.64 21.81
CA VAL A 267 -1.24 -20.09 20.49
C VAL A 267 -0.47 -19.24 19.49
N GLU A 268 0.60 -19.79 18.92
CA GLU A 268 1.57 -18.97 18.21
C GLU A 268 0.98 -18.32 16.96
N SER A 269 -0.05 -18.94 16.37
CA SER A 269 -0.60 -18.37 15.14
C SER A 269 -1.47 -17.13 15.37
N GLN A 270 -1.84 -16.83 16.60
CA GLN A 270 -2.93 -15.90 16.86
C GLN A 270 -2.42 -14.51 17.18
N LEU A 271 -2.99 -13.50 16.52
CA LEU A 271 -2.66 -12.10 16.80
C LEU A 271 -3.68 -11.58 17.82
N TRP A 272 -3.47 -11.95 19.08
CA TRP A 272 -4.36 -11.51 20.15
C TRP A 272 -4.47 -10.00 20.23
N ASP A 273 -5.68 -9.52 20.55
CA ASP A 273 -5.93 -8.09 20.73
C ASP A 273 -6.42 -7.77 22.15
N ASP A 274 -7.64 -8.17 22.55
CA ASP A 274 -8.09 -7.96 23.92
C ASP A 274 -9.01 -9.12 24.36
N PHE A 275 -9.47 -9.08 25.61
CA PHE A 275 -10.04 -10.30 26.17
C PHE A 275 -10.95 -9.96 27.34
N ALA A 276 -11.64 -10.99 27.84
CA ALA A 276 -12.54 -10.86 28.99
C ALA A 276 -12.50 -12.13 29.81
N PHE A 277 -12.53 -11.97 31.14
CA PHE A 277 -12.67 -13.12 32.02
C PHE A 277 -14.14 -13.54 32.09
N GLY A 278 -14.36 -14.83 32.27
CA GLY A 278 -15.68 -15.30 32.63
C GLY A 278 -16.28 -16.27 31.61
N PRO A 279 -17.61 -16.24 31.46
CA PRO A 279 -18.57 -15.43 32.22
C PRO A 279 -18.64 -15.77 33.69
N GLY A 280 -19.12 -14.81 34.48
CA GLY A 280 -19.26 -15.01 35.90
C GLY A 280 -17.94 -15.41 36.50
N ASP A 281 -17.83 -16.68 36.93
CA ASP A 281 -16.61 -17.21 37.51
C ASP A 281 -16.21 -18.54 36.88
N GLU A 282 -16.57 -18.75 35.61
CA GLU A 282 -15.96 -19.81 34.84
C GLU A 282 -14.46 -19.55 34.68
N ASP A 283 -13.69 -20.64 34.68
CA ASP A 283 -12.22 -20.59 34.67
C ASP A 283 -11.65 -20.27 33.28
N LEU A 284 -12.13 -19.21 32.64
CA LEU A 284 -11.85 -18.98 31.23
C LEU A 284 -11.56 -17.51 30.96
N LEU A 285 -10.76 -17.29 29.92
CA LEU A 285 -10.53 -16.03 29.23
C LEU A 285 -11.16 -16.14 27.86
N TRP A 286 -11.74 -15.05 27.35
CA TRP A 286 -12.24 -15.06 25.98
C TRP A 286 -11.48 -13.96 25.25
N VAL A 287 -10.77 -14.33 24.18
CA VAL A 287 -9.72 -13.50 23.58
C VAL A 287 -9.99 -13.36 22.10
N THR A 288 -9.91 -12.14 21.58
CA THR A 288 -9.96 -11.95 20.15
C THR A 288 -8.59 -12.24 19.57
N GLY A 289 -8.59 -12.89 18.42
CA GLY A 289 -7.36 -13.21 17.73
C GLY A 289 -7.49 -12.86 16.27
N LEU A 290 -6.91 -13.71 15.44
CA LEU A 290 -6.80 -13.41 14.01
C LEU A 290 -8.13 -13.82 13.39
N ASN A 291 -8.99 -12.84 13.16
CA ASN A 291 -10.30 -13.08 12.53
C ASN A 291 -11.11 -14.16 13.27
N ALA A 292 -10.87 -14.32 14.57
CA ALA A 292 -11.53 -15.37 15.33
C ALA A 292 -11.55 -14.99 16.81
N VAL A 293 -12.35 -15.74 17.57
CA VAL A 293 -12.46 -15.59 19.02
C VAL A 293 -12.23 -16.97 19.63
N TYR A 294 -11.54 -17.02 20.79
CA TYR A 294 -11.12 -18.26 21.43
C TYR A 294 -11.53 -18.25 22.89
N ALA A 295 -11.83 -19.43 23.43
CA ALA A 295 -11.93 -19.61 24.86
C ALA A 295 -10.59 -20.16 25.32
N VAL A 296 -10.11 -19.71 26.48
CA VAL A 296 -8.79 -20.15 26.96
C VAL A 296 -8.89 -20.45 28.44
N SER A 297 -8.48 -21.66 28.82
CA SER A 297 -8.51 -22.05 30.22
C SER A 297 -7.49 -21.24 31.01
N LYS A 298 -7.92 -20.65 32.14
CA LYS A 298 -6.95 -19.98 33.01
C LYS A 298 -6.07 -20.97 33.76
N LYS A 299 -6.60 -22.17 34.02
CA LYS A 299 -5.87 -23.19 34.75
C LYS A 299 -4.72 -23.77 33.93
N ASN A 300 -4.99 -24.13 32.69
CA ASN A 300 -4.02 -24.91 31.95
C ASN A 300 -3.80 -24.46 30.52
N GLY A 301 -4.45 -23.38 30.08
CA GLY A 301 -4.14 -22.80 28.79
C GLY A 301 -4.72 -23.51 27.59
N THR A 302 -5.54 -24.55 27.77
CA THR A 302 -6.22 -25.13 26.61
C THR A 302 -7.02 -24.05 25.88
N ALA A 303 -6.90 -24.00 24.55
CA ALA A 303 -7.49 -22.92 23.77
C ALA A 303 -8.31 -23.52 22.65
N VAL A 304 -9.54 -23.03 22.50
CA VAL A 304 -10.48 -23.55 21.52
C VAL A 304 -11.08 -22.37 20.76
N VAL A 305 -10.99 -22.39 19.44
CA VAL A 305 -11.65 -21.35 18.65
C VAL A 305 -13.16 -21.59 18.71
N VAL A 306 -13.93 -20.53 19.01
CA VAL A 306 -15.37 -20.68 19.17
C VAL A 306 -16.17 -20.00 18.06
N ASP A 307 -15.55 -19.17 17.24
CA ASP A 307 -16.26 -18.49 16.16
C ASP A 307 -15.22 -17.81 15.29
N GLY A 308 -15.57 -17.62 14.02
CA GLY A 308 -14.63 -17.06 13.06
C GLY A 308 -13.77 -18.12 12.42
N VAL A 309 -12.64 -17.66 11.88
CA VAL A 309 -11.70 -18.53 11.17
C VAL A 309 -11.32 -19.69 12.05
N GLY A 310 -11.31 -20.90 11.48
CA GLY A 310 -11.12 -22.11 12.23
C GLY A 310 -12.42 -22.82 12.61
N THR A 311 -13.57 -22.21 12.32
CA THR A 311 -14.88 -22.83 12.46
C THR A 311 -15.65 -22.70 11.15
N SER A 312 -16.77 -23.39 11.06
CA SER A 312 -17.63 -23.25 9.87
C SER A 312 -18.24 -21.85 9.77
N ASN A 313 -18.32 -21.10 10.86
CA ASN A 313 -18.76 -19.69 10.82
C ASN A 313 -17.51 -18.83 10.73
N ASN A 314 -16.92 -18.76 9.52
CA ASN A 314 -15.56 -18.22 9.35
C ASN A 314 -15.50 -16.90 8.60
N MET A 315 -16.63 -16.25 8.34
CA MET A 315 -16.61 -14.91 7.75
C MET A 315 -17.20 -13.87 8.67
N SER A 316 -17.72 -14.28 9.83
CA SER A 316 -18.51 -13.39 10.67
C SER A 316 -17.70 -12.57 11.66
N PHE A 317 -16.38 -12.77 11.74
CA PHE A 317 -15.53 -12.02 12.67
C PHE A 317 -14.32 -11.43 11.95
N PRO A 318 -14.53 -10.48 11.02
CA PRO A 318 -13.41 -9.82 10.34
C PRO A 318 -12.74 -8.79 11.24
N GLY A 319 -11.51 -9.07 11.64
CA GLY A 319 -10.72 -8.18 12.46
C GLY A 319 -11.38 -7.79 13.78
N PRO A 320 -11.69 -8.76 14.65
CA PRO A 320 -12.20 -8.40 15.99
C PRO A 320 -11.11 -7.69 16.79
N THR A 321 -11.53 -6.83 17.72
CA THR A 321 -10.57 -5.98 18.43
C THR A 321 -10.67 -6.12 19.95
N SER A 322 -11.86 -6.38 20.48
CA SER A 322 -11.98 -6.51 21.93
C SER A 322 -13.28 -7.24 22.25
N CYS A 323 -13.43 -7.64 23.51
CA CYS A 323 -14.69 -8.22 23.94
C CYS A 323 -14.83 -8.07 25.45
N GLN A 324 -16.08 -7.99 25.88
CA GLN A 324 -16.53 -7.85 27.26
C GLN A 324 -17.91 -8.48 27.37
N PHE A 325 -18.19 -9.04 28.54
CA PHE A 325 -19.43 -9.74 28.81
C PHE A 325 -20.53 -8.78 29.24
N GLY A 326 -21.78 -9.18 28.99
CA GLY A 326 -22.91 -8.39 29.45
C GLY A 326 -23.01 -8.38 30.95
N ARG A 327 -23.79 -7.43 31.47
CA ARG A 327 -23.83 -7.20 32.91
C ARG A 327 -25.24 -7.23 33.48
N THR A 328 -26.21 -7.72 32.70
CA THR A 328 -27.60 -7.83 33.15
C THR A 328 -28.04 -9.29 33.14
N LYS A 329 -29.18 -9.55 33.79
CA LYS A 329 -29.80 -10.87 33.67
C LYS A 329 -30.10 -11.24 32.23
N HIS A 330 -30.06 -10.29 31.29
CA HIS A 330 -30.39 -10.65 29.92
C HIS A 330 -29.23 -11.22 29.17
N ASP A 331 -28.00 -11.04 29.66
CA ASP A 331 -26.88 -11.24 28.77
C ASP A 331 -25.58 -11.44 29.53
N SER A 332 -25.64 -11.99 30.75
CA SER A 332 -24.41 -12.19 31.52
C SER A 332 -23.49 -13.21 30.87
N ASN A 333 -24.04 -14.10 30.04
CA ASN A 333 -23.27 -15.11 29.33
C ASN A 333 -23.00 -14.73 27.89
N VAL A 334 -23.33 -13.51 27.51
CA VAL A 334 -23.13 -13.06 26.15
C VAL A 334 -21.85 -12.26 26.13
N LEU A 335 -20.97 -12.59 25.20
CA LEU A 335 -19.71 -11.86 24.99
C LEU A 335 -19.93 -10.86 23.86
N TYR A 336 -19.82 -9.57 24.16
CA TYR A 336 -19.93 -8.53 23.15
C TYR A 336 -18.56 -8.25 22.56
N VAL A 337 -18.45 -8.39 21.24
CA VAL A 337 -17.19 -8.35 20.52
C VAL A 337 -17.17 -7.14 19.59
N THR A 338 -16.16 -6.28 19.74
CA THR A 338 -15.92 -5.20 18.77
C THR A 338 -15.02 -5.73 17.65
N GLY A 339 -15.12 -5.10 16.48
CA GLY A 339 -14.23 -5.41 15.36
C GLY A 339 -14.17 -4.23 14.42
N ASN A 340 -13.11 -4.18 13.59
CA ASN A 340 -12.81 -2.99 12.82
C ASN A 340 -12.69 -3.20 11.32
N LEU A 341 -12.91 -4.40 10.79
CA LEU A 341 -12.73 -4.68 9.37
C LEU A 341 -14.04 -5.05 8.70
N TYR A 342 -14.13 -4.73 7.41
CA TYR A 342 -15.37 -4.89 6.66
C TYR A 342 -15.60 -6.34 6.23
N SER A 343 -14.52 -7.02 5.83
CA SER A 343 -14.57 -8.43 5.45
C SER A 343 -13.24 -9.05 5.81
N VAL A 344 -13.19 -10.38 5.76
CA VAL A 344 -11.95 -11.10 6.05
C VAL A 344 -11.00 -10.91 4.86
N PRO A 345 -9.82 -10.37 5.07
CA PRO A 345 -8.89 -10.16 3.95
C PRO A 345 -8.06 -11.39 3.66
N ASP A 346 -7.60 -11.47 2.41
CA ASP A 346 -6.55 -12.43 2.06
C ASP A 346 -5.21 -12.04 2.64
N SER A 347 -5.04 -10.76 2.99
CA SER A 347 -3.75 -10.22 3.40
C SER A 347 -3.95 -9.20 4.50
N LEU A 348 -3.18 -9.32 5.58
CA LEU A 348 -3.20 -8.31 6.64
C LEU A 348 -2.54 -7.00 6.19
N LEU A 349 -1.95 -6.96 5.00
CA LEU A 349 -1.26 -5.78 4.49
C LEU A 349 -2.16 -4.85 3.67
N ASP A 350 -3.39 -5.28 3.31
CA ASP A 350 -4.37 -4.38 2.66
C ASP A 350 -5.79 -4.76 3.13
N VAL A 351 -6.08 -4.40 4.38
CA VAL A 351 -7.40 -4.57 4.98
C VAL A 351 -8.30 -3.41 4.58
N LYS A 352 -9.59 -3.49 4.92
CA LYS A 352 -10.54 -2.41 4.69
C LYS A 352 -11.31 -2.15 5.97
N ILE A 353 -11.26 -0.90 6.45
CA ILE A 353 -11.81 -0.53 7.75
C ILE A 353 -13.32 -0.34 7.62
N GLY A 354 -14.08 -1.01 8.49
CA GLY A 354 -15.52 -0.85 8.58
C GLY A 354 -16.05 -1.60 9.80
N GLY A 355 -16.22 -0.89 10.91
CA GLY A 355 -16.37 -1.49 12.20
C GLY A 355 -17.76 -2.02 12.51
N TRP A 356 -17.87 -2.68 13.66
CA TRP A 356 -19.06 -3.47 13.99
C TRP A 356 -19.00 -3.89 15.45
N VAL A 357 -20.17 -4.26 15.98
CA VAL A 357 -20.24 -4.92 17.28
C VAL A 357 -21.20 -6.10 17.18
N ARG A 358 -20.75 -7.26 17.65
CA ARG A 358 -21.48 -8.52 17.61
C ARG A 358 -21.62 -9.08 19.01
N ALA A 359 -22.38 -10.18 19.11
CA ALA A 359 -22.64 -10.80 20.40
C ALA A 359 -22.50 -12.32 20.23
N ILE A 360 -21.74 -12.95 21.12
CA ILE A 360 -21.57 -14.40 21.12
C ILE A 360 -22.21 -14.95 22.38
N ASP A 361 -23.14 -15.89 22.22
CA ASP A 361 -23.82 -16.48 23.35
C ASP A 361 -23.01 -17.68 23.83
N THR A 362 -22.40 -17.58 25.02
CA THR A 362 -21.48 -18.62 25.48
C THR A 362 -22.19 -19.70 26.27
N THR A 363 -23.51 -19.60 26.45
CA THR A 363 -24.23 -20.52 27.32
C THR A 363 -23.94 -21.96 26.93
N GLY A 364 -23.66 -22.78 27.94
CA GLY A 364 -23.42 -24.19 27.74
C GLY A 364 -22.04 -24.54 27.22
N PHE A 365 -21.20 -23.57 26.87
CA PHE A 365 -19.92 -23.92 26.27
C PHE A 365 -19.04 -24.71 27.23
N HIS A 366 -18.28 -25.65 26.67
CA HIS A 366 -17.31 -26.44 27.40
C HIS A 366 -16.11 -26.66 26.51
N LEU A 367 -14.92 -26.68 27.11
CA LEU A 367 -13.69 -26.86 26.33
C LEU A 367 -13.68 -28.20 25.60
N HIS A 368 -14.03 -29.28 26.33
CA HIS A 368 -14.45 -30.59 25.83
C HIS A 368 -14.34 -31.61 26.97
N THR B 30 -18.36 -15.31 -19.01
CA THR B 30 -18.32 -14.55 -20.26
C THR B 30 -19.74 -14.34 -20.75
N GLY B 31 -20.11 -13.08 -20.91
CA GLY B 31 -21.45 -12.74 -21.33
C GLY B 31 -22.41 -12.40 -20.20
N SER B 32 -22.01 -12.57 -18.94
CA SER B 32 -22.93 -12.28 -17.86
C SER B 32 -23.09 -10.78 -17.66
N VAL B 33 -24.27 -10.39 -17.18
CA VAL B 33 -24.62 -9.01 -16.91
C VAL B 33 -24.15 -8.70 -15.49
N PRO B 34 -23.58 -7.52 -15.22
CA PRO B 34 -23.29 -6.42 -16.16
C PRO B 34 -22.14 -6.75 -17.11
N LEU B 35 -22.29 -6.41 -18.39
CA LEU B 35 -21.26 -6.69 -19.37
C LEU B 35 -20.01 -5.86 -19.07
N PRO B 36 -18.84 -6.32 -19.53
CA PRO B 36 -17.63 -5.53 -19.32
C PRO B 36 -17.72 -4.19 -20.05
N GLU B 37 -17.27 -3.13 -19.38
CA GLU B 37 -17.46 -1.78 -19.86
C GLU B 37 -16.23 -0.94 -19.52
N ARG B 38 -15.85 -0.03 -20.42
CA ARG B 38 -14.74 0.88 -20.16
C ARG B 38 -14.99 2.25 -20.77
N LEU B 39 -14.37 3.26 -20.16
CA LEU B 39 -14.45 4.65 -20.61
C LEU B 39 -13.40 4.91 -21.68
N LEU B 40 -13.82 5.42 -22.83
CA LEU B 40 -12.87 5.72 -23.88
C LEU B 40 -12.33 7.13 -23.76
N HIS B 41 -13.20 8.10 -23.50
CA HIS B 41 -12.81 9.49 -23.40
C HIS B 41 -13.94 10.28 -22.76
N HIS B 42 -13.58 11.28 -21.96
CA HIS B 42 -14.55 12.13 -21.29
C HIS B 42 -14.32 13.59 -21.69
N TRP B 43 -15.39 14.29 -22.06
CA TRP B 43 -15.30 15.68 -22.47
C TRP B 43 -15.57 16.59 -21.29
N PRO B 44 -15.27 17.89 -21.41
CA PRO B 44 -15.49 18.80 -20.27
C PRO B 44 -16.97 18.99 -19.99
N ASN B 45 -17.24 19.51 -18.80
CA ASN B 45 -18.60 19.90 -18.45
C ASN B 45 -19.15 20.86 -19.50
N GLY B 46 -20.43 20.69 -19.86
CA GLY B 46 -21.06 21.48 -20.88
C GLY B 46 -21.02 20.89 -22.28
N THR B 47 -20.20 19.87 -22.50
CA THR B 47 -20.14 19.16 -23.77
C THR B 47 -21.19 18.05 -23.79
N TRP B 48 -22.13 18.13 -24.74
CA TRP B 48 -23.24 17.18 -24.85
C TRP B 48 -22.95 16.30 -26.05
N VAL B 49 -22.64 15.02 -25.82
CA VAL B 49 -22.35 14.08 -26.90
C VAL B 49 -23.63 13.34 -27.25
N GLU B 50 -24.06 13.46 -28.51
CA GLU B 50 -25.43 13.14 -28.88
C GLU B 50 -25.57 11.90 -29.77
N ASN B 51 -24.65 11.67 -30.70
CA ASN B 51 -24.76 10.50 -31.56
C ASN B 51 -23.38 10.11 -32.08
N ILE B 52 -23.36 9.02 -32.84
CA ILE B 52 -22.14 8.30 -33.20
C ILE B 52 -22.34 7.61 -34.54
N ALA B 53 -21.32 7.68 -35.39
CA ALA B 53 -21.17 6.81 -36.56
C ALA B 53 -19.78 6.20 -36.55
N VAL B 54 -19.66 4.92 -36.95
CA VAL B 54 -18.37 4.25 -37.04
C VAL B 54 -17.94 4.28 -38.50
N ARG B 55 -16.74 4.82 -38.75
CA ARG B 55 -16.18 4.86 -40.10
C ARG B 55 -15.81 3.46 -40.57
N PRO B 56 -15.74 3.26 -41.89
CA PRO B 56 -15.21 1.99 -42.43
C PRO B 56 -13.88 1.56 -41.82
N ASN B 57 -13.02 2.50 -41.44
CA ASN B 57 -11.73 2.10 -40.87
C ASN B 57 -11.80 1.86 -39.36
N GLY B 58 -12.98 1.94 -38.76
CA GLY B 58 -13.18 1.64 -37.36
C GLY B 58 -13.13 2.80 -36.41
N ASN B 59 -12.63 3.97 -36.86
CA ASN B 59 -12.65 5.16 -36.03
C ASN B 59 -14.09 5.62 -35.82
N LEU B 60 -14.32 6.32 -34.70
CA LEU B 60 -15.62 6.89 -34.36
C LEU B 60 -15.73 8.34 -34.83
N LEU B 61 -16.94 8.72 -35.20
CA LEU B 61 -17.28 10.12 -35.41
C LEU B 61 -18.51 10.43 -34.56
N LEU B 62 -18.37 11.37 -33.63
CA LEU B 62 -19.39 11.70 -32.66
C LEU B 62 -19.90 13.13 -32.87
N THR B 63 -21.21 13.30 -32.80
CA THR B 63 -21.79 14.64 -32.85
C THR B 63 -21.93 15.19 -31.45
N THR B 64 -21.69 16.48 -31.31
CA THR B 64 -22.00 17.22 -30.10
C THR B 64 -23.11 18.22 -30.41
N SER B 65 -24.02 18.39 -29.45
CA SER B 65 -25.01 19.47 -29.51
C SER B 65 -24.54 20.73 -28.82
N THR B 66 -23.78 20.62 -27.74
CA THR B 66 -23.23 21.76 -27.02
C THR B 66 -21.81 21.41 -26.63
N PRO B 67 -20.94 22.42 -26.42
CA PRO B 67 -21.19 23.87 -26.52
C PRO B 67 -21.40 24.31 -27.96
N ASN B 68 -20.95 23.50 -28.91
CA ASN B 68 -21.01 23.82 -30.32
C ASN B 68 -21.57 22.65 -31.11
N GLY B 69 -22.01 22.94 -32.34
CA GLY B 69 -22.37 21.88 -33.26
C GLY B 69 -21.16 21.31 -33.97
N THR B 70 -20.56 20.23 -33.42
CA THR B 70 -19.31 19.73 -33.97
C THR B 70 -19.34 18.21 -34.12
N VAL B 71 -18.40 17.72 -34.91
CA VAL B 71 -18.12 16.30 -35.02
C VAL B 71 -16.72 16.08 -34.48
N TRP B 72 -16.57 15.12 -33.57
CA TRP B 72 -15.29 14.73 -33.03
C TRP B 72 -14.88 13.38 -33.60
N HIS B 73 -13.56 13.18 -33.72
CA HIS B 73 -12.96 12.02 -34.37
C HIS B 73 -12.21 11.22 -33.30
N VAL B 74 -12.62 9.98 -33.06
CA VAL B 74 -11.96 9.09 -32.10
C VAL B 74 -11.15 8.07 -32.89
N LYS B 75 -9.83 8.08 -32.72
CA LYS B 75 -8.95 7.26 -33.53
C LYS B 75 -8.61 5.96 -32.81
N LYS B 76 -8.68 4.85 -33.55
CA LYS B 76 -8.39 3.53 -33.01
C LYS B 76 -9.09 3.33 -31.66
N PRO B 77 -10.42 3.36 -31.64
CA PRO B 77 -11.14 3.32 -30.36
C PRO B 77 -11.00 1.98 -29.63
N TRP B 78 -10.47 0.95 -30.28
CA TRP B 78 -10.21 -0.29 -29.57
C TRP B 78 -8.99 -0.20 -28.66
N THR B 79 -8.23 0.89 -28.73
CA THR B 79 -7.09 1.06 -27.83
C THR B 79 -7.53 1.59 -26.48
N ASP B 80 -6.60 1.54 -25.52
CA ASP B 80 -6.90 1.91 -24.14
C ASP B 80 -7.32 3.38 -24.02
N THR B 81 -6.49 4.30 -24.48
CA THR B 81 -6.75 5.74 -24.34
C THR B 81 -6.70 6.38 -25.72
N PRO B 82 -7.76 6.21 -26.52
CA PRO B 82 -7.68 6.60 -27.92
C PRO B 82 -7.51 8.10 -28.04
N GLU B 83 -6.73 8.51 -29.04
CA GLU B 83 -6.62 9.94 -29.36
C GLU B 83 -7.94 10.45 -29.93
N VAL B 84 -8.26 11.72 -29.65
CA VAL B 84 -9.49 12.32 -30.16
C VAL B 84 -9.12 13.71 -30.66
N GLU B 85 -9.89 14.18 -31.62
CA GLU B 85 -9.63 15.51 -32.15
C GLU B 85 -10.87 16.03 -32.84
N LEU B 86 -10.97 17.35 -32.89
CA LEU B 86 -12.08 17.99 -33.57
C LEU B 86 -11.98 17.72 -35.07
N ALA B 87 -13.06 17.21 -35.66
CA ALA B 87 -13.07 17.08 -37.11
C ALA B 87 -13.61 18.34 -37.78
N TYR B 88 -14.73 18.87 -37.29
CA TYR B 88 -15.32 20.03 -37.94
C TYR B 88 -16.35 20.67 -37.01
N ASN B 89 -16.36 22.00 -37.00
CA ASN B 89 -17.36 22.81 -36.30
C ASN B 89 -18.29 23.38 -37.35
N PHE B 90 -19.60 23.13 -37.20
CA PHE B 90 -20.61 23.46 -38.21
C PHE B 90 -21.31 24.79 -37.92
N ASP B 91 -20.67 25.64 -37.11
CA ASP B 91 -21.14 26.98 -36.77
C ASP B 91 -21.66 27.76 -37.98
N GLU B 92 -21.06 27.58 -39.15
CA GLU B 92 -21.47 28.35 -40.33
C GLU B 92 -22.96 28.21 -40.59
N TRP B 93 -23.53 27.04 -40.24
CA TRP B 93 -24.93 26.74 -40.52
C TRP B 93 -25.77 26.48 -39.28
N VAL B 94 -25.20 25.95 -38.19
CA VAL B 94 -25.99 25.56 -37.03
C VAL B 94 -25.27 25.89 -35.73
N ASP B 95 -26.07 26.03 -34.67
CA ASP B 95 -25.55 26.08 -33.31
C ASP B 95 -25.31 24.70 -32.73
N ARG B 96 -26.03 23.69 -33.23
CA ARG B 96 -26.07 22.36 -32.62
C ARG B 96 -26.16 21.29 -33.70
N LEU B 97 -25.57 20.13 -33.43
CA LEU B 97 -25.77 18.93 -34.22
C LEU B 97 -26.55 17.92 -33.38
N ILE B 98 -27.34 17.11 -34.05
CA ILE B 98 -28.06 16.04 -33.34
C ILE B 98 -27.63 14.71 -33.94
N GLY B 99 -28.41 14.13 -34.86
CA GLY B 99 -28.07 12.84 -35.42
C GLY B 99 -26.97 12.88 -36.47
N ILE B 100 -26.44 11.68 -36.76
CA ILE B 100 -25.46 11.46 -37.82
C ILE B 100 -25.73 10.10 -38.43
N GLY B 101 -25.64 10.02 -39.76
CA GLY B 101 -25.70 8.73 -40.43
C GLY B 101 -24.85 8.69 -41.69
N GLU B 102 -24.20 7.55 -41.92
CA GLU B 102 -23.35 7.35 -43.08
C GLU B 102 -24.18 7.10 -44.32
N THR B 103 -23.77 7.74 -45.42
CA THR B 103 -24.41 7.53 -46.71
C THR B 103 -23.55 6.59 -47.55
N THR B 104 -22.94 7.08 -48.64
CA THR B 104 -21.97 6.26 -49.35
C THR B 104 -20.73 6.13 -48.45
N PRO B 105 -19.86 5.14 -48.68
CA PRO B 105 -18.83 4.85 -47.67
C PRO B 105 -17.99 6.06 -47.30
N ASP B 106 -17.94 6.34 -46.00
CA ASP B 106 -17.14 7.41 -45.39
C ASP B 106 -17.63 8.81 -45.76
N LYS B 107 -18.91 8.94 -46.14
CA LYS B 107 -19.63 10.21 -46.19
C LYS B 107 -20.76 10.14 -45.18
N TYR B 108 -21.06 11.29 -44.59
CA TYR B 108 -21.99 11.33 -43.46
C TYR B 108 -22.91 12.55 -43.55
N ILE B 109 -24.19 12.33 -43.21
CA ILE B 109 -25.16 13.42 -43.07
C ILE B 109 -25.35 13.68 -41.58
N VAL B 110 -25.17 14.93 -41.17
CA VAL B 110 -25.54 15.35 -39.82
C VAL B 110 -26.68 16.36 -39.93
N VAL B 111 -27.47 16.47 -38.87
CA VAL B 111 -28.59 17.39 -38.83
C VAL B 111 -28.45 18.29 -37.61
N GLY B 112 -28.96 19.52 -37.73
CA GLY B 112 -28.93 20.41 -36.59
C GLY B 112 -29.58 21.74 -36.93
N SER B 113 -29.48 22.68 -36.00
CA SER B 113 -30.23 23.94 -36.12
C SER B 113 -29.63 25.00 -35.21
N ARG B 114 -30.25 26.19 -35.22
CA ARG B 114 -29.98 27.18 -34.19
C ARG B 114 -30.81 26.87 -32.95
N PHE B 115 -30.25 27.20 -31.79
CA PHE B 115 -30.91 27.01 -30.51
C PHE B 115 -30.86 28.32 -29.74
N TYR B 116 -31.89 28.56 -28.92
CA TYR B 116 -31.93 29.82 -28.19
C TYR B 116 -30.72 30.02 -27.28
N SER B 117 -30.16 28.93 -26.75
CA SER B 117 -28.98 29.02 -25.89
C SER B 117 -28.35 27.62 -25.79
N PRO B 118 -27.10 27.53 -25.31
CA PRO B 118 -26.49 26.22 -25.06
C PRO B 118 -26.88 25.56 -23.74
N ASP B 119 -27.85 26.11 -23.01
CA ASP B 119 -28.31 25.48 -21.78
C ASP B 119 -28.93 24.12 -22.11
N ALA B 120 -28.87 23.19 -21.15
CA ALA B 120 -29.36 21.84 -21.40
C ALA B 120 -30.85 21.79 -21.72
N TYR B 121 -31.64 22.78 -21.30
CA TYR B 121 -33.09 22.76 -21.51
C TYR B 121 -33.57 23.74 -22.57
N SER B 122 -32.65 24.42 -23.27
CA SER B 122 -33.05 25.37 -24.30
C SER B 122 -33.78 24.65 -25.44
N SER B 123 -34.79 25.31 -25.98
CA SER B 123 -35.41 24.80 -27.21
C SER B 123 -34.58 25.22 -28.43
N HIS B 124 -34.99 24.69 -29.58
CA HIS B 124 -34.43 25.10 -30.85
C HIS B 124 -35.10 26.41 -31.30
N VAL B 125 -34.59 26.99 -32.37
CA VAL B 125 -35.24 28.16 -32.99
C VAL B 125 -35.97 27.69 -34.23
N ASP B 126 -37.27 28.00 -34.29
CA ASP B 126 -38.11 27.45 -35.35
C ASP B 126 -37.55 27.74 -36.74
N ARG B 127 -37.67 26.74 -37.61
CA ARG B 127 -37.37 26.80 -39.05
C ARG B 127 -35.87 26.90 -39.36
N THR B 128 -34.99 26.64 -38.40
CA THR B 128 -33.55 26.70 -38.66
C THR B 128 -32.90 25.32 -38.85
N PHE B 129 -33.67 24.23 -39.00
CA PHE B 129 -33.03 22.93 -39.16
C PHE B 129 -32.46 22.73 -40.56
N ALA B 130 -31.39 21.95 -40.65
CA ALA B 130 -30.70 21.71 -41.91
C ALA B 130 -30.05 20.34 -41.86
N ALA B 131 -29.81 19.76 -43.03
CA ALA B 131 -28.99 18.57 -43.16
C ALA B 131 -27.69 18.91 -43.90
N MET B 132 -26.56 18.55 -43.31
CA MET B 132 -25.24 18.86 -43.82
C MET B 132 -24.46 17.59 -44.07
N GLU B 133 -23.47 17.68 -44.96
CA GLU B 133 -22.64 16.53 -45.29
C GLU B 133 -21.22 16.72 -44.80
N LEU B 134 -20.66 15.65 -44.23
CA LEU B 134 -19.25 15.54 -43.89
C LEU B 134 -18.69 14.43 -44.76
N ASP B 135 -17.76 14.79 -45.65
CA ASP B 135 -17.23 13.87 -46.67
C ASP B 135 -15.80 13.50 -46.29
N PHE B 136 -15.63 12.35 -45.66
CA PHE B 136 -14.30 11.91 -45.25
C PHE B 136 -13.59 11.12 -46.33
N THR B 137 -14.12 11.08 -47.55
CA THR B 137 -13.33 10.58 -48.67
C THR B 137 -12.34 11.62 -49.19
N LYS B 138 -12.51 12.87 -48.79
CA LYS B 138 -11.52 13.91 -49.01
C LYS B 138 -10.72 14.12 -47.73
N GLU B 139 -9.47 14.56 -47.87
CA GLU B 139 -8.69 15.00 -46.72
C GLU B 139 -8.05 16.33 -47.05
N PRO B 140 -8.25 17.37 -46.23
CA PRO B 140 -9.12 17.33 -45.04
C PRO B 140 -10.59 17.12 -45.42
N PRO B 141 -11.40 16.62 -44.49
CA PRO B 141 -12.79 16.31 -44.83
C PRO B 141 -13.50 17.56 -45.36
N SER B 142 -14.35 17.35 -46.36
CA SER B 142 -15.12 18.39 -46.99
C SER B 142 -16.54 18.43 -46.41
N THR B 143 -17.12 19.63 -46.34
CA THR B 143 -18.45 19.85 -45.79
C THR B 143 -19.28 20.70 -46.74
N ARG B 144 -20.61 20.51 -46.70
CA ARG B 144 -21.50 21.31 -47.53
C ARG B 144 -22.92 21.33 -46.96
N MET B 145 -23.67 22.36 -47.33
CA MET B 145 -25.10 22.40 -47.01
C MET B 145 -25.86 21.52 -48.01
N VAL B 146 -26.58 20.51 -47.50
CA VAL B 146 -27.35 19.64 -48.38
C VAL B 146 -28.78 20.13 -48.54
N ALA B 147 -29.46 20.49 -47.46
CA ALA B 147 -30.81 21.06 -47.56
C ALA B 147 -31.14 21.86 -46.31
N TRP B 148 -31.56 23.10 -46.51
CA TRP B 148 -32.36 23.76 -45.49
C TRP B 148 -33.72 23.10 -45.44
N MET B 149 -34.20 22.77 -44.25
CA MET B 149 -35.50 22.11 -44.08
C MET B 149 -36.36 22.89 -43.10
N PRO B 150 -36.79 24.10 -43.48
CA PRO B 150 -37.50 24.95 -42.51
C PRO B 150 -38.85 24.40 -42.07
N GLU B 151 -39.48 23.51 -42.85
CA GLU B 151 -40.76 22.90 -42.45
C GLU B 151 -40.60 21.81 -41.39
N ALA B 152 -39.40 21.32 -41.15
CA ALA B 152 -39.24 20.28 -40.15
C ALA B 152 -39.29 20.91 -38.76
N GLU B 153 -39.70 20.10 -37.77
CA GLU B 153 -39.68 20.62 -36.40
C GLU B 153 -38.30 20.44 -35.77
N LEU B 154 -37.90 19.22 -35.47
CA LEU B 154 -36.56 18.98 -34.91
C LEU B 154 -36.04 17.68 -35.49
N LEU B 155 -35.06 17.80 -36.39
CA LEU B 155 -34.45 16.62 -36.99
C LEU B 155 -33.62 15.90 -35.94
N GLN B 156 -33.77 14.58 -35.88
CA GLN B 156 -33.26 13.80 -34.76
C GLN B 156 -32.29 12.73 -35.23
N GLY B 157 -32.80 11.60 -35.75
CA GLY B 157 -31.92 10.53 -36.23
C GLY B 157 -31.86 10.46 -37.74
N VAL B 158 -30.78 9.86 -38.26
CA VAL B 158 -30.48 9.77 -39.70
C VAL B 158 -30.17 8.32 -40.05
N ALA B 159 -30.83 7.78 -41.09
CA ALA B 159 -30.62 6.41 -41.54
C ALA B 159 -30.66 6.35 -43.06
N ALA B 160 -29.55 5.95 -43.67
CA ALA B 160 -29.49 5.78 -45.12
C ALA B 160 -30.27 4.54 -45.58
N LEU B 161 -30.81 4.61 -46.79
CA LEU B 161 -31.43 3.45 -47.43
C LEU B 161 -30.35 2.46 -47.84
N PRO B 162 -30.36 1.22 -47.31
CA PRO B 162 -29.24 0.30 -47.57
C PRO B 162 -28.98 0.01 -49.04
N TRP B 163 -30.01 0.04 -49.89
CA TRP B 163 -29.86 -0.23 -51.32
C TRP B 163 -29.68 1.04 -52.16
N ASP B 164 -29.78 2.22 -51.57
CA ASP B 164 -29.69 3.53 -52.27
C ASP B 164 -29.15 4.50 -51.22
N ARG B 165 -27.85 4.39 -50.91
CA ARG B 165 -27.33 5.02 -49.70
C ARG B 165 -27.24 6.55 -49.82
N SER B 166 -27.41 7.11 -51.01
CA SER B 166 -27.51 8.56 -51.14
C SER B 166 -28.86 9.11 -50.68
N ILE B 167 -29.86 8.25 -50.41
CA ILE B 167 -31.13 8.66 -49.83
C ILE B 167 -31.10 8.39 -48.32
N VAL B 168 -31.52 9.36 -47.52
CA VAL B 168 -31.63 9.15 -46.08
C VAL B 168 -33.05 9.45 -45.62
N LEU B 169 -33.50 8.67 -44.65
CA LEU B 169 -34.63 9.02 -43.81
C LEU B 169 -34.12 9.78 -42.59
N ILE B 170 -34.97 10.67 -42.07
CA ILE B 170 -34.62 11.51 -40.92
C ILE B 170 -35.85 11.66 -40.04
N SER B 171 -35.74 11.29 -38.76
CA SER B 171 -36.84 11.46 -37.81
C SER B 171 -36.94 12.91 -37.31
N ASP B 172 -38.09 13.23 -36.72
CA ASP B 172 -38.44 14.64 -36.48
C ASP B 172 -39.54 14.69 -35.43
N GLN B 173 -39.22 15.22 -34.24
CA GLN B 173 -40.24 15.53 -33.25
C GLN B 173 -39.65 16.35 -32.12
N TYR B 174 -40.37 17.40 -31.72
CA TYR B 174 -40.20 18.12 -30.46
C TYR B 174 -41.30 19.18 -30.36
N VAL B 175 -41.11 20.20 -29.51
CA VAL B 175 -42.21 21.12 -29.23
C VAL B 175 -42.58 21.88 -30.50
N LEU B 176 -43.88 22.15 -30.64
CA LEU B 176 -44.39 22.74 -31.87
C LEU B 176 -44.10 24.23 -31.96
N ARG B 177 -43.96 24.92 -30.82
CA ARG B 177 -43.75 26.37 -30.79
C ARG B 177 -42.58 26.65 -29.87
N PRO B 178 -41.37 26.35 -30.32
CA PRO B 178 -40.21 26.57 -29.45
C PRO B 178 -39.96 28.06 -29.30
N ARG B 179 -39.67 28.48 -28.08
CA ARG B 179 -39.50 29.90 -27.77
C ARG B 179 -38.33 30.07 -26.81
N TYR B 180 -37.96 31.34 -26.58
CA TYR B 180 -36.82 31.67 -25.73
C TYR B 180 -36.99 31.11 -24.33
N LYS B 181 -38.20 31.18 -23.76
CA LYS B 181 -38.52 30.43 -22.54
C LYS B 181 -39.76 29.57 -22.82
N GLN B 182 -39.59 28.25 -22.75
CA GLN B 182 -40.62 27.32 -23.19
C GLN B 182 -41.75 27.29 -22.16
N VAL B 183 -42.93 27.74 -22.59
CA VAL B 183 -44.12 27.76 -21.74
C VAL B 183 -45.25 26.94 -22.33
N ASP B 184 -45.41 26.97 -23.65
CA ASP B 184 -46.37 26.15 -24.37
C ASP B 184 -45.69 24.86 -24.82
N TRP B 185 -46.08 23.73 -24.25
CA TRP B 185 -45.44 22.46 -24.55
C TRP B 185 -46.17 21.65 -25.60
N THR B 186 -47.04 22.29 -26.38
CA THR B 186 -47.76 21.58 -27.43
C THR B 186 -46.75 20.83 -28.32
N PRO B 187 -46.81 19.49 -28.37
CA PRO B 187 -45.83 18.75 -29.16
C PRO B 187 -46.18 18.74 -30.63
N SER B 188 -45.14 18.73 -31.47
CA SER B 188 -45.32 18.53 -32.90
CA SER B 188 -45.31 18.52 -32.90
C SER B 188 -45.54 17.04 -33.16
N PRO B 189 -46.15 16.68 -34.30
CA PRO B 189 -46.34 15.24 -34.54
C PRO B 189 -45.02 14.61 -34.97
N GLY B 190 -44.73 13.45 -34.39
CA GLY B 190 -43.50 12.77 -34.77
C GLY B 190 -43.61 12.30 -36.20
N GLN B 191 -42.50 12.37 -36.93
CA GLN B 191 -42.58 12.11 -38.35
C GLN B 191 -41.21 11.74 -38.88
N ILE B 192 -41.19 11.32 -40.13
CA ILE B 192 -39.95 10.91 -40.79
C ILE B 192 -39.92 11.51 -42.19
N TRP B 193 -38.82 12.19 -42.52
CA TRP B 193 -38.54 12.76 -43.82
C TRP B 193 -37.67 11.83 -44.65
N ARG B 194 -37.80 11.94 -45.97
CA ARG B 194 -36.89 11.40 -46.98
C ARG B 194 -36.11 12.54 -47.61
N LEU B 195 -34.78 12.44 -47.63
CA LEU B 195 -33.93 13.46 -48.23
C LEU B 195 -33.03 12.81 -49.28
N ASP B 196 -33.12 13.30 -50.51
CA ASP B 196 -32.20 12.89 -51.57
C ASP B 196 -30.96 13.78 -51.46
N THR B 197 -29.84 13.21 -50.95
CA THR B 197 -28.68 14.06 -50.70
C THR B 197 -27.99 14.49 -51.99
N LYS B 198 -28.35 13.94 -53.15
CA LYS B 198 -27.76 14.40 -54.41
C LYS B 198 -28.44 15.67 -54.93
N THR B 199 -29.72 15.88 -54.62
CA THR B 199 -30.47 17.04 -55.12
C THR B 199 -30.86 18.02 -54.04
N GLY B 200 -30.94 17.58 -52.78
CA GLY B 200 -31.46 18.42 -51.72
C GLY B 200 -32.97 18.36 -51.56
N ASP B 201 -33.68 17.63 -52.42
CA ASP B 201 -35.12 17.48 -52.32
C ASP B 201 -35.51 16.59 -51.15
N TYR B 202 -36.54 17.00 -50.41
CA TYR B 202 -36.98 16.26 -49.23
C TYR B 202 -38.51 16.27 -49.19
N GLU B 203 -39.06 15.28 -48.49
CA GLU B 203 -40.51 15.11 -48.42
C GLU B 203 -40.82 14.18 -47.25
N LEU B 204 -42.02 14.31 -46.72
CA LEU B 204 -42.46 13.42 -45.66
C LEU B 204 -42.72 12.00 -46.19
N VAL B 205 -42.33 11.00 -45.42
CA VAL B 205 -42.76 9.63 -45.70
C VAL B 205 -43.74 9.11 -44.64
N MET B 206 -43.64 9.58 -43.39
CA MET B 206 -44.55 9.16 -42.35
C MET B 206 -44.90 10.32 -41.45
N THR B 207 -46.19 10.55 -41.22
CA THR B 207 -46.61 11.51 -40.22
C THR B 207 -48.01 11.14 -39.75
N ASP B 208 -48.35 11.60 -38.55
CA ASP B 208 -49.61 11.31 -37.86
C ASP B 208 -49.62 9.87 -37.37
N TYR B 209 -48.72 9.59 -36.42
CA TYR B 209 -48.55 8.26 -35.85
C TYR B 209 -48.43 8.43 -34.34
N ALA B 210 -49.42 7.92 -33.60
CA ALA B 210 -49.31 7.80 -32.14
C ALA B 210 -47.97 7.21 -31.74
N GLU B 211 -47.46 6.29 -32.56
CA GLU B 211 -46.23 5.59 -32.22
C GLU B 211 -45.01 6.49 -32.32
N MET B 212 -45.12 7.65 -32.95
CA MET B 212 -44.02 8.60 -33.04
C MET B 212 -44.29 9.84 -32.17
N ASN B 213 -45.37 9.82 -31.42
CA ASN B 213 -45.86 10.98 -30.70
C ASN B 213 -45.41 10.94 -29.25
N THR B 214 -45.41 12.12 -28.62
CA THR B 214 -45.24 12.18 -27.18
C THR B 214 -46.48 12.81 -26.53
N THR B 215 -46.81 12.32 -25.34
CA THR B 215 -47.78 12.96 -24.44
C THR B 215 -47.10 13.39 -23.16
N TYR B 216 -45.77 13.37 -23.11
CA TYR B 216 -45.01 13.68 -21.89
C TYR B 216 -45.35 12.74 -20.74
N ALA B 217 -45.67 11.49 -21.06
CA ALA B 217 -45.72 10.46 -20.03
C ALA B 217 -44.38 10.32 -19.30
N HIS B 218 -43.27 10.61 -19.97
CA HIS B 218 -41.96 10.63 -19.32
C HIS B 218 -41.48 12.05 -19.06
N GLY B 219 -42.39 13.03 -19.03
CA GLY B 219 -42.00 14.40 -18.84
C GLY B 219 -41.53 15.01 -20.14
N PRO B 220 -41.00 16.23 -20.08
CA PRO B 220 -40.57 16.94 -21.30
C PRO B 220 -39.53 16.11 -22.04
N ASP B 221 -39.82 15.83 -23.31
CA ASP B 221 -39.01 14.88 -24.06
C ASP B 221 -39.42 14.90 -25.53
N VAL B 222 -39.10 13.84 -26.25
CA VAL B 222 -39.52 13.67 -27.62
C VAL B 222 -40.33 12.38 -27.74
N GLY B 223 -41.06 12.27 -28.85
CA GLY B 223 -41.64 10.98 -29.19
C GLY B 223 -40.65 10.09 -29.91
N ILE B 224 -40.79 9.97 -31.23
CA ILE B 224 -39.78 9.26 -32.00
C ILE B 224 -38.42 9.89 -31.77
N ASN B 225 -37.42 9.06 -31.52
CA ASN B 225 -36.06 9.53 -31.32
C ASN B 225 -35.20 8.89 -32.41
N GLY B 226 -34.37 7.91 -32.06
CA GLY B 226 -33.51 7.30 -33.05
C GLY B 226 -34.28 6.49 -34.09
N ILE B 227 -33.69 6.41 -35.29
CA ILE B 227 -34.14 5.54 -36.36
C ILE B 227 -32.94 4.81 -36.90
N ARG B 228 -33.12 3.52 -37.23
CA ARG B 228 -32.11 2.70 -37.91
C ARG B 228 -32.81 1.81 -38.92
N ILE B 229 -32.12 1.49 -40.01
CA ILE B 229 -32.68 0.66 -41.07
C ILE B 229 -31.82 -0.58 -41.23
N LEU B 230 -32.45 -1.75 -41.20
CA LEU B 230 -31.81 -3.04 -41.46
C LEU B 230 -32.55 -3.70 -42.60
N GLY B 231 -31.88 -3.89 -43.73
CA GLY B 231 -32.58 -4.42 -44.89
C GLY B 231 -33.65 -3.44 -45.33
N ASN B 232 -34.88 -3.93 -45.47
CA ASN B 232 -36.03 -3.10 -45.82
C ASN B 232 -36.93 -2.78 -44.62
N GLU B 233 -36.46 -3.04 -43.40
CA GLU B 233 -37.21 -2.74 -42.19
C GLU B 233 -36.66 -1.47 -41.56
N LEU B 234 -37.52 -0.47 -41.41
CA LEU B 234 -37.19 0.73 -40.67
C LEU B 234 -37.55 0.50 -39.20
N TYR B 235 -36.58 0.70 -38.30
CA TYR B 235 -36.81 0.63 -36.86
C TYR B 235 -36.75 2.03 -36.24
N TRP B 236 -37.58 2.25 -35.21
CA TRP B 236 -37.43 3.43 -34.38
C TRP B 236 -37.85 3.14 -32.95
N VAL B 237 -37.37 3.99 -32.05
CA VAL B 237 -37.76 3.95 -30.65
C VAL B 237 -38.55 5.21 -30.31
N ASN B 238 -39.45 5.07 -29.34
CA ASN B 238 -40.21 6.21 -28.85
C ASN B 238 -39.80 6.49 -27.41
N GLN B 239 -39.33 7.71 -27.16
CA GLN B 239 -38.76 8.03 -25.84
C GLN B 239 -39.85 8.21 -24.81
N ASP B 240 -41.06 8.54 -25.22
CA ASP B 240 -42.07 8.85 -24.21
C ASP B 240 -42.89 7.64 -23.76
N ASN B 241 -43.05 6.59 -24.58
CA ASN B 241 -43.81 5.41 -24.15
C ASN B 241 -43.00 4.12 -24.06
N GLY B 242 -41.68 4.17 -24.23
CA GLY B 242 -40.89 2.96 -24.12
C GLY B 242 -41.09 1.94 -25.22
N GLY B 243 -41.62 2.36 -26.37
CA GLY B 243 -41.88 1.45 -27.46
C GLY B 243 -40.74 1.40 -28.47
N VAL B 244 -40.47 0.19 -28.95
CA VAL B 244 -39.64 -0.08 -30.12
C VAL B 244 -40.55 -0.53 -31.25
N TYR B 245 -40.38 0.05 -32.42
CA TYR B 245 -41.29 -0.19 -33.54
C TYR B 245 -40.51 -0.44 -34.81
N ARG B 246 -41.21 -0.96 -35.80
CA ARG B 246 -40.61 -1.20 -37.11
C ARG B 246 -41.72 -1.23 -38.15
N VAL B 247 -41.34 -0.95 -39.39
CA VAL B 247 -42.25 -0.98 -40.53
C VAL B 247 -41.43 -1.32 -41.75
N GLU B 248 -42.05 -2.03 -42.70
CA GLU B 248 -41.38 -2.32 -43.96
C GLU B 248 -41.45 -1.12 -44.89
N ILE B 249 -40.35 -0.84 -45.59
CA ILE B 249 -40.31 0.32 -46.46
C ILE B 249 -40.02 -0.10 -47.90
N GLN B 250 -40.58 0.65 -48.85
CA GLN B 250 -40.43 0.40 -50.27
C GLN B 250 -39.08 0.88 -50.77
N LYS B 251 -38.77 0.52 -52.01
CA LYS B 251 -37.53 0.98 -52.62
C LYS B 251 -37.42 2.48 -52.64
N ASN B 252 -38.53 3.21 -52.76
CA ASN B 252 -38.48 4.67 -52.73
C ASN B 252 -38.41 5.22 -51.31
N GLY B 253 -38.40 4.36 -50.30
CA GLY B 253 -38.25 4.78 -48.93
C GLY B 253 -39.53 5.11 -48.20
N HIS B 254 -40.67 5.02 -48.88
CA HIS B 254 -41.94 5.15 -48.19
C HIS B 254 -42.34 3.77 -47.66
N PRO B 255 -43.15 3.73 -46.60
CA PRO B 255 -43.57 2.44 -46.04
C PRO B 255 -44.53 1.70 -46.97
N VAL B 256 -44.52 0.38 -46.84
CA VAL B 256 -45.43 -0.48 -47.60
C VAL B 256 -46.85 -0.36 -47.01
N PRO B 257 -47.89 -0.13 -47.81
CA PRO B 257 -49.23 -0.04 -47.25
C PRO B 257 -49.62 -1.34 -46.58
N PRO B 258 -50.45 -1.29 -45.53
CA PRO B 258 -51.09 -0.09 -44.96
C PRO B 258 -50.23 0.61 -43.90
N ALA B 259 -48.91 0.47 -43.99
CA ALA B 259 -47.95 1.26 -43.22
C ALA B 259 -48.34 1.37 -41.75
N VAL B 260 -48.69 0.23 -41.15
CA VAL B 260 -49.07 0.15 -39.75
C VAL B 260 -47.85 -0.27 -38.95
N PRO B 261 -47.41 0.52 -37.96
CA PRO B 261 -46.20 0.14 -37.22
C PRO B 261 -46.39 -1.16 -36.46
N GLU B 262 -45.35 -2.00 -36.49
CA GLU B 262 -45.31 -3.24 -35.73
C GLU B 262 -44.58 -3.01 -34.41
N VAL B 263 -45.19 -3.42 -33.30
CA VAL B 263 -44.58 -3.28 -31.98
C VAL B 263 -43.52 -4.37 -31.78
N VAL B 264 -42.27 -3.96 -31.62
CA VAL B 264 -41.18 -4.92 -31.41
C VAL B 264 -41.01 -5.26 -29.94
N SER B 265 -41.10 -4.25 -29.08
CA SER B 265 -40.90 -4.44 -27.65
C SER B 265 -41.42 -3.19 -26.96
N VAL B 266 -41.78 -3.34 -25.69
CA VAL B 266 -42.19 -2.20 -24.87
C VAL B 266 -41.57 -2.35 -23.49
N VAL B 267 -40.80 -1.37 -23.07
CA VAL B 267 -40.46 -1.22 -21.66
C VAL B 267 -40.91 0.17 -21.24
N GLU B 268 -42.02 0.22 -20.50
CA GLU B 268 -42.71 1.48 -20.25
C GLU B 268 -41.84 2.47 -19.48
N SER B 269 -40.96 1.98 -18.60
CA SER B 269 -40.15 2.89 -17.81
C SER B 269 -39.06 3.60 -18.62
N GLN B 270 -38.69 3.09 -19.78
CA GLN B 270 -37.44 3.49 -20.42
C GLN B 270 -37.61 4.70 -21.32
N LEU B 271 -36.66 5.61 -21.23
CA LEU B 271 -36.62 6.78 -22.11
C LEU B 271 -35.61 6.48 -23.21
N TRP B 272 -36.07 5.72 -24.21
CA TRP B 272 -35.20 5.31 -25.29
C TRP B 272 -34.65 6.54 -26.01
N ASP B 273 -33.40 6.44 -26.48
CA ASP B 273 -32.79 7.50 -27.27
C ASP B 273 -32.35 6.95 -28.63
N ASP B 274 -31.30 6.11 -28.69
CA ASP B 274 -30.89 5.52 -29.96
C ASP B 274 -30.43 4.07 -29.74
N PHE B 275 -30.07 3.39 -30.83
CA PHE B 275 -29.85 1.95 -30.78
C PHE B 275 -29.00 1.51 -31.97
N ALA B 276 -28.58 0.24 -31.94
CA ALA B 276 -27.81 -0.41 -32.99
C ALA B 276 -28.26 -1.85 -33.16
N PHE B 277 -28.28 -2.34 -34.41
CA PHE B 277 -28.50 -3.76 -34.68
C PHE B 277 -27.22 -4.54 -34.41
N GLY B 278 -27.35 -5.73 -33.83
CA GLY B 278 -26.25 -6.68 -33.86
C GLY B 278 -25.87 -7.31 -32.53
N PRO B 279 -24.56 -7.56 -32.34
CA PRO B 279 -23.47 -7.38 -33.29
C PRO B 279 -23.54 -8.40 -34.43
N GLY B 280 -22.85 -8.15 -35.53
CA GLY B 280 -22.92 -9.05 -36.67
C GLY B 280 -24.37 -9.24 -37.10
N ASP B 281 -24.81 -10.49 -37.14
CA ASP B 281 -26.16 -10.85 -37.56
C ASP B 281 -26.99 -11.43 -36.41
N GLU B 282 -26.59 -11.17 -35.17
CA GLU B 282 -27.40 -11.56 -34.02
C GLU B 282 -28.76 -10.86 -34.04
N ASP B 283 -29.77 -11.57 -33.54
CA ASP B 283 -31.17 -11.15 -33.58
C ASP B 283 -31.51 -10.07 -32.55
N LEU B 284 -30.64 -9.11 -32.31
CA LEU B 284 -30.80 -8.21 -31.17
C LEU B 284 -30.74 -6.76 -31.62
N LEU B 285 -31.35 -5.88 -30.82
CA LEU B 285 -31.07 -4.45 -30.84
C LEU B 285 -30.46 -4.08 -29.50
N TRP B 286 -29.52 -3.14 -29.52
CA TRP B 286 -28.92 -2.62 -28.30
C TRP B 286 -29.35 -1.17 -28.20
N VAL B 287 -30.07 -0.81 -27.14
CA VAL B 287 -30.80 0.46 -27.07
C VAL B 287 -30.35 1.19 -25.81
N THR B 288 -30.13 2.51 -25.93
CA THR B 288 -29.86 3.30 -24.74
C THR B 288 -31.19 3.71 -24.12
N GLY B 289 -31.30 3.53 -22.80
CA GLY B 289 -32.49 3.91 -22.07
C GLY B 289 -32.20 4.97 -21.03
N LEU B 290 -32.87 4.88 -19.89
CA LEU B 290 -32.70 5.84 -18.82
C LEU B 290 -31.52 5.38 -17.96
N ASN B 291 -30.35 6.00 -18.18
CA ASN B 291 -29.12 5.68 -17.45
C ASN B 291 -28.79 4.19 -17.52
N ALA B 292 -29.10 3.55 -18.64
CA ALA B 292 -28.91 2.11 -18.79
C ALA B 292 -28.90 1.80 -20.28
N VAL B 293 -28.45 0.59 -20.59
CA VAL B 293 -28.37 0.06 -21.94
C VAL B 293 -29.02 -1.32 -21.96
N TYR B 294 -29.83 -1.58 -22.98
CA TYR B 294 -30.63 -2.79 -23.05
C TYR B 294 -30.36 -3.54 -24.34
N ALA B 295 -30.22 -4.87 -24.23
CA ALA B 295 -30.29 -5.77 -25.38
C ALA B 295 -31.74 -6.19 -25.55
N VAL B 296 -32.24 -6.14 -26.79
CA VAL B 296 -33.66 -6.34 -27.07
C VAL B 296 -33.80 -7.33 -28.23
N SER B 297 -34.61 -8.36 -28.03
CA SER B 297 -34.84 -9.35 -29.08
C SER B 297 -35.74 -8.78 -30.17
N LYS B 298 -35.28 -8.87 -31.41
CA LYS B 298 -36.09 -8.50 -32.55
C LYS B 298 -37.26 -9.46 -32.75
N LYS B 299 -37.05 -10.74 -32.42
CA LYS B 299 -38.06 -11.76 -32.67
C LYS B 299 -39.26 -11.59 -31.73
N ASN B 300 -39.01 -11.36 -30.44
CA ASN B 300 -40.10 -11.38 -29.47
C ASN B 300 -40.11 -10.21 -28.50
N GLY B 301 -39.08 -9.37 -28.51
CA GLY B 301 -39.10 -8.15 -27.73
C GLY B 301 -38.61 -8.29 -26.31
N THR B 302 -38.24 -9.50 -25.88
CA THR B 302 -37.61 -9.65 -24.57
C THR B 302 -36.46 -8.66 -24.44
N ALA B 303 -36.40 -7.98 -23.30
CA ALA B 303 -35.47 -6.86 -23.11
C ALA B 303 -34.72 -7.05 -21.81
N VAL B 304 -33.41 -7.19 -21.89
CA VAL B 304 -32.53 -7.43 -20.76
C VAL B 304 -31.63 -6.22 -20.58
N VAL B 305 -31.65 -5.63 -19.38
CA VAL B 305 -30.68 -4.59 -19.06
C VAL B 305 -29.30 -5.20 -18.97
N VAL B 306 -28.31 -4.56 -19.59
CA VAL B 306 -26.97 -5.13 -19.62
C VAL B 306 -25.98 -4.30 -18.84
N ASP B 307 -26.29 -3.04 -18.53
CA ASP B 307 -25.31 -2.15 -17.92
C ASP B 307 -26.03 -0.88 -17.47
N GLY B 308 -25.47 -0.22 -16.45
CA GLY B 308 -26.14 0.91 -15.86
C GLY B 308 -27.23 0.52 -14.86
N VAL B 309 -28.17 1.45 -14.68
CA VAL B 309 -29.21 1.30 -13.67
C VAL B 309 -30.02 0.03 -13.94
N GLY B 310 -30.26 -0.74 -12.88
CA GLY B 310 -30.84 -2.06 -13.04
C GLY B 310 -29.83 -3.19 -12.96
N THR B 311 -28.54 -2.87 -12.96
CA THR B 311 -27.46 -3.81 -12.72
C THR B 311 -26.61 -3.29 -11.56
N SER B 312 -25.68 -4.14 -11.11
CA SER B 312 -24.78 -3.76 -10.04
C SER B 312 -23.80 -2.67 -10.48
N ASN B 313 -23.62 -2.50 -11.78
CA ASN B 313 -22.77 -1.43 -12.32
C ASN B 313 -23.66 -0.26 -12.73
N ASN B 314 -24.29 0.36 -11.73
CA ASN B 314 -25.42 1.26 -11.97
C ASN B 314 -25.03 2.73 -12.16
N MET B 315 -23.76 3.08 -12.00
CA MET B 315 -23.31 4.46 -12.07
C MET B 315 -22.52 4.80 -13.33
N SER B 316 -22.15 3.80 -14.13
CA SER B 316 -21.23 4.01 -15.24
C SER B 316 -21.90 4.52 -16.52
N PHE B 317 -23.22 4.65 -16.57
CA PHE B 317 -23.91 5.11 -17.78
C PHE B 317 -24.88 6.24 -17.47
N PRO B 318 -24.35 7.42 -17.10
CA PRO B 318 -25.23 8.58 -16.83
C PRO B 318 -25.60 9.30 -18.12
N GLY B 319 -26.86 9.16 -18.52
CA GLY B 319 -27.38 9.83 -19.69
C GLY B 319 -26.81 9.36 -21.02
N PRO B 320 -26.91 8.06 -21.30
CA PRO B 320 -26.49 7.58 -22.62
C PRO B 320 -27.40 8.11 -23.71
N THR B 321 -26.84 8.32 -24.89
CA THR B 321 -27.55 8.94 -25.99
C THR B 321 -27.62 8.09 -27.24
N SER B 322 -26.60 7.28 -27.53
CA SER B 322 -26.58 6.48 -28.75
C SER B 322 -25.56 5.37 -28.61
N CYS B 323 -25.53 4.49 -29.60
CA CYS B 323 -24.58 3.38 -29.58
C CYS B 323 -24.51 2.77 -30.97
N GLN B 324 -23.32 2.27 -31.33
CA GLN B 324 -23.03 1.66 -32.61
C GLN B 324 -21.89 0.68 -32.39
N PHE B 325 -21.88 -0.41 -33.17
CA PHE B 325 -20.88 -1.45 -33.01
C PHE B 325 -19.61 -1.11 -33.77
N GLY B 326 -18.48 -1.59 -33.24
CA GLY B 326 -17.23 -1.49 -33.94
C GLY B 326 -17.27 -2.18 -35.29
N ARG B 327 -16.30 -1.84 -36.13
CA ARG B 327 -16.27 -2.38 -37.49
C ARG B 327 -14.95 -3.07 -37.84
N THR B 328 -14.11 -3.38 -36.87
CA THR B 328 -12.85 -4.03 -37.17
C THR B 328 -12.78 -5.39 -36.49
N LYS B 329 -11.72 -6.13 -36.80
CA LYS B 329 -11.49 -7.39 -36.10
C LYS B 329 -11.24 -7.18 -34.61
N HIS B 330 -10.87 -5.97 -34.19
CA HIS B 330 -10.57 -5.72 -32.79
C HIS B 330 -11.82 -5.54 -31.93
N ASP B 331 -12.97 -5.25 -32.56
CA ASP B 331 -14.08 -4.71 -31.76
C ASP B 331 -15.45 -4.88 -32.41
N SER B 332 -15.63 -5.81 -33.35
CA SER B 332 -16.94 -6.02 -33.97
C SER B 332 -18.01 -6.42 -32.97
N ASN B 333 -17.64 -6.93 -31.81
CA ASN B 333 -18.60 -7.28 -30.75
C ASN B 333 -18.65 -6.23 -29.66
N VAL B 334 -18.03 -5.06 -29.87
CA VAL B 334 -17.95 -4.02 -28.86
C VAL B 334 -18.94 -2.91 -29.23
N LEU B 335 -19.78 -2.52 -28.26
CA LEU B 335 -20.78 -1.47 -28.44
C LEU B 335 -20.23 -0.14 -27.90
N TYR B 336 -19.97 0.80 -28.80
CA TYR B 336 -19.54 2.12 -28.35
C TYR B 336 -20.78 2.95 -28.01
N VAL B 337 -20.83 3.46 -26.79
CA VAL B 337 -21.97 4.21 -26.29
C VAL B 337 -21.55 5.65 -26.07
N THR B 338 -22.29 6.58 -26.68
CA THR B 338 -22.17 7.99 -26.31
C THR B 338 -23.16 8.33 -25.21
N GLY B 339 -22.84 9.39 -24.46
CA GLY B 339 -23.70 9.90 -23.41
C GLY B 339 -23.37 11.35 -23.13
N ASN B 340 -24.26 12.03 -22.39
CA ASN B 340 -24.11 13.47 -22.20
C ASN B 340 -24.13 13.97 -20.76
N LEU B 341 -24.24 13.09 -19.76
CA LEU B 341 -24.36 13.54 -18.38
C LEU B 341 -23.12 13.22 -17.54
N TYR B 342 -22.78 14.13 -16.64
CA TYR B 342 -21.61 13.94 -15.77
C TYR B 342 -21.80 12.75 -14.83
N SER B 343 -22.98 12.65 -14.22
CA SER B 343 -23.31 11.52 -13.34
C SER B 343 -24.83 11.36 -13.32
N VAL B 344 -25.28 10.22 -12.79
CA VAL B 344 -26.69 9.88 -12.68
C VAL B 344 -27.40 10.90 -11.81
N PRO B 345 -28.40 11.62 -12.31
CA PRO B 345 -29.07 12.64 -11.49
C PRO B 345 -30.15 12.04 -10.60
N ASP B 346 -30.56 12.86 -9.61
CA ASP B 346 -31.71 12.55 -8.78
C ASP B 346 -33.02 12.82 -9.50
N SER B 347 -33.05 13.85 -10.35
CA SER B 347 -34.25 14.24 -11.08
C SER B 347 -33.86 14.62 -12.50
N LEU B 348 -34.72 14.26 -13.47
CA LEU B 348 -34.45 14.55 -14.87
C LEU B 348 -34.48 16.04 -15.19
N LEU B 349 -34.64 16.89 -14.19
CA LEU B 349 -34.72 18.33 -14.38
C LEU B 349 -33.57 19.11 -13.74
N ASP B 350 -32.67 18.45 -13.00
CA ASP B 350 -31.43 19.07 -12.54
C ASP B 350 -30.23 18.26 -13.01
N VAL B 351 -30.09 18.09 -14.32
CA VAL B 351 -28.99 17.32 -14.87
C VAL B 351 -27.73 18.18 -14.97
N LYS B 352 -26.58 17.53 -15.14
CA LYS B 352 -25.30 18.23 -15.33
C LYS B 352 -24.62 17.69 -16.58
N ILE B 353 -24.48 18.53 -17.60
CA ILE B 353 -23.97 18.08 -18.89
C ILE B 353 -22.47 17.85 -18.81
N GLY B 354 -22.03 16.68 -19.26
CA GLY B 354 -20.62 16.33 -19.32
C GLY B 354 -20.46 15.02 -20.03
N GLY B 355 -20.25 15.08 -21.34
CA GLY B 355 -20.40 13.92 -22.20
C GLY B 355 -19.17 13.03 -22.27
N TRP B 356 -19.37 11.85 -22.86
CA TRP B 356 -18.39 10.79 -22.79
C TRP B 356 -18.68 9.78 -23.91
N VAL B 357 -17.74 8.86 -24.11
CA VAL B 357 -18.00 7.68 -24.93
C VAL B 357 -17.40 6.48 -24.23
N ARG B 358 -18.19 5.42 -24.14
CA ARG B 358 -17.79 4.18 -23.48
C ARG B 358 -17.92 3.02 -24.45
N ALA B 359 -17.39 1.86 -24.04
CA ALA B 359 -17.40 0.65 -24.85
C ALA B 359 -17.86 -0.51 -23.99
N ILE B 360 -18.87 -1.23 -24.46
CA ILE B 360 -19.39 -2.44 -23.83
C ILE B 360 -18.97 -3.62 -24.67
N ASP B 361 -18.28 -4.59 -24.07
CA ASP B 361 -17.96 -5.82 -24.77
C ASP B 361 -19.14 -6.77 -24.65
N THR B 362 -19.80 -7.06 -25.77
CA THR B 362 -20.94 -7.95 -25.75
C THR B 362 -20.57 -9.40 -26.01
N THR B 363 -19.27 -9.73 -26.11
CA THR B 363 -18.86 -11.08 -26.48
C THR B 363 -19.47 -12.10 -25.52
N GLY B 364 -20.12 -13.10 -26.08
CA GLY B 364 -20.72 -14.17 -25.31
C GLY B 364 -22.09 -13.88 -24.73
N PHE B 365 -22.66 -12.70 -24.97
CA PHE B 365 -23.94 -12.38 -24.36
C PHE B 365 -25.06 -13.26 -24.91
N HIS B 366 -25.99 -13.62 -24.02
CA HIS B 366 -27.19 -14.34 -24.43
C HIS B 366 -28.34 -13.87 -23.58
N LEU B 367 -29.55 -13.98 -24.13
CA LEU B 367 -30.74 -13.72 -23.33
C LEU B 367 -31.03 -14.94 -22.46
N THR C 30 26.23 53.09 -7.68
CA THR C 30 26.70 52.41 -6.47
C THR C 30 25.71 52.67 -5.35
N GLY C 31 25.26 51.60 -4.71
CA GLY C 31 24.18 51.69 -3.76
C GLY C 31 22.81 51.85 -4.40
N SER C 32 22.73 51.81 -5.72
CA SER C 32 21.48 51.95 -6.45
C SER C 32 20.58 50.73 -6.24
N VAL C 33 19.28 50.97 -6.22
CA VAL C 33 18.33 49.87 -6.27
C VAL C 33 18.06 49.56 -7.74
N PRO C 34 18.06 48.29 -8.16
CA PRO C 34 18.20 47.10 -7.29
C PRO C 34 19.64 46.79 -6.88
N LEU C 35 19.83 46.54 -5.59
CA LEU C 35 21.15 46.26 -5.05
C LEU C 35 21.73 44.99 -5.70
N PRO C 36 23.06 44.86 -5.76
CA PRO C 36 23.65 43.62 -6.31
C PRO C 36 23.25 42.41 -5.49
N GLU C 37 22.85 41.35 -6.19
CA GLU C 37 22.50 40.09 -5.53
C GLU C 37 23.12 38.94 -6.29
N ARG C 38 23.35 37.83 -5.57
CA ARG C 38 23.82 36.60 -6.18
C ARG C 38 23.29 35.41 -5.38
N LEU C 39 23.16 34.28 -6.07
CA LEU C 39 22.77 33.01 -5.45
C LEU C 39 23.98 32.26 -4.94
N LEU C 40 23.95 31.89 -3.66
CA LEU C 40 25.01 31.08 -3.07
C LEU C 40 24.80 29.59 -3.32
N HIS C 41 23.57 29.11 -3.19
CA HIS C 41 23.29 27.69 -3.32
C HIS C 41 21.79 27.52 -3.44
N HIS C 42 21.35 26.61 -4.30
CA HIS C 42 19.95 26.28 -4.45
C HIS C 42 19.75 24.83 -4.02
N TRP C 43 18.67 24.58 -3.30
CA TRP C 43 18.37 23.23 -2.82
C TRP C 43 17.34 22.58 -3.72
N PRO C 44 17.17 21.26 -3.64
CA PRO C 44 16.20 20.58 -4.50
C PRO C 44 14.77 20.99 -4.16
N ASN C 45 13.88 20.70 -5.10
CA ASN C 45 12.47 20.96 -4.88
C ASN C 45 11.97 20.20 -3.66
N GLY C 46 11.09 20.84 -2.89
CA GLY C 46 10.64 20.27 -1.65
C GLY C 46 11.43 20.69 -0.44
N THR C 47 12.57 21.35 -0.64
CA THR C 47 13.39 21.79 0.48
C THR C 47 13.03 23.24 0.82
N TRP C 48 12.57 23.44 2.05
CA TRP C 48 12.05 24.72 2.53
C TRP C 48 13.07 25.29 3.50
N VAL C 49 13.79 26.32 3.06
CA VAL C 49 14.79 26.95 3.92
C VAL C 49 14.12 28.13 4.60
N GLU C 50 14.14 28.13 5.93
CA GLU C 50 13.22 28.92 6.75
C GLU C 50 13.89 30.04 7.54
N ASN C 51 15.13 29.86 7.99
CA ASN C 51 15.77 30.90 8.78
C ASN C 51 17.28 30.72 8.75
N ILE C 52 17.98 31.67 9.40
CA ILE C 52 19.42 31.82 9.22
C ILE C 52 20.04 32.39 10.49
N ALA C 53 21.20 31.85 10.86
CA ALA C 53 22.06 32.45 11.87
C ALA C 53 23.47 32.49 11.29
N VAL C 54 24.19 33.59 11.47
CA VAL C 54 25.56 33.68 11.00
C VAL C 54 26.46 33.45 12.19
N ARG C 55 27.42 32.51 12.06
CA ARG C 55 28.34 32.13 13.14
C ARG C 55 29.39 33.22 13.39
N PRO C 56 30.04 33.20 14.55
CA PRO C 56 31.13 34.17 14.80
C PRO C 56 32.24 34.14 13.77
N ASN C 57 32.53 32.98 13.19
CA ASN C 57 33.52 32.88 12.11
C ASN C 57 32.95 33.22 10.75
N GLY C 58 31.67 33.53 10.64
CA GLY C 58 31.11 34.02 9.41
C GLY C 58 30.36 33.01 8.57
N ASN C 59 30.49 31.71 8.86
CA ASN C 59 29.72 30.72 8.11
C ASN C 59 28.23 30.85 8.45
N LEU C 60 27.41 30.39 7.51
CA LEU C 60 25.95 30.43 7.69
C LEU C 60 25.44 29.11 8.25
N LEU C 61 24.43 29.20 9.11
CA LEU C 61 23.67 28.05 9.62
C LEU C 61 22.21 28.29 9.25
N LEU C 62 21.70 27.46 8.36
CA LEU C 62 20.34 27.59 7.82
C LEU C 62 19.46 26.49 8.41
N THR C 63 18.23 26.85 8.80
CA THR C 63 17.24 25.86 9.23
C THR C 63 16.37 25.46 8.04
N THR C 64 15.96 24.19 7.99
CA THR C 64 14.97 23.77 7.01
C THR C 64 13.75 23.22 7.73
N SER C 65 12.58 23.48 7.15
CA SER C 65 11.30 22.96 7.62
C SER C 65 10.95 21.63 6.94
N THR C 66 11.20 21.54 5.65
CA THR C 66 10.96 20.35 4.85
C THR C 66 12.16 20.17 3.93
N PRO C 67 12.41 18.93 3.48
CA PRO C 67 11.73 17.66 3.74
C PRO C 67 11.90 17.18 5.18
N ASN C 68 12.91 17.71 5.85
CA ASN C 68 13.29 17.32 7.19
C ASN C 68 13.53 18.56 8.04
N GLY C 69 13.60 18.37 9.36
CA GLY C 69 14.06 19.43 10.23
C GLY C 69 15.57 19.42 10.39
N THR C 70 16.29 20.31 9.69
CA THR C 70 17.74 20.21 9.68
C THR C 70 18.36 21.59 9.80
N VAL C 71 19.64 21.61 10.16
CA VAL C 71 20.49 22.78 10.01
C VAL C 71 21.55 22.47 8.96
N TRP C 72 21.67 23.36 7.97
CA TRP C 72 22.71 23.31 6.96
C TRP C 72 23.77 24.36 7.25
N HIS C 73 25.01 24.02 6.91
CA HIS C 73 26.20 24.83 7.21
C HIS C 73 26.80 25.32 5.91
N VAL C 74 26.79 26.64 5.67
CA VAL C 74 27.38 27.22 4.46
C VAL C 74 28.76 27.78 4.85
N LYS C 75 29.81 27.24 4.24
CA LYS C 75 31.17 27.61 4.60
C LYS C 75 31.69 28.74 3.71
N LYS C 76 32.30 29.75 4.32
CA LYS C 76 32.83 30.91 3.60
C LYS C 76 31.80 31.46 2.59
N PRO C 77 30.63 31.90 3.06
CA PRO C 77 29.59 32.33 2.12
C PRO C 77 30.01 33.50 1.23
N TRP C 78 31.07 34.22 1.58
CA TRP C 78 31.51 35.31 0.73
C TRP C 78 32.11 34.84 -0.59
N THR C 79 32.50 33.57 -0.71
CA THR C 79 33.06 33.08 -1.96
C THR C 79 31.95 32.75 -2.97
N ASP C 80 32.34 32.54 -4.22
CA ASP C 80 31.36 32.57 -5.32
C ASP C 80 30.32 31.48 -5.18
N THR C 81 30.75 30.22 -5.15
CA THR C 81 29.83 29.09 -5.06
C THR C 81 30.26 28.26 -3.86
N PRO C 82 29.88 28.67 -2.65
CA PRO C 82 30.49 28.08 -1.45
C PRO C 82 29.96 26.68 -1.23
N GLU C 83 30.74 25.92 -0.46
CA GLU C 83 30.38 24.56 -0.12
C GLU C 83 29.38 24.56 1.03
N VAL C 84 28.45 23.60 0.99
CA VAL C 84 27.40 23.49 1.99
C VAL C 84 27.29 22.03 2.40
N GLU C 85 26.85 21.81 3.63
CA GLU C 85 26.75 20.46 4.15
C GLU C 85 25.73 20.41 5.27
N LEU C 86 25.10 19.24 5.40
CA LEU C 86 24.17 18.99 6.49
C LEU C 86 24.92 19.00 7.81
N ALA C 87 24.55 19.92 8.71
CA ALA C 87 25.17 19.92 10.04
C ALA C 87 24.52 18.91 10.99
N TYR C 88 23.18 18.89 11.05
CA TYR C 88 22.46 18.01 11.95
C TYR C 88 21.01 17.87 11.47
N ASN C 89 20.52 16.64 11.50
CA ASN C 89 19.10 16.35 11.30
C ASN C 89 18.48 16.10 12.67
N PHE C 90 17.41 16.83 12.97
CA PHE C 90 16.83 16.86 14.30
C PHE C 90 15.62 15.95 14.44
N ASP C 91 15.41 15.04 13.47
CA ASP C 91 14.38 14.00 13.45
C ASP C 91 14.14 13.32 14.80
N GLU C 92 15.19 13.17 15.61
CA GLU C 92 15.00 12.54 16.91
C GLU C 92 13.87 13.21 17.69
N TRP C 93 13.72 14.53 17.51
CA TRP C 93 12.76 15.29 18.30
C TRP C 93 11.66 15.97 17.49
N VAL C 94 11.85 16.25 16.20
CA VAL C 94 10.96 17.11 15.43
C VAL C 94 10.94 16.65 13.98
N ASP C 95 9.80 16.85 13.30
CA ASP C 95 9.75 16.71 11.86
C ASP C 95 10.24 17.95 11.13
N ARG C 96 10.21 19.10 11.80
CA ARG C 96 10.48 20.39 11.14
C ARG C 96 11.21 21.32 12.10
N LEU C 97 12.04 22.21 11.53
CA LEU C 97 12.61 23.32 12.26
C LEU C 97 12.09 24.62 11.67
N ILE C 98 11.94 25.62 12.53
CA ILE C 98 11.45 26.92 12.09
C ILE C 98 12.57 27.94 12.36
N GLY C 99 12.52 28.66 13.48
CA GLY C 99 13.54 29.66 13.76
C GLY C 99 14.83 29.13 14.39
N ILE C 100 15.81 30.02 14.40
CA ILE C 100 17.12 29.78 14.98
C ILE C 100 17.65 31.08 15.58
N GLY C 101 18.21 30.99 16.79
CA GLY C 101 18.88 32.14 17.35
C GLY C 101 20.12 31.81 18.16
N GLU C 102 21.21 32.55 17.97
CA GLU C 102 22.44 32.29 18.69
C GLU C 102 22.29 32.72 20.14
N THR C 103 22.74 31.87 21.07
CA THR C 103 22.72 32.17 22.50
C THR C 103 24.08 32.70 22.92
N THR C 104 24.81 31.93 23.75
CA THR C 104 26.21 32.27 23.99
C THR C 104 26.99 32.02 22.69
N PRO C 105 28.26 32.49 22.58
CA PRO C 105 28.95 32.41 21.29
C PRO C 105 29.00 31.03 20.66
N ASP C 106 28.41 30.95 19.47
CA ASP C 106 28.45 29.76 18.63
C ASP C 106 27.64 28.59 19.22
N LYS C 107 26.72 28.85 20.15
CA LYS C 107 25.62 27.96 20.47
C LYS C 107 24.32 28.56 19.94
N TYR C 108 23.36 27.71 19.58
CA TYR C 108 22.16 28.14 18.88
C TYR C 108 20.96 27.37 19.38
N ILE C 109 19.85 28.09 19.56
CA ILE C 109 18.56 27.48 19.84
C ILE C 109 17.79 27.42 18.53
N VAL C 110 17.26 26.24 18.21
CA VAL C 110 16.35 26.03 17.09
C VAL C 110 15.03 25.53 17.66
N VAL C 111 13.92 25.89 17.00
CA VAL C 111 12.60 25.48 17.46
C VAL C 111 11.91 24.71 16.35
N GLY C 112 11.11 23.72 16.74
CA GLY C 112 10.44 22.93 15.74
C GLY C 112 9.43 21.97 16.38
N SER C 113 8.81 21.17 15.54
CA SER C 113 7.74 20.30 16.04
C SER C 113 7.49 19.17 15.05
N ARG C 114 6.55 18.27 15.41
CA ARG C 114 6.03 17.34 14.41
C ARG C 114 4.99 18.04 13.56
N PHE C 115 4.86 17.61 12.31
CA PHE C 115 3.89 18.17 11.38
C PHE C 115 3.09 17.05 10.73
N TYR C 116 1.85 17.36 10.32
CA TYR C 116 1.00 16.30 9.78
C TYR C 116 1.55 15.73 8.48
N SER C 117 2.13 16.58 7.64
CA SER C 117 2.85 16.08 6.48
C SER C 117 3.91 17.09 6.08
N PRO C 118 4.85 16.71 5.20
CA PRO C 118 5.78 17.70 4.63
C PRO C 118 5.17 18.56 3.54
N ASP C 119 3.88 18.42 3.24
CA ASP C 119 3.23 19.33 2.31
C ASP C 119 3.42 20.77 2.75
N ALA C 120 3.50 21.66 1.77
CA ALA C 120 3.77 23.07 2.06
C ALA C 120 2.69 23.67 2.94
N TYR C 121 1.44 23.17 2.85
CA TYR C 121 0.31 23.72 3.58
C TYR C 121 -0.07 22.92 4.83
N SER C 122 0.74 21.95 5.24
CA SER C 122 0.36 21.11 6.37
C SER C 122 0.41 21.90 7.66
N SER C 123 -0.51 21.60 8.56
CA SER C 123 -0.45 22.17 9.90
C SER C 123 0.57 21.41 10.75
N HIS C 124 0.99 22.03 11.85
CA HIS C 124 1.78 21.33 12.86
C HIS C 124 0.87 20.36 13.64
N VAL C 125 1.49 19.52 14.45
CA VAL C 125 0.75 18.62 15.35
C VAL C 125 0.78 19.23 16.74
N ASP C 126 -0.40 19.49 17.29
CA ASP C 126 -0.50 20.27 18.51
C ASP C 126 0.28 19.63 19.64
N ARG C 127 0.94 20.47 20.44
CA ARG C 127 1.66 20.09 21.66
C ARG C 127 2.99 19.39 21.41
N THR C 128 3.48 19.36 20.17
CA THR C 128 4.79 18.77 19.91
C THR C 128 5.93 19.78 19.74
N PHE C 129 5.71 21.07 20.05
CA PHE C 129 6.80 22.03 19.79
C PHE C 129 7.87 21.93 20.87
N ALA C 130 9.10 22.30 20.50
CA ALA C 130 10.22 22.18 21.41
C ALA C 130 11.35 23.12 20.96
N ALA C 131 12.21 23.46 21.92
CA ALA C 131 13.44 24.20 21.69
C ALA C 131 14.63 23.31 21.99
N MET C 132 15.54 23.20 21.03
CA MET C 132 16.73 22.37 21.10
C MET C 132 17.97 23.24 20.92
N GLU C 133 19.12 22.70 21.27
CA GLU C 133 20.35 23.46 21.20
C GLU C 133 21.35 22.76 20.29
N LEU C 134 21.97 23.53 19.42
CA LEU C 134 23.06 23.04 18.57
C LEU C 134 24.34 23.74 19.03
N ASP C 135 25.25 22.98 19.62
CA ASP C 135 26.48 23.51 20.20
C ASP C 135 27.61 23.36 19.19
N PHE C 136 28.01 24.46 18.55
CA PHE C 136 29.10 24.44 17.58
C PHE C 136 30.46 24.75 18.20
N THR C 137 30.54 24.90 19.53
CA THR C 137 31.85 25.01 20.17
C THR C 137 32.57 23.67 20.17
N LYS C 138 31.82 22.58 20.17
CA LYS C 138 32.38 21.24 20.12
C LYS C 138 32.64 20.82 18.68
N GLU C 139 33.40 19.74 18.52
CA GLU C 139 33.60 19.13 17.21
C GLU C 139 33.55 17.63 17.37
N PRO C 140 32.59 16.94 16.73
CA PRO C 140 31.52 17.51 15.90
C PRO C 140 30.48 18.27 16.75
N PRO C 141 29.64 19.10 16.12
CA PRO C 141 28.66 19.86 16.91
C PRO C 141 27.76 18.93 17.71
N SER C 142 27.45 19.35 18.94
CA SER C 142 26.57 18.62 19.85
C SER C 142 25.15 19.20 19.80
N THR C 143 24.19 18.36 20.18
CA THR C 143 22.80 18.78 20.27
C THR C 143 22.18 18.24 21.55
N ARG C 144 21.20 18.97 22.08
CA ARG C 144 20.43 18.49 23.21
C ARG C 144 19.04 19.11 23.18
N MET C 145 18.11 18.44 23.86
CA MET C 145 16.79 18.99 24.09
C MET C 145 16.84 19.97 25.26
N VAL C 146 16.39 21.21 25.04
CA VAL C 146 16.35 22.21 26.09
C VAL C 146 14.99 22.27 26.79
N ALA C 147 13.90 22.28 26.03
CA ALA C 147 12.57 22.27 26.65
C ALA C 147 11.55 21.79 25.64
N TRP C 148 10.78 20.76 26.01
CA TRP C 148 9.51 20.51 25.37
C TRP C 148 8.57 21.63 25.77
N MET C 149 7.82 22.17 24.83
CA MET C 149 6.92 23.28 25.15
C MET C 149 5.53 23.00 24.59
N PRO C 150 4.81 22.06 25.21
CA PRO C 150 3.50 21.67 24.67
C PRO C 150 2.42 22.72 24.79
N GLU C 151 2.53 23.68 25.72
CA GLU C 151 1.57 24.76 25.84
C GLU C 151 1.70 25.80 24.72
N ALA C 152 2.83 25.84 24.04
CA ALA C 152 3.02 26.75 22.91
C ALA C 152 2.16 26.28 21.73
N GLU C 153 1.74 27.24 20.88
CA GLU C 153 1.01 26.87 19.67
C GLU C 153 1.97 26.55 18.51
N LEU C 154 2.69 27.56 18.02
CA LEU C 154 3.69 27.33 16.98
C LEU C 154 4.85 28.30 17.18
N LEU C 155 5.98 27.77 17.64
CA LEU C 155 7.17 28.58 17.86
C LEU C 155 7.81 28.98 16.53
N GLN C 156 8.30 30.22 16.47
CA GLN C 156 8.59 30.85 15.19
C GLN C 156 10.00 31.45 15.18
N GLY C 157 10.20 32.59 15.81
CA GLY C 157 11.48 33.28 15.80
C GLY C 157 12.14 33.24 17.17
N VAL C 158 13.47 33.19 17.17
CA VAL C 158 14.27 33.08 18.38
C VAL C 158 15.22 34.27 18.45
N ALA C 159 15.30 34.91 19.62
CA ALA C 159 16.20 36.03 19.85
C ALA C 159 16.67 36.01 21.29
N ALA C 160 17.99 35.88 21.47
CA ALA C 160 18.57 35.87 22.80
C ALA C 160 18.61 37.28 23.39
N LEU C 161 18.59 37.35 24.72
CA LEU C 161 18.76 38.63 25.38
C LEU C 161 20.22 39.04 25.27
N PRO C 162 20.53 40.26 24.81
CA PRO C 162 21.94 40.62 24.59
C PRO C 162 22.76 40.69 25.87
N TRP C 163 22.15 41.06 27.00
CA TRP C 163 22.85 41.11 28.27
C TRP C 163 22.85 39.77 29.01
N ASP C 164 22.10 38.78 28.54
CA ASP C 164 21.96 37.50 29.23
C ASP C 164 21.61 36.47 28.18
N ARG C 165 22.59 36.09 27.35
CA ARG C 165 22.32 35.37 26.12
C ARG C 165 21.85 33.93 26.36
N SER C 166 21.93 33.44 27.58
CA SER C 166 21.38 32.12 27.89
C SER C 166 19.85 32.15 28.05
N ILE C 167 19.25 33.35 28.06
CA ILE C 167 17.79 33.51 28.03
C ILE C 167 17.39 33.90 26.62
N VAL C 168 16.38 33.23 26.06
CA VAL C 168 15.87 33.58 24.74
C VAL C 168 14.38 33.87 24.81
N LEU C 169 13.94 34.83 23.98
CA LEU C 169 12.54 35.07 23.68
C LEU C 169 12.20 34.31 22.40
N ILE C 170 10.96 33.82 22.34
CA ILE C 170 10.50 32.98 21.23
C ILE C 170 9.08 33.39 20.90
N SER C 171 8.85 33.81 19.66
CA SER C 171 7.53 34.18 19.15
C SER C 171 6.71 32.94 18.82
N ASP C 172 5.40 33.15 18.72
CA ASP C 172 4.48 32.01 18.75
C ASP C 172 3.13 32.44 18.19
N GLN C 173 2.75 31.93 17.00
CA GLN C 173 1.40 32.12 16.51
C GLN C 173 1.17 31.21 15.33
N TYR C 174 0.00 30.55 15.30
CA TYR C 174 -0.59 29.91 14.11
C TYR C 174 -1.97 29.37 14.49
N VAL C 175 -2.57 28.46 13.70
CA VAL C 175 -3.91 28.00 13.99
C VAL C 175 -4.00 27.41 15.41
N LEU C 176 -5.15 27.66 16.07
CA LEU C 176 -5.37 27.23 17.45
C LEU C 176 -5.66 25.73 17.56
N ARG C 177 -6.20 25.13 16.51
CA ARG C 177 -6.60 23.72 16.52
C ARG C 177 -6.07 23.05 15.27
N PRO C 178 -4.77 22.82 15.19
CA PRO C 178 -4.20 22.17 14.00
C PRO C 178 -4.64 20.72 13.89
N ARG C 179 -4.89 20.28 12.66
CA ARG C 179 -5.49 18.99 12.39
C ARG C 179 -4.98 18.46 11.05
N TYR C 180 -5.27 17.19 10.80
CA TYR C 180 -4.81 16.50 9.59
C TYR C 180 -5.29 17.20 8.32
N LYS C 181 -6.50 17.73 8.36
CA LYS C 181 -7.06 18.52 7.26
C LYS C 181 -7.61 19.78 7.90
N GLN C 182 -6.94 20.91 7.67
CA GLN C 182 -7.30 22.14 8.36
C GLN C 182 -8.62 22.69 7.83
N VAL C 183 -9.60 22.84 8.72
CA VAL C 183 -10.92 23.34 8.34
C VAL C 183 -11.29 24.48 9.27
N ASP C 184 -11.05 24.33 10.56
CA ASP C 184 -11.25 25.42 11.52
C ASP C 184 -10.00 26.29 11.52
N TRP C 185 -10.07 27.48 10.93
CA TRP C 185 -8.87 28.31 10.84
C TRP C 185 -8.72 29.27 12.00
N THR C 186 -9.49 29.09 13.08
CA THR C 186 -9.41 29.89 14.30
C THR C 186 -7.94 30.08 14.68
N PRO C 187 -7.46 31.32 14.68
CA PRO C 187 -6.04 31.57 14.96
C PRO C 187 -5.75 31.61 16.44
N SER C 188 -4.55 31.13 16.79
CA SER C 188 -4.04 31.29 18.15
C SER C 188 -3.61 32.73 18.35
N PRO C 189 -3.61 33.23 19.59
CA PRO C 189 -3.10 34.59 19.84
C PRO C 189 -1.59 34.63 19.66
N GLY C 190 -1.11 35.65 18.95
CA GLY C 190 0.33 35.84 18.82
C GLY C 190 0.91 36.23 20.17
N GLN C 191 2.07 35.68 20.48
CA GLN C 191 2.62 35.85 21.82
C GLN C 191 4.12 35.56 21.79
N ILE C 192 4.77 35.84 22.91
CA ILE C 192 6.22 35.66 23.04
C ILE C 192 6.53 34.98 24.37
N TRP C 193 7.34 33.92 24.29
CA TRP C 193 7.80 33.15 25.42
C TRP C 193 9.20 33.60 25.81
N ARG C 194 9.50 33.50 27.11
CA ARG C 194 10.85 33.60 27.66
C ARG C 194 11.27 32.19 28.07
N LEU C 195 12.37 31.69 27.49
CA LEU C 195 12.92 30.38 27.82
C LEU C 195 14.33 30.54 28.42
N ASP C 196 14.53 30.00 29.62
CA ASP C 196 15.85 29.90 30.25
C ASP C 196 16.49 28.61 29.76
N THR C 197 17.43 28.73 28.83
CA THR C 197 18.07 27.56 28.26
C THR C 197 18.91 26.76 29.26
N LYS C 198 19.19 27.30 30.45
CA LYS C 198 19.93 26.54 31.45
C LYS C 198 19.04 25.65 32.29
N THR C 199 17.79 26.05 32.52
CA THR C 199 16.86 25.29 33.35
C THR C 199 15.78 24.58 32.56
N GLY C 200 15.54 25.02 31.32
CA GLY C 200 14.42 24.52 30.54
C GLY C 200 13.08 25.07 30.97
N ASP C 201 13.05 26.05 31.87
CA ASP C 201 11.80 26.66 32.27
C ASP C 201 11.40 27.76 31.29
N TYR C 202 10.08 27.97 31.14
CA TYR C 202 9.58 28.95 30.18
C TYR C 202 8.23 29.47 30.68
N GLU C 203 7.92 30.72 30.29
CA GLU C 203 6.69 31.41 30.68
C GLU C 203 6.40 32.47 29.63
N LEU C 204 5.14 32.89 29.51
CA LEU C 204 4.77 33.95 28.59
C LEU C 204 5.22 35.30 29.14
N VAL C 205 5.78 36.15 28.27
CA VAL C 205 6.05 37.53 28.65
C VAL C 205 5.17 38.53 27.91
N MET C 206 4.67 38.20 26.71
CA MET C 206 3.70 39.03 26.02
C MET C 206 2.66 38.16 25.36
N THR C 207 1.38 38.47 25.58
CA THR C 207 0.29 37.84 24.85
C THR C 207 -0.90 38.80 24.85
N ASP C 208 -1.88 38.51 23.96
CA ASP C 208 -3.10 39.31 23.82
C ASP C 208 -2.80 40.66 23.19
N TYR C 209 -2.30 40.65 21.95
CA TYR C 209 -1.94 41.89 21.26
C TYR C 209 -2.46 41.79 19.83
N ALA C 210 -3.33 42.73 19.44
CA ALA C 210 -3.72 42.83 18.04
C ALA C 210 -2.48 42.87 17.16
N GLU C 211 -1.42 43.51 17.64
CA GLU C 211 -0.20 43.69 16.88
C GLU C 211 0.57 42.38 16.68
N MET C 212 0.22 41.31 17.39
CA MET C 212 0.81 39.99 17.16
C MET C 212 -0.20 39.02 16.57
N ASN C 213 -1.38 39.49 16.27
CA ASN C 213 -2.49 38.67 15.83
C ASN C 213 -2.61 38.69 14.31
N THR C 214 -3.28 37.67 13.79
CA THR C 214 -3.69 37.67 12.39
C THR C 214 -5.20 37.56 12.28
N THR C 215 -5.77 38.32 11.34
CA THR C 215 -7.16 38.15 10.95
C THR C 215 -7.28 37.57 9.56
N TYR C 216 -6.16 37.04 9.03
CA TYR C 216 -6.05 36.55 7.65
C TYR C 216 -6.34 37.64 6.62
N ALA C 217 -5.98 38.88 6.92
CA ALA C 217 -6.04 39.93 5.91
C ALA C 217 -5.20 39.57 4.70
N HIS C 218 -4.12 38.83 4.91
CA HIS C 218 -3.23 38.40 3.83
C HIS C 218 -3.41 36.93 3.46
N GLY C 219 -4.56 36.35 3.76
CA GLY C 219 -4.77 34.94 3.51
C GLY C 219 -4.20 34.11 4.64
N PRO C 220 -4.32 32.78 4.54
CA PRO C 220 -3.81 31.93 5.62
C PRO C 220 -2.34 32.19 5.87
N ASP C 221 -2.03 32.59 7.11
CA ASP C 221 -0.67 33.04 7.43
C ASP C 221 -0.49 33.00 8.95
N VAL C 222 0.54 33.68 9.45
CA VAL C 222 0.70 33.95 10.87
C VAL C 222 0.54 35.44 11.13
N GLY C 223 0.45 35.79 12.41
CA GLY C 223 0.54 37.17 12.86
C GLY C 223 1.97 37.57 13.13
N ILE C 224 2.35 37.68 14.41
CA ILE C 224 3.77 37.84 14.72
C ILE C 224 4.56 36.74 14.07
N ASN C 225 5.62 37.12 13.36
CA ASN C 225 6.53 36.19 12.72
C ASN C 225 7.91 36.38 13.33
N GLY C 226 8.86 36.98 12.61
CA GLY C 226 10.21 37.12 13.14
C GLY C 226 10.27 38.05 14.34
N ILE C 227 11.22 37.77 15.23
CA ILE C 227 11.61 38.68 16.30
C ILE C 227 13.13 38.84 16.31
N ARG C 228 13.60 40.05 16.62
CA ARG C 228 15.02 40.32 16.84
C ARG C 228 15.14 41.38 17.94
N ILE C 229 16.26 41.36 18.65
CA ILE C 229 16.45 42.27 19.79
C ILE C 229 17.72 43.08 19.54
N LEU C 230 17.63 44.38 19.77
CA LEU C 230 18.76 45.30 19.64
C LEU C 230 18.83 46.13 20.91
N GLY C 231 19.87 45.92 21.71
CA GLY C 231 19.93 46.59 23.01
C GLY C 231 18.82 46.05 23.88
N ASN C 232 18.03 46.94 24.48
CA ASN C 232 16.86 46.53 25.23
C ASN C 232 15.56 46.78 24.47
N GLU C 233 15.60 46.74 23.14
CA GLU C 233 14.42 46.92 22.30
C GLU C 233 14.13 45.62 21.55
N LEU C 234 12.96 45.03 21.82
CA LEU C 234 12.47 43.88 21.09
C LEU C 234 11.70 44.35 19.86
N TYR C 235 12.12 43.92 18.67
CA TYR C 235 11.38 44.19 17.44
C TYR C 235 10.65 42.93 16.97
N TRP C 236 9.53 43.14 16.27
CA TRP C 236 8.89 42.07 15.54
C TRP C 236 8.15 42.59 14.33
N VAL C 237 7.94 41.69 13.37
CA VAL C 237 7.10 41.98 12.22
C VAL C 237 5.84 41.13 12.30
N ASN C 238 4.75 41.67 11.77
CA ASN C 238 3.49 40.96 11.72
C ASN C 238 3.20 40.69 10.24
N GLN C 239 3.04 39.42 9.90
CA GLN C 239 2.88 39.01 8.51
C GLN C 239 1.50 39.33 7.97
N ASP C 240 0.51 39.53 8.83
CA ASP C 240 -0.84 39.67 8.31
C ASP C 240 -1.21 41.12 8.02
N ASN C 241 -0.63 42.09 8.72
CA ASN C 241 -1.00 43.51 8.58
C ASN C 241 0.16 44.40 8.11
N GLY C 242 1.27 43.81 7.70
CA GLY C 242 2.40 44.60 7.20
C GLY C 242 3.08 45.50 8.21
N GLY C 243 2.88 45.27 9.50
CA GLY C 243 3.44 46.13 10.52
C GLY C 243 4.79 45.68 11.07
N VAL C 244 5.60 46.67 11.42
CA VAL C 244 6.85 46.50 12.17
C VAL C 244 6.68 47.19 13.51
N TYR C 245 7.03 46.51 14.61
CA TYR C 245 6.75 46.99 15.96
C TYR C 245 7.97 46.83 16.86
N ARG C 246 7.93 47.50 18.01
CA ARG C 246 8.98 47.34 19.01
C ARG C 246 8.44 47.71 20.39
N VAL C 247 9.05 47.13 21.42
CA VAL C 247 8.75 47.43 22.81
C VAL C 247 10.07 47.41 23.56
N GLU C 248 10.14 48.19 24.64
CA GLU C 248 11.29 48.10 25.53
C GLU C 248 11.08 46.94 26.51
N ILE C 249 12.17 46.25 26.85
CA ILE C 249 12.09 45.07 27.71
C ILE C 249 13.05 45.25 28.89
N GLN C 250 12.63 44.74 30.05
CA GLN C 250 13.42 44.83 31.26
C GLN C 250 14.57 43.84 31.20
N LYS C 251 15.46 43.93 32.20
CA LYS C 251 16.58 43.02 32.27
C LYS C 251 16.12 41.59 32.49
N ASN C 252 14.94 41.42 33.09
CA ASN C 252 14.40 40.08 33.31
C ASN C 252 13.67 39.54 32.07
N GLY C 253 13.63 40.29 30.98
CA GLY C 253 13.05 39.82 29.75
C GLY C 253 11.59 40.14 29.56
N HIS C 254 10.92 40.66 30.58
CA HIS C 254 9.56 41.10 30.37
C HIS C 254 9.55 42.52 29.82
N PRO C 255 8.51 42.94 29.10
CA PRO C 255 8.49 44.34 28.60
C PRO C 255 8.31 45.35 29.73
N VAL C 256 8.78 46.57 29.48
CA VAL C 256 8.52 47.64 30.45
C VAL C 256 7.04 47.99 30.42
N PRO C 257 6.37 48.07 31.56
CA PRO C 257 4.96 48.49 31.55
C PRO C 257 4.84 49.93 31.07
N PRO C 258 3.73 50.28 30.39
CA PRO C 258 2.56 49.44 30.14
C PRO C 258 2.66 48.52 28.92
N ALA C 259 3.87 48.34 28.40
CA ALA C 259 4.14 47.38 27.33
C ALA C 259 3.18 47.58 26.15
N VAL C 260 3.10 48.82 25.68
CA VAL C 260 2.30 49.13 24.49
C VAL C 260 3.24 49.09 23.28
N PRO C 261 2.91 48.37 22.21
CA PRO C 261 3.82 48.34 21.05
C PRO C 261 3.94 49.71 20.42
N GLU C 262 5.16 50.05 20.04
CA GLU C 262 5.44 51.22 19.23
C GLU C 262 5.44 50.79 17.77
N VAL C 263 4.62 51.44 16.95
CA VAL C 263 4.59 51.17 15.52
C VAL C 263 5.85 51.78 14.92
N VAL C 264 6.63 50.98 14.22
CA VAL C 264 7.87 51.44 13.60
C VAL C 264 7.68 51.78 12.13
N SER C 265 6.93 50.96 11.43
CA SER C 265 6.68 51.12 10.00
C SER C 265 5.49 50.24 9.62
N VAL C 266 4.75 50.67 8.60
CA VAL C 266 3.65 49.88 8.06
C VAL C 266 3.70 49.93 6.54
N VAL C 267 3.83 48.78 5.89
CA VAL C 267 3.59 48.62 4.46
C VAL C 267 2.49 47.57 4.32
N GLU C 268 1.27 48.02 4.00
CA GLU C 268 0.08 47.19 4.16
C GLU C 268 0.12 45.93 3.30
N SER C 269 0.69 46.03 2.11
CA SER C 269 0.70 44.91 1.17
C SER C 269 1.70 43.81 1.52
N GLN C 270 2.61 44.01 2.46
CA GLN C 270 3.75 43.12 2.58
C GLN C 270 3.47 41.99 3.58
N LEU C 271 3.90 40.79 3.21
CA LEU C 271 3.81 39.63 4.10
C LEU C 271 5.19 39.46 4.74
N TRP C 272 5.44 40.26 5.77
CA TRP C 272 6.72 40.24 6.44
C TRP C 272 6.98 38.85 7.03
N ASP C 273 8.25 38.40 6.95
CA ASP C 273 8.66 37.12 7.57
C ASP C 273 9.72 37.38 8.64
N ASP C 274 10.94 37.77 8.26
CA ASP C 274 11.97 37.99 9.28
C ASP C 274 12.94 39.06 8.76
N PHE C 275 13.87 39.48 9.60
CA PHE C 275 14.59 40.73 9.32
C PHE C 275 15.93 40.72 10.05
N ALA C 276 16.74 41.76 9.77
CA ALA C 276 18.06 41.92 10.36
C ALA C 276 18.37 43.40 10.57
N PHE C 277 18.96 43.74 11.72
CA PHE C 277 19.43 45.10 11.97
C PHE C 277 20.73 45.35 11.22
N GLY C 278 20.88 46.58 10.69
CA GLY C 278 22.15 47.03 10.18
C GLY C 278 22.15 47.54 8.75
N PRO C 279 23.28 47.40 8.04
CA PRO C 279 24.55 46.84 8.51
C PRO C 279 25.27 47.76 9.50
N GLY C 280 26.08 47.18 10.37
CA GLY C 280 26.84 47.92 11.35
C GLY C 280 26.03 48.91 12.18
N ASP C 281 26.32 50.19 11.98
CA ASP C 281 25.73 51.29 12.73
C ASP C 281 24.47 51.87 12.08
N GLU C 282 24.19 51.53 10.83
CA GLU C 282 23.12 52.17 10.06
C GLU C 282 21.76 52.04 10.76
N ASP C 283 20.94 53.08 10.61
CA ASP C 283 19.66 53.17 11.31
C ASP C 283 18.55 52.41 10.58
N LEU C 284 18.77 51.15 10.27
CA LEU C 284 17.92 50.43 9.34
C LEU C 284 17.62 49.01 9.83
N LEU C 285 16.47 48.48 9.43
CA LEU C 285 16.20 47.05 9.40
C LEU C 285 16.06 46.62 7.95
N TRP C 286 16.46 45.40 7.66
CA TRP C 286 16.24 44.82 6.34
C TRP C 286 15.29 43.64 6.54
N VAL C 287 14.15 43.67 5.85
CA VAL C 287 13.02 42.81 6.15
C VAL C 287 12.62 42.06 4.89
N THR C 288 12.44 40.75 5.00
CA THR C 288 11.89 39.99 3.88
C THR C 288 10.38 40.15 3.83
N GLY C 289 9.85 40.36 2.63
CA GLY C 289 8.45 40.70 2.40
C GLY C 289 7.85 39.73 1.38
N LEU C 290 6.95 40.25 0.56
CA LEU C 290 6.32 39.43 -0.47
C LEU C 290 7.22 39.40 -1.70
N ASN C 291 8.01 38.33 -1.83
CA ASN C 291 8.90 38.14 -2.99
C ASN C 291 9.82 39.33 -3.18
N ALA C 292 10.24 39.94 -2.07
CA ALA C 292 11.05 41.14 -2.12
C ALA C 292 11.71 41.34 -0.77
N VAL C 293 12.70 42.23 -0.74
CA VAL C 293 13.38 42.63 0.49
C VAL C 293 13.29 44.15 0.58
N TYR C 294 13.10 44.66 1.80
CA TYR C 294 12.92 46.09 2.05
C TYR C 294 13.93 46.55 3.09
N ALA C 295 14.52 47.72 2.85
CA ALA C 295 15.21 48.44 3.92
C ALA C 295 14.22 49.38 4.59
N VAL C 296 14.30 49.47 5.91
CA VAL C 296 13.32 50.23 6.69
C VAL C 296 14.05 51.08 7.70
N SER C 297 13.75 52.39 7.70
CA SER C 297 14.27 53.29 8.71
C SER C 297 13.69 52.98 10.08
N LYS C 298 14.58 52.79 11.06
CA LYS C 298 14.14 52.64 12.46
C LYS C 298 13.59 53.94 13.00
N LYS C 299 14.22 55.06 12.66
CA LYS C 299 13.77 56.35 13.19
C LYS C 299 12.36 56.71 12.73
N ASN C 300 12.04 56.50 11.45
CA ASN C 300 10.79 57.02 10.90
C ASN C 300 10.00 56.03 10.05
N GLY C 301 10.47 54.79 9.89
CA GLY C 301 9.69 53.78 9.22
C GLY C 301 9.60 53.88 7.73
N THR C 302 10.38 54.77 7.11
CA THR C 302 10.37 54.84 5.65
C THR C 302 10.89 53.53 5.10
N ALA C 303 10.26 53.04 4.03
CA ALA C 303 10.46 51.68 3.55
C ALA C 303 10.70 51.72 2.05
N VAL C 304 11.83 51.14 1.64
CA VAL C 304 12.32 51.17 0.27
C VAL C 304 12.59 49.73 -0.15
N VAL C 305 11.89 49.26 -1.17
CA VAL C 305 12.21 47.94 -1.69
C VAL C 305 13.55 47.98 -2.42
N VAL C 306 14.45 47.05 -2.07
CA VAL C 306 15.79 47.06 -2.62
C VAL C 306 16.04 45.93 -3.63
N ASP C 307 15.23 44.88 -3.63
CA ASP C 307 15.40 43.78 -4.58
C ASP C 307 14.12 42.96 -4.62
N GLY C 308 13.88 42.31 -5.76
CA GLY C 308 12.68 41.51 -5.90
C GLY C 308 11.53 42.30 -6.49
N VAL C 309 10.31 41.83 -6.22
CA VAL C 309 9.12 42.49 -6.75
C VAL C 309 9.10 43.94 -6.29
N GLY C 310 8.87 44.86 -7.24
CA GLY C 310 8.99 46.27 -6.96
C GLY C 310 10.23 46.92 -7.53
N THR C 311 11.21 46.13 -7.96
CA THR C 311 12.38 46.63 -8.68
C THR C 311 12.47 45.93 -10.03
N SER C 312 13.37 46.41 -10.87
CA SER C 312 13.52 45.80 -12.18
C SER C 312 14.06 44.38 -12.08
N ASN C 313 14.67 44.03 -10.95
CA ASN C 313 15.20 42.70 -10.68
C ASN C 313 14.20 41.95 -9.81
N ASN C 314 13.11 41.52 -10.44
CA ASN C 314 11.91 41.19 -9.71
C ASN C 314 11.57 39.70 -9.72
N MET C 315 12.46 38.85 -10.24
CA MET C 315 12.27 37.42 -10.19
C MET C 315 13.25 36.72 -9.27
N SER C 316 14.24 37.45 -8.74
CA SER C 316 15.37 36.83 -8.06
C SER C 316 15.09 36.50 -6.60
N PHE C 317 13.90 36.75 -6.08
CA PHE C 317 13.59 36.50 -4.67
C PHE C 317 12.22 35.86 -4.54
N PRO C 318 12.09 34.61 -5.01
CA PRO C 318 10.82 33.88 -4.81
C PRO C 318 10.65 33.46 -3.36
N GLY C 319 9.70 34.09 -2.67
CA GLY C 319 9.38 33.77 -1.30
C GLY C 319 10.58 33.76 -0.36
N PRO C 320 11.21 34.91 -0.12
CA PRO C 320 12.26 34.98 0.90
C PRO C 320 11.68 34.75 2.28
N THR C 321 12.51 34.17 3.18
CA THR C 321 12.04 33.75 4.50
C THR C 321 12.73 34.47 5.66
N SER C 322 14.03 34.77 5.54
CA SER C 322 14.77 35.46 6.62
C SER C 322 15.99 36.17 6.01
N CYS C 323 16.70 36.92 6.86
CA CYS C 323 17.96 37.53 6.43
C CYS C 323 18.77 37.95 7.65
N GLN C 324 20.10 37.85 7.52
CA GLN C 324 21.06 38.29 8.53
C GLN C 324 22.31 38.76 7.82
N PHE C 325 23.07 39.64 8.47
CA PHE C 325 24.26 40.20 7.86
C PHE C 325 25.49 39.34 8.11
N GLY C 326 26.41 39.37 7.14
CA GLY C 326 27.71 38.75 7.30
C GLY C 326 28.42 39.27 8.53
N ARG C 327 29.42 38.56 9.04
CA ARG C 327 30.11 39.01 10.24
C ARG C 327 31.63 39.05 10.05
N THR C 328 32.13 39.06 8.81
CA THR C 328 33.57 39.13 8.59
C THR C 328 33.93 40.41 7.83
N LYS C 329 35.23 40.59 7.62
CA LYS C 329 35.72 41.73 6.85
C LYS C 329 35.32 41.63 5.39
N HIS C 330 35.05 40.41 4.91
CA HIS C 330 34.61 40.23 3.52
C HIS C 330 33.14 40.58 3.30
N ASP C 331 32.32 40.62 4.34
CA ASP C 331 30.88 40.69 4.04
C ASP C 331 30.00 41.30 5.12
N SER C 332 30.53 42.22 5.94
CA SER C 332 29.68 42.78 6.97
C SER C 332 28.58 43.69 6.42
N ASN C 333 28.66 44.07 5.15
CA ASN C 333 27.62 44.84 4.50
C ASN C 333 26.75 43.97 3.60
N VAL C 334 26.94 42.65 3.67
CA VAL C 334 26.23 41.71 2.82
C VAL C 334 25.10 41.10 3.61
N LEU C 335 23.91 41.13 3.05
CA LEU C 335 22.73 40.57 3.70
C LEU C 335 22.47 39.21 3.09
N TYR C 336 22.70 38.16 3.86
CA TYR C 336 22.36 36.81 3.42
C TYR C 336 20.87 36.59 3.62
N VAL C 337 20.19 36.16 2.56
CA VAL C 337 18.74 35.99 2.54
C VAL C 337 18.40 34.53 2.21
N THR C 338 17.61 33.88 3.08
CA THR C 338 17.04 32.57 2.81
C THR C 338 15.69 32.68 2.11
N GLY C 339 15.34 31.64 1.35
CA GLY C 339 14.03 31.57 0.70
C GLY C 339 13.61 30.14 0.48
N ASN C 340 12.31 29.95 0.22
CA ASN C 340 11.76 28.60 0.07
C ASN C 340 10.98 28.32 -1.20
N LEU C 341 10.88 29.27 -2.14
CA LEU C 341 10.06 29.09 -3.33
C LEU C 341 10.91 28.99 -4.60
N TYR C 342 10.50 28.10 -5.50
CA TYR C 342 11.24 27.87 -6.74
C TYR C 342 11.24 29.12 -7.61
N SER C 343 10.08 29.76 -7.77
CA SER C 343 9.91 30.93 -8.61
C SER C 343 8.73 31.74 -8.04
N VAL C 344 8.64 33.00 -8.46
CA VAL C 344 7.54 33.86 -8.05
C VAL C 344 6.25 33.28 -8.62
N PRO C 345 5.32 32.83 -7.78
CA PRO C 345 4.14 32.13 -8.29
C PRO C 345 3.19 33.10 -8.99
N ASP C 346 2.86 32.78 -10.24
CA ASP C 346 1.92 33.61 -11.01
C ASP C 346 0.50 33.44 -10.52
N SER C 347 0.14 32.24 -10.09
CA SER C 347 -1.16 31.96 -9.51
C SER C 347 -0.97 31.08 -8.29
N LEU C 348 -2.02 30.97 -7.48
CA LEU C 348 -1.90 30.31 -6.19
C LEU C 348 -1.58 28.82 -6.32
N LEU C 349 -1.80 28.23 -7.50
CA LEU C 349 -1.40 26.86 -7.77
C LEU C 349 -0.09 26.78 -8.54
N ASP C 350 0.69 27.88 -8.53
CA ASP C 350 2.06 27.89 -9.02
C ASP C 350 3.07 27.53 -7.94
N VAL C 351 2.68 27.66 -6.67
CA VAL C 351 3.61 27.61 -5.54
C VAL C 351 4.37 26.29 -5.50
N LYS C 352 5.68 26.36 -5.71
CA LYS C 352 6.52 25.18 -5.69
C LYS C 352 7.64 25.41 -4.70
N ILE C 353 7.66 24.60 -3.63
CA ILE C 353 8.71 24.68 -2.63
C ILE C 353 10.03 24.26 -3.27
N GLY C 354 11.06 25.08 -3.09
CA GLY C 354 12.39 24.83 -3.61
C GLY C 354 13.29 25.96 -3.17
N GLY C 355 14.08 25.71 -2.12
CA GLY C 355 14.67 26.77 -1.34
C GLY C 355 16.08 27.14 -1.76
N TRP C 356 16.59 28.21 -1.14
CA TRP C 356 17.81 28.81 -1.64
C TRP C 356 18.38 29.75 -0.60
N VAL C 357 19.61 30.20 -0.84
CA VAL C 357 20.21 31.26 -0.05
C VAL C 357 20.91 32.21 -1.01
N ARG C 358 20.70 33.51 -0.77
CA ARG C 358 21.22 34.57 -1.64
C ARG C 358 21.96 35.59 -0.80
N ALA C 359 22.65 36.51 -1.50
CA ALA C 359 23.40 37.56 -0.81
C ALA C 359 23.12 38.87 -1.51
N ILE C 360 22.78 39.89 -0.72
CA ILE C 360 22.53 41.25 -1.20
C ILE C 360 23.64 42.13 -0.68
N ASP C 361 24.43 42.70 -1.59
CA ASP C 361 25.49 43.62 -1.19
C ASP C 361 24.90 45.01 -1.02
N THR C 362 24.85 45.50 0.23
CA THR C 362 24.22 46.76 0.55
C THR C 362 25.18 47.93 0.53
N THR C 363 26.47 47.69 0.24
CA THR C 363 27.49 48.73 0.30
C THR C 363 27.07 49.97 -0.48
N GLY C 364 27.14 51.13 0.17
CA GLY C 364 26.80 52.39 -0.47
C GLY C 364 25.32 52.70 -0.50
N PHE C 365 24.47 51.85 0.07
CA PHE C 365 23.04 52.12 0.03
C PHE C 365 22.68 53.31 0.92
N HIS C 366 21.80 54.16 0.41
CA HIS C 366 21.17 55.22 1.20
C HIS C 366 19.69 55.23 0.89
N LEU C 367 18.89 55.67 1.87
CA LEU C 367 17.44 55.73 1.66
C LEU C 367 17.08 56.66 0.50
N HIS C 368 17.92 57.65 0.22
CA HIS C 368 17.74 58.68 -0.82
C HIS C 368 16.75 59.75 -0.37
N THR D 30 18.57 -10.63 3.47
CA THR D 30 18.42 -12.05 3.19
C THR D 30 19.43 -12.50 2.14
N GLY D 31 19.93 -13.72 2.28
CA GLY D 31 20.89 -14.29 1.36
C GLY D 31 22.31 -14.35 1.88
N SER D 32 22.58 -13.76 3.04
CA SER D 32 23.93 -13.70 3.59
C SER D 32 24.35 -15.04 4.19
N VAL D 33 25.66 -15.20 4.33
CA VAL D 33 26.27 -16.40 4.89
C VAL D 33 26.51 -16.14 6.37
N PRO D 34 26.13 -17.07 7.27
CA PRO D 34 25.53 -18.38 6.98
C PRO D 34 24.03 -18.33 6.64
N LEU D 35 23.64 -19.00 5.57
CA LEU D 35 22.25 -19.04 5.15
C LEU D 35 21.37 -19.65 6.26
N PRO D 36 20.09 -19.29 6.31
CA PRO D 36 19.21 -19.86 7.34
C PRO D 36 19.15 -21.38 7.22
N GLU D 37 19.05 -22.05 8.38
CA GLU D 37 19.08 -23.50 8.44
C GLU D 37 18.21 -23.97 9.60
N ARG D 38 17.55 -25.11 9.42
CA ARG D 38 16.80 -25.74 10.50
C ARG D 38 16.95 -27.26 10.42
N LEU D 39 16.90 -27.89 11.59
CA LEU D 39 16.92 -29.35 11.70
C LEU D 39 15.51 -29.87 11.50
N LEU D 40 15.33 -30.78 10.54
CA LEU D 40 14.02 -31.37 10.26
C LEU D 40 13.76 -32.62 11.09
N HIS D 41 14.77 -33.45 11.27
CA HIS D 41 14.59 -34.70 12.01
C HIS D 41 15.96 -35.25 12.33
N HIS D 42 16.08 -35.88 13.49
CA HIS D 42 17.30 -36.53 13.92
C HIS D 42 16.99 -37.99 14.24
N TRP D 43 17.90 -38.86 13.85
CA TRP D 43 17.75 -40.30 14.08
C TRP D 43 18.64 -40.74 15.23
N PRO D 44 18.43 -41.94 15.76
CA PRO D 44 19.25 -42.38 16.90
C PRO D 44 20.70 -42.63 16.52
N ASN D 45 21.56 -42.64 17.53
CA ASN D 45 22.97 -43.00 17.32
C ASN D 45 23.10 -44.34 16.60
N GLY D 46 24.00 -44.38 15.63
CA GLY D 46 24.16 -45.56 14.80
C GLY D 46 23.36 -45.55 13.51
N THR D 47 22.44 -44.62 13.32
CA THR D 47 21.75 -44.46 12.04
C THR D 47 22.57 -43.56 11.14
N TRP D 48 22.97 -44.10 9.99
CA TRP D 48 23.79 -43.37 9.00
C TRP D 48 22.90 -43.00 7.83
N VAL D 49 22.63 -41.70 7.65
CA VAL D 49 21.79 -41.21 6.56
C VAL D 49 22.69 -40.79 5.41
N GLU D 50 22.52 -41.43 4.26
CA GLU D 50 23.55 -41.40 3.21
C GLU D 50 23.16 -40.65 1.96
N ASN D 51 21.91 -40.72 1.49
CA ASN D 51 21.51 -39.91 0.35
C ASN D 51 20.04 -39.56 0.46
N ILE D 52 19.54 -38.87 -0.56
CA ILE D 52 18.22 -38.23 -0.54
C ILE D 52 17.69 -38.13 -1.96
N ALA D 53 16.39 -38.36 -2.12
CA ALA D 53 15.68 -38.04 -3.35
C ALA D 53 14.38 -37.36 -2.96
N VAL D 54 13.97 -36.35 -3.74
CA VAL D 54 12.76 -35.59 -3.50
C VAL D 54 11.71 -36.11 -4.47
N ARG D 55 10.57 -36.54 -3.94
CA ARG D 55 9.52 -37.08 -4.78
C ARG D 55 8.83 -35.96 -5.55
N PRO D 56 8.11 -36.30 -6.63
CA PRO D 56 7.35 -35.26 -7.34
C PRO D 56 6.39 -34.49 -6.46
N ASN D 57 5.91 -35.08 -5.35
CA ASN D 57 4.98 -34.35 -4.49
C ASN D 57 5.67 -33.56 -3.39
N GLY D 58 6.99 -33.54 -3.36
CA GLY D 58 7.74 -32.77 -2.39
C GLY D 58 8.31 -33.57 -1.25
N ASN D 59 7.83 -34.80 -1.04
CA ASN D 59 8.28 -35.61 0.09
C ASN D 59 9.70 -36.09 -0.13
N LEU D 60 10.43 -36.26 0.96
CA LEU D 60 11.80 -36.74 0.90
C LEU D 60 11.84 -38.26 1.03
N LEU D 61 12.79 -38.87 0.32
CA LEU D 61 13.14 -40.27 0.51
C LEU D 61 14.64 -40.31 0.80
N LEU D 62 15.01 -40.80 1.97
CA LEU D 62 16.40 -40.84 2.40
C LEU D 62 16.87 -42.28 2.52
N THR D 63 18.11 -42.55 2.12
CA THR D 63 18.71 -43.87 2.30
C THR D 63 19.47 -43.91 3.62
N THR D 64 19.44 -45.07 4.28
CA THR D 64 20.30 -45.34 5.42
C THR D 64 21.25 -46.49 5.09
N SER D 65 22.49 -46.36 5.56
CA SER D 65 23.49 -47.39 5.40
C SER D 65 23.55 -48.31 6.62
N THR D 66 23.42 -47.75 7.82
CA THR D 66 23.34 -48.48 9.06
C THR D 66 22.20 -47.89 9.89
N PRO D 67 21.61 -48.68 10.79
CA PRO D 67 21.93 -50.08 11.12
C PRO D 67 21.45 -51.07 10.08
N ASN D 68 20.63 -50.58 9.16
CA ASN D 68 20.08 -51.39 8.09
C ASN D 68 20.09 -50.58 6.81
N GLY D 69 19.94 -51.27 5.69
CA GLY D 69 19.72 -50.56 4.44
C GLY D 69 18.24 -50.31 4.25
N THR D 70 17.79 -49.06 4.45
CA THR D 70 16.37 -48.73 4.41
C THR D 70 16.16 -47.39 3.70
N VAL D 71 14.91 -47.15 3.27
CA VAL D 71 14.48 -45.84 2.81
C VAL D 71 13.48 -45.29 3.83
N TRP D 72 13.69 -44.03 4.24
CA TRP D 72 12.77 -43.32 5.12
C TRP D 72 12.04 -42.23 4.36
N HIS D 73 10.77 -42.02 4.73
CA HIS D 73 9.85 -41.12 4.05
C HIS D 73 9.61 -39.91 4.96
N VAL D 74 9.97 -38.72 4.47
CA VAL D 74 9.79 -37.47 5.20
C VAL D 74 8.64 -36.74 4.51
N LYS D 75 7.50 -36.64 5.19
CA LYS D 75 6.29 -36.09 4.58
C LYS D 75 6.19 -34.58 4.84
N LYS D 76 5.86 -33.84 3.78
CA LYS D 76 5.73 -32.39 3.85
C LYS D 76 6.93 -31.75 4.53
N PRO D 77 8.13 -31.90 3.96
CA PRO D 77 9.34 -31.41 4.63
C PRO D 77 9.31 -29.92 4.96
N TRP D 78 8.37 -29.15 4.40
CA TRP D 78 8.31 -27.72 4.63
C TRP D 78 7.62 -27.33 5.94
N THR D 79 7.04 -28.28 6.66
CA THR D 79 6.34 -27.99 7.90
C THR D 79 7.35 -27.97 9.05
N ASP D 80 6.90 -27.44 10.21
CA ASP D 80 7.83 -27.25 11.32
C ASP D 80 8.37 -28.58 11.84
N THR D 81 7.51 -29.59 11.92
CA THR D 81 7.87 -30.92 12.38
C THR D 81 7.29 -31.91 11.39
N PRO D 82 8.04 -32.32 10.38
CA PRO D 82 7.47 -33.24 9.39
C PRO D 82 7.32 -34.64 9.97
N GLU D 83 6.24 -35.31 9.58
CA GLU D 83 6.06 -36.72 9.90
C GLU D 83 7.09 -37.55 9.17
N VAL D 84 7.66 -38.52 9.87
CA VAL D 84 8.75 -39.33 9.33
C VAL D 84 8.45 -40.78 9.65
N GLU D 85 8.57 -41.65 8.66
CA GLU D 85 8.33 -43.06 8.90
C GLU D 85 9.17 -43.92 7.96
N LEU D 86 9.41 -45.16 8.39
CA LEU D 86 10.14 -46.11 7.57
C LEU D 86 9.31 -46.49 6.35
N ALA D 87 9.90 -46.34 5.16
CA ALA D 87 9.20 -46.70 3.94
C ALA D 87 9.46 -48.15 3.54
N TYR D 88 10.71 -48.59 3.60
CA TYR D 88 11.01 -49.96 3.21
C TYR D 88 12.39 -50.36 3.73
N ASN D 89 12.49 -51.60 4.21
CA ASN D 89 13.73 -52.19 4.69
C ASN D 89 14.18 -53.23 3.68
N PHE D 90 15.42 -53.13 3.23
CA PHE D 90 15.89 -53.93 2.10
C PHE D 90 16.77 -55.10 2.55
N ASP D 91 16.69 -55.48 3.82
CA ASP D 91 17.51 -56.56 4.39
C ASP D 91 17.47 -57.83 3.55
N GLU D 92 16.33 -58.11 2.89
CA GLU D 92 16.25 -59.28 2.02
C GLU D 92 17.42 -59.39 1.06
N TRP D 93 17.98 -58.26 0.63
CA TRP D 93 19.00 -58.26 -0.41
C TRP D 93 20.35 -57.67 0.01
N VAL D 94 20.39 -56.76 0.99
CA VAL D 94 21.59 -56.00 1.28
C VAL D 94 21.62 -55.73 2.77
N ASP D 95 22.83 -55.54 3.31
CA ASP D 95 22.99 -54.99 4.65
C ASP D 95 22.88 -53.46 4.67
N ARG D 96 23.15 -52.80 3.54
CA ARG D 96 23.29 -51.35 3.52
C ARG D 96 22.75 -50.78 2.22
N LEU D 97 22.26 -49.55 2.29
CA LEU D 97 21.97 -48.77 1.10
C LEU D 97 22.90 -47.57 1.02
N ILE D 98 23.22 -47.15 -0.19
CA ILE D 98 24.12 -46.01 -0.39
C ILE D 98 23.34 -44.97 -1.18
N GLY D 99 23.49 -44.92 -2.51
CA GLY D 99 22.85 -43.86 -3.28
C GLY D 99 21.40 -44.15 -3.65
N ILE D 100 20.70 -43.11 -4.08
CA ILE D 100 19.34 -43.23 -4.61
C ILE D 100 19.18 -42.23 -5.75
N GLY D 101 18.46 -42.65 -6.80
CA GLY D 101 18.15 -41.77 -7.91
C GLY D 101 16.79 -42.09 -8.52
N GLU D 102 15.98 -41.06 -8.78
CA GLU D 102 14.67 -41.27 -9.38
C GLU D 102 14.81 -41.67 -10.84
N THR D 103 13.93 -42.57 -11.30
CA THR D 103 13.94 -43.00 -12.69
C THR D 103 12.72 -42.42 -13.40
N THR D 104 11.73 -43.25 -13.71
CA THR D 104 10.47 -42.69 -14.16
C THR D 104 9.77 -42.07 -12.95
N PRO D 105 8.75 -41.24 -13.16
CA PRO D 105 8.20 -40.49 -12.01
C PRO D 105 7.81 -41.36 -10.83
N ASP D 106 8.41 -41.07 -9.68
CA ASP D 106 8.08 -41.73 -8.42
C ASP D 106 8.51 -43.20 -8.38
N LYS D 107 9.48 -43.58 -9.23
CA LYS D 107 10.21 -44.82 -9.12
C LYS D 107 11.69 -44.49 -8.89
N TYR D 108 12.34 -45.27 -8.03
CA TYR D 108 13.67 -44.95 -7.53
C TYR D 108 14.53 -46.19 -7.53
N ILE D 109 15.77 -46.03 -7.99
CA ILE D 109 16.80 -47.05 -7.91
C ILE D 109 17.65 -46.74 -6.70
N VAL D 110 17.81 -47.72 -5.82
CA VAL D 110 18.78 -47.63 -4.73
C VAL D 110 19.83 -48.71 -4.94
N VAL D 111 21.03 -48.49 -4.40
CA VAL D 111 22.12 -49.44 -4.51
C VAL D 111 22.62 -49.79 -3.13
N GLY D 112 23.11 -51.02 -2.99
CA GLY D 112 23.62 -51.45 -1.70
C GLY D 112 24.25 -52.81 -1.81
N SER D 113 24.73 -53.28 -0.67
CA SER D 113 25.48 -54.54 -0.62
C SER D 113 25.45 -55.08 0.81
N ARG D 114 26.00 -56.28 1.00
CA ARG D 114 26.35 -56.72 2.33
C ARG D 114 27.65 -56.06 2.77
N PHE D 115 27.80 -55.87 4.08
CA PHE D 115 28.96 -55.26 4.67
C PHE D 115 29.45 -56.13 5.82
N TYR D 116 30.76 -56.08 6.08
CA TYR D 116 31.34 -56.99 7.07
C TYR D 116 30.78 -56.73 8.47
N SER D 117 30.54 -55.47 8.81
CA SER D 117 29.88 -55.17 10.07
C SER D 117 29.13 -53.85 9.91
N PRO D 118 28.20 -53.54 10.84
CA PRO D 118 27.57 -52.21 10.82
C PRO D 118 28.47 -51.09 11.34
N ASP D 119 29.74 -51.41 11.57
CA ASP D 119 30.70 -50.43 12.08
C ASP D 119 30.92 -49.32 11.07
N ALA D 120 31.11 -48.09 11.58
CA ALA D 120 31.24 -46.94 10.69
C ALA D 120 32.38 -47.11 9.69
N TYR D 121 33.42 -47.86 10.04
CA TYR D 121 34.59 -48.02 9.19
C TYR D 121 34.64 -49.34 8.44
N SER D 122 33.55 -50.11 8.46
CA SER D 122 33.58 -51.44 7.86
C SER D 122 33.66 -51.36 6.34
N SER D 123 34.41 -52.28 5.75
CA SER D 123 34.35 -52.45 4.31
C SER D 123 33.10 -53.24 3.93
N HIS D 124 32.75 -53.15 2.64
CA HIS D 124 31.71 -53.98 2.05
C HIS D 124 32.22 -55.42 1.87
N VAL D 125 31.30 -56.32 1.50
CA VAL D 125 31.67 -57.68 1.11
C VAL D 125 31.66 -57.75 -0.41
N ASP D 126 32.80 -58.11 -0.96
CA ASP D 126 33.00 -58.11 -2.40
C ASP D 126 31.99 -58.98 -3.10
N ARG D 127 31.46 -58.45 -4.20
CA ARG D 127 30.54 -59.09 -5.15
C ARG D 127 29.11 -59.14 -4.66
N THR D 128 28.76 -58.42 -3.60
CA THR D 128 27.39 -58.44 -3.12
C THR D 128 26.60 -57.19 -3.47
N PHE D 129 27.11 -56.33 -4.36
CA PHE D 129 26.37 -55.13 -4.68
C PHE D 129 25.21 -55.42 -5.63
N ALA D 130 24.16 -54.60 -5.51
CA ALA D 130 22.94 -54.79 -6.29
C ALA D 130 22.25 -53.45 -6.42
N ALA D 131 21.40 -53.35 -7.43
CA ALA D 131 20.52 -52.19 -7.62
C ALA D 131 19.08 -52.68 -7.55
N MET D 132 18.30 -52.07 -6.66
CA MET D 132 16.91 -52.41 -6.40
C MET D 132 16.04 -51.21 -6.74
N GLU D 133 14.77 -51.47 -7.03
CA GLU D 133 13.82 -50.41 -7.40
C GLU D 133 12.75 -50.26 -6.33
N LEU D 134 12.49 -49.04 -5.94
CA LEU D 134 11.43 -48.70 -4.99
C LEU D 134 10.36 -47.98 -5.79
N ASP D 135 9.19 -48.62 -5.93
CA ASP D 135 8.11 -48.13 -6.79
C ASP D 135 7.03 -47.47 -5.93
N PHE D 136 7.05 -46.13 -5.89
CA PHE D 136 6.11 -45.35 -5.11
C PHE D 136 4.90 -44.91 -5.94
N THR D 137 4.78 -45.37 -7.18
CA THR D 137 3.51 -45.23 -7.90
C THR D 137 2.49 -46.29 -7.47
N LYS D 138 2.87 -47.17 -6.56
CA LYS D 138 2.02 -48.25 -6.06
C LYS D 138 1.66 -47.96 -4.60
N GLU D 139 0.48 -48.42 -4.21
CA GLU D 139 0.01 -48.26 -2.83
C GLU D 139 -0.27 -49.61 -2.22
N PRO D 140 0.53 -50.10 -1.26
CA PRO D 140 1.72 -49.46 -0.72
C PRO D 140 2.90 -49.56 -1.71
N PRO D 141 4.01 -48.86 -1.45
CA PRO D 141 5.14 -48.94 -2.38
C PRO D 141 5.62 -50.38 -2.59
N SER D 142 6.09 -50.64 -3.80
CA SER D 142 6.58 -51.93 -4.26
C SER D 142 8.11 -51.93 -4.37
N THR D 143 8.74 -53.10 -4.19
CA THR D 143 10.17 -53.24 -4.41
C THR D 143 10.48 -54.51 -5.20
N ARG D 144 11.50 -54.42 -6.07
CA ARG D 144 11.98 -55.58 -6.82
C ARG D 144 13.51 -55.53 -6.92
N MET D 145 14.12 -56.68 -7.14
CA MET D 145 15.54 -56.70 -7.49
C MET D 145 15.69 -56.36 -8.97
N VAL D 146 16.53 -55.38 -9.30
CA VAL D 146 16.71 -55.02 -10.69
C VAL D 146 17.93 -55.71 -11.30
N ALA D 147 19.04 -55.74 -10.57
CA ALA D 147 20.26 -56.37 -11.08
C ALA D 147 21.20 -56.63 -9.92
N TRP D 148 21.63 -57.88 -9.75
CA TRP D 148 22.86 -58.13 -9.01
C TRP D 148 24.01 -57.67 -9.89
N MET D 149 24.98 -56.97 -9.28
CA MET D 149 26.14 -56.45 -10.00
C MET D 149 27.44 -56.89 -9.32
N PRO D 150 27.73 -58.19 -9.30
CA PRO D 150 28.93 -58.67 -8.60
C PRO D 150 30.24 -58.13 -9.16
N GLU D 151 30.24 -57.63 -10.40
CA GLU D 151 31.48 -57.11 -10.97
C GLU D 151 31.83 -55.71 -10.48
N ALA D 152 30.84 -54.92 -10.06
CA ALA D 152 31.10 -53.60 -9.50
C ALA D 152 31.88 -53.72 -8.20
N GLU D 153 32.58 -52.65 -7.84
CA GLU D 153 33.34 -52.63 -6.58
C GLU D 153 32.47 -52.08 -5.44
N LEU D 154 32.12 -50.80 -5.49
CA LEU D 154 31.19 -50.23 -4.51
C LEU D 154 30.31 -49.19 -5.22
N LEU D 155 29.06 -49.57 -5.49
CA LEU D 155 28.09 -48.66 -6.08
C LEU D 155 27.80 -47.50 -5.13
N GLN D 156 27.75 -46.28 -5.69
CA GLN D 156 27.77 -45.08 -4.86
C GLN D 156 26.62 -44.11 -5.14
N GLY D 157 26.61 -43.44 -6.28
CA GLY D 157 25.57 -42.48 -6.63
C GLY D 157 24.85 -42.89 -7.91
N VAL D 158 23.58 -42.51 -8.00
CA VAL D 158 22.66 -42.94 -9.06
C VAL D 158 22.08 -41.69 -9.75
N ALA D 159 22.12 -41.67 -11.09
CA ALA D 159 21.58 -40.56 -11.88
C ALA D 159 20.95 -41.06 -13.17
N ALA D 160 19.65 -40.85 -13.32
CA ALA D 160 18.96 -41.27 -14.54
C ALA D 160 19.27 -40.34 -15.71
N LEU D 161 19.27 -40.91 -16.91
CA LEU D 161 19.36 -40.10 -18.13
C LEU D 161 18.08 -39.28 -18.27
N PRO D 162 18.17 -37.97 -18.41
CA PRO D 162 16.93 -37.16 -18.42
C PRO D 162 16.02 -37.48 -19.60
N TRP D 163 16.58 -37.81 -20.75
CA TRP D 163 15.81 -38.15 -21.95
C TRP D 163 15.44 -39.64 -22.04
N ASP D 164 15.78 -40.45 -21.04
CA ASP D 164 15.60 -41.89 -21.13
C ASP D 164 15.66 -42.46 -19.72
N ARG D 165 14.65 -42.13 -18.91
CA ARG D 165 14.78 -42.21 -17.46
C ARG D 165 14.72 -43.63 -16.91
N SER D 166 14.38 -44.62 -17.72
CA SER D 166 14.54 -45.98 -17.22
C SER D 166 16.00 -46.44 -17.28
N ILE D 167 16.92 -45.60 -17.77
CA ILE D 167 18.34 -45.90 -17.79
C ILE D 167 19.04 -45.05 -16.73
N VAL D 168 19.82 -45.71 -15.84
CA VAL D 168 20.56 -45.01 -14.81
C VAL D 168 22.05 -45.17 -15.07
N LEU D 169 22.82 -44.13 -14.72
CA LEU D 169 24.25 -44.25 -14.52
C LEU D 169 24.51 -44.43 -13.04
N ILE D 170 25.59 -45.14 -12.71
CA ILE D 170 25.90 -45.44 -11.32
C ILE D 170 27.39 -45.35 -11.14
N SER D 171 27.84 -44.52 -10.19
CA SER D 171 29.27 -44.40 -9.92
C SER D 171 29.72 -45.56 -9.01
N ASP D 172 31.04 -45.69 -8.89
CA ASP D 172 31.60 -46.91 -8.32
C ASP D 172 33.07 -46.73 -7.97
N GLN D 173 33.41 -46.65 -6.68
CA GLN D 173 34.80 -46.70 -6.26
C GLN D 173 34.89 -46.98 -4.76
N TYR D 174 35.74 -47.93 -4.37
CA TYR D 174 36.24 -48.09 -3.01
C TYR D 174 37.37 -49.10 -3.04
N VAL D 175 37.73 -49.70 -1.90
CA VAL D 175 38.90 -50.59 -1.89
C VAL D 175 38.67 -51.74 -2.87
N LEU D 176 39.77 -52.19 -3.50
CA LEU D 176 39.73 -53.29 -4.48
C LEU D 176 39.55 -54.65 -3.82
N ARG D 177 40.06 -54.82 -2.61
CA ARG D 177 40.05 -56.10 -1.90
C ARG D 177 39.48 -55.86 -0.52
N PRO D 178 38.16 -55.64 -0.42
CA PRO D 178 37.57 -55.43 0.90
C PRO D 178 37.61 -56.71 1.74
N ARG D 179 37.93 -56.56 3.03
CA ARG D 179 38.07 -57.70 3.93
C ARG D 179 37.50 -57.37 5.30
N TYR D 180 37.32 -58.42 6.10
CA TYR D 180 36.86 -58.29 7.49
C TYR D 180 37.68 -57.27 8.28
N LYS D 181 38.99 -57.25 8.06
CA LYS D 181 39.88 -56.26 8.67
C LYS D 181 40.68 -55.66 7.54
N GLN D 182 40.39 -54.40 7.19
CA GLN D 182 41.01 -53.76 6.04
C GLN D 182 42.47 -53.45 6.35
N VAL D 183 43.39 -54.10 5.62
CA VAL D 183 44.82 -53.87 5.75
C VAL D 183 45.42 -53.49 4.40
N ASP D 184 44.97 -54.12 3.33
CA ASP D 184 45.39 -53.77 1.98
C ASP D 184 44.44 -52.68 1.47
N TRP D 185 44.92 -51.45 1.39
CA TRP D 185 44.05 -50.36 0.99
C TRP D 185 44.09 -50.09 -0.51
N THR D 186 44.67 -51.00 -1.28
CA THR D 186 44.72 -50.85 -2.73
C THR D 186 43.34 -50.44 -3.24
N PRO D 187 43.20 -49.27 -3.86
CA PRO D 187 41.89 -48.81 -4.31
C PRO D 187 41.52 -49.36 -5.68
N SER D 188 40.22 -49.53 -5.87
CA SER D 188 39.68 -49.88 -7.18
CA SER D 188 39.66 -49.89 -7.17
C SER D 188 39.61 -48.63 -8.05
N PRO D 189 39.61 -48.79 -9.37
CA PRO D 189 39.50 -47.60 -10.23
C PRO D 189 38.09 -47.03 -10.14
N GLY D 190 38.00 -45.71 -10.03
CA GLY D 190 36.69 -45.08 -10.05
C GLY D 190 36.06 -45.26 -11.41
N GLN D 191 34.76 -45.51 -11.44
CA GLN D 191 34.12 -45.79 -12.72
C GLN D 191 32.63 -45.54 -12.64
N ILE D 192 31.98 -45.65 -13.80
CA ILE D 192 30.56 -45.37 -13.92
C ILE D 192 29.92 -46.46 -14.76
N TRP D 193 28.87 -47.09 -14.22
CA TRP D 193 28.10 -48.10 -14.92
C TRP D 193 26.84 -47.50 -15.52
N ARG D 194 26.38 -48.10 -16.63
CA ARG D 194 25.07 -47.85 -17.21
C ARG D 194 24.19 -49.07 -16.95
N LEU D 195 23.02 -48.87 -16.34
CA LEU D 195 22.09 -49.96 -16.05
C LEU D 195 20.73 -49.68 -16.70
N ASP D 196 20.25 -50.65 -17.48
CA ASP D 196 18.89 -50.59 -18.04
C ASP D 196 17.94 -51.21 -17.04
N THR D 197 17.10 -50.37 -16.41
CA THR D 197 16.26 -50.91 -15.35
C THR D 197 15.12 -51.79 -15.86
N LYS D 198 14.87 -51.84 -17.18
CA LYS D 198 13.84 -52.71 -17.73
C LYS D 198 14.34 -54.14 -17.98
N THR D 199 15.64 -54.31 -18.24
CA THR D 199 16.19 -55.62 -18.51
C THR D 199 17.18 -56.11 -17.45
N GLY D 200 17.65 -55.22 -16.57
CA GLY D 200 18.66 -55.62 -15.61
C GLY D 200 20.04 -55.82 -16.17
N ASP D 201 20.26 -55.40 -17.43
CA ASP D 201 21.57 -55.48 -18.05
C ASP D 201 22.37 -54.20 -17.76
N TYR D 202 23.67 -54.37 -17.54
CA TYR D 202 24.52 -53.26 -17.15
C TYR D 202 25.90 -53.40 -17.78
N GLU D 203 26.57 -52.25 -17.97
CA GLU D 203 27.88 -52.23 -18.59
C GLU D 203 28.61 -50.95 -18.17
N LEU D 204 29.94 -51.03 -18.18
CA LEU D 204 30.77 -49.86 -17.89
C LEU D 204 30.70 -48.86 -19.03
N VAL D 205 30.50 -47.58 -18.70
CA VAL D 205 30.58 -46.53 -19.72
C VAL D 205 31.79 -45.63 -19.51
N MET D 206 32.38 -45.58 -18.31
CA MET D 206 33.58 -44.79 -18.06
C MET D 206 34.42 -45.49 -16.99
N THR D 207 35.73 -45.61 -17.24
CA THR D 207 36.64 -46.15 -16.24
C THR D 207 38.05 -45.67 -16.57
N ASP D 208 38.98 -45.91 -15.63
CA ASP D 208 40.39 -45.52 -15.76
C ASP D 208 40.52 -44.00 -15.94
N TYR D 209 40.24 -43.30 -14.84
CA TYR D 209 40.25 -41.84 -14.81
C TYR D 209 40.86 -41.39 -13.48
N ALA D 210 41.99 -40.68 -13.55
CA ALA D 210 42.54 -40.06 -12.33
C ALA D 210 41.49 -39.22 -11.62
N GLU D 211 40.59 -38.61 -12.39
CA GLU D 211 39.56 -37.73 -11.86
C GLU D 211 38.49 -38.47 -11.06
N MET D 212 38.40 -39.79 -11.21
CA MET D 212 37.51 -40.62 -10.41
C MET D 212 38.28 -41.49 -9.44
N ASN D 213 39.57 -41.24 -9.30
CA ASN D 213 40.46 -42.08 -8.53
C ASN D 213 40.76 -41.44 -7.19
N THR D 214 41.17 -42.27 -6.24
CA THR D 214 41.70 -41.77 -4.98
C THR D 214 43.12 -42.27 -4.76
N THR D 215 43.91 -41.39 -4.15
CA THR D 215 45.24 -41.72 -3.66
C THR D 215 45.30 -41.53 -2.16
N TYR D 216 44.13 -41.42 -1.52
CA TYR D 216 44.05 -41.23 -0.08
C TYR D 216 44.80 -39.99 0.37
N ALA D 217 44.85 -38.95 -0.48
CA ALA D 217 45.32 -37.65 -0.04
C ALA D 217 44.47 -37.14 1.12
N HIS D 218 43.18 -37.50 1.16
CA HIS D 218 42.31 -37.13 2.27
C HIS D 218 42.07 -38.26 3.26
N GLY D 219 42.99 -39.23 3.35
CA GLY D 219 42.81 -40.36 4.24
C GLY D 219 41.94 -41.43 3.62
N PRO D 220 41.65 -42.52 4.34
CA PRO D 220 40.79 -43.57 3.78
C PRO D 220 39.45 -43.00 3.34
N ASP D 221 39.09 -43.26 2.09
CA ASP D 221 37.93 -42.60 1.47
C ASP D 221 37.62 -43.21 0.11
N VAL D 222 36.88 -42.46 -0.70
CA VAL D 222 36.56 -42.84 -2.07
C VAL D 222 37.12 -41.76 -3.00
N GLY D 223 37.17 -42.09 -4.31
CA GLY D 223 37.44 -41.12 -5.34
C GLY D 223 36.14 -40.53 -5.86
N ILE D 224 35.69 -40.93 -7.06
CA ILE D 224 34.38 -40.50 -7.50
C ILE D 224 33.36 -40.84 -6.42
N ASN D 225 32.53 -39.86 -6.07
CA ASN D 225 31.48 -40.08 -5.09
C ASN D 225 30.14 -39.79 -5.76
N GLY D 226 29.43 -38.73 -5.36
CA GLY D 226 28.13 -38.46 -5.97
C GLY D 226 28.23 -38.13 -7.44
N ILE D 227 27.16 -38.45 -8.19
CA ILE D 227 27.00 -38.10 -9.60
C ILE D 227 25.61 -37.52 -9.83
N ARG D 228 25.52 -36.52 -10.72
CA ARG D 228 24.21 -35.98 -11.12
C ARG D 228 24.29 -35.56 -12.58
N ILE D 229 23.16 -35.64 -13.28
CA ILE D 229 23.10 -35.32 -14.71
C ILE D 229 22.16 -34.14 -14.91
N LEU D 230 22.65 -33.11 -15.63
CA LEU D 230 21.85 -31.94 -16.04
C LEU D 230 21.92 -31.83 -17.55
N GLY D 231 20.78 -31.95 -18.20
CA GLY D 231 20.76 -31.97 -19.66
C GLY D 231 21.55 -33.17 -20.13
N ASN D 232 22.58 -32.91 -20.94
CA ASN D 232 23.47 -33.97 -21.39
C ASN D 232 24.86 -33.84 -20.78
N GLU D 233 24.96 -33.20 -19.61
CA GLU D 233 26.21 -33.07 -18.89
C GLU D 233 26.16 -33.92 -17.63
N LEU D 234 27.03 -34.92 -17.54
CA LEU D 234 27.16 -35.74 -16.35
C LEU D 234 28.18 -35.07 -15.42
N TYR D 235 27.75 -34.70 -14.23
CA TYR D 235 28.63 -34.12 -13.23
C TYR D 235 29.01 -35.16 -12.19
N TRP D 236 30.22 -35.00 -11.62
CA TRP D 236 30.59 -35.77 -10.45
C TRP D 236 31.60 -34.99 -9.60
N VAL D 237 31.72 -35.43 -8.36
CA VAL D 237 32.68 -34.91 -7.40
C VAL D 237 33.62 -36.04 -6.98
N ASN D 238 34.82 -35.64 -6.57
CA ASN D 238 35.85 -36.57 -6.12
C ASN D 238 36.14 -36.24 -4.66
N GLN D 239 35.96 -37.24 -3.79
CA GLN D 239 36.15 -37.01 -2.35
C GLN D 239 37.61 -36.80 -1.99
N ASP D 240 38.54 -37.31 -2.79
CA ASP D 240 39.93 -37.34 -2.38
C ASP D 240 40.72 -36.14 -2.87
N ASN D 241 40.36 -35.54 -4.01
CA ASN D 241 41.15 -34.45 -4.57
C ASN D 241 40.42 -33.11 -4.59
N GLY D 242 39.23 -33.05 -3.99
CA GLY D 242 38.48 -31.82 -3.94
C GLY D 242 38.01 -31.30 -5.27
N GLY D 243 37.98 -32.15 -6.30
CA GLY D 243 37.56 -31.72 -7.62
C GLY D 243 36.09 -31.96 -7.93
N VAL D 244 35.54 -31.05 -8.74
CA VAL D 244 34.22 -31.19 -9.34
C VAL D 244 34.42 -31.22 -10.85
N TYR D 245 33.79 -32.19 -11.52
CA TYR D 245 34.04 -32.44 -12.93
C TYR D 245 32.73 -32.65 -13.67
N ARG D 246 32.80 -32.50 -14.99
CA ARG D 246 31.69 -32.85 -15.84
C ARG D 246 32.23 -33.43 -17.14
N VAL D 247 31.36 -34.16 -17.85
CA VAL D 247 31.65 -34.65 -19.19
C VAL D 247 30.32 -34.69 -19.93
N GLU D 248 30.40 -34.62 -21.26
CA GLU D 248 29.21 -34.67 -22.10
C GLU D 248 28.85 -36.11 -22.47
N ILE D 249 27.57 -36.42 -22.42
CA ILE D 249 27.09 -37.80 -22.62
C ILE D 249 26.22 -37.87 -23.87
N GLN D 250 26.41 -38.94 -24.66
CA GLN D 250 25.55 -39.22 -25.80
C GLN D 250 24.17 -39.66 -25.32
N LYS D 251 23.28 -39.92 -26.28
CA LYS D 251 21.95 -40.35 -25.88
C LYS D 251 21.93 -41.81 -25.45
N ASN D 252 22.92 -42.60 -25.87
CA ASN D 252 22.99 -43.98 -25.41
C ASN D 252 23.64 -44.12 -24.04
N GLY D 253 24.04 -43.01 -23.41
CA GLY D 253 24.57 -43.03 -22.06
C GLY D 253 26.08 -43.07 -21.97
N HIS D 254 26.77 -43.31 -23.09
CA HIS D 254 28.22 -43.24 -23.10
C HIS D 254 28.67 -41.79 -23.29
N PRO D 255 29.86 -41.44 -22.78
CA PRO D 255 30.33 -40.06 -22.96
C PRO D 255 30.67 -39.78 -24.42
N VAL D 256 30.57 -38.49 -24.78
CA VAL D 256 30.99 -38.00 -26.09
C VAL D 256 32.51 -38.08 -26.19
N PRO D 257 33.06 -38.81 -27.16
CA PRO D 257 34.52 -38.87 -27.27
C PRO D 257 35.10 -37.51 -27.62
N PRO D 258 36.35 -37.24 -27.23
CA PRO D 258 37.32 -38.15 -26.61
C PRO D 258 37.13 -38.38 -25.10
N ALA D 259 35.98 -37.95 -24.56
CA ALA D 259 35.57 -38.28 -23.18
C ALA D 259 36.60 -37.82 -22.16
N VAL D 260 37.09 -36.59 -22.32
CA VAL D 260 38.04 -36.01 -21.37
C VAL D 260 37.25 -35.22 -20.33
N PRO D 261 37.50 -35.43 -19.04
CA PRO D 261 36.78 -34.64 -18.03
C PRO D 261 37.13 -33.16 -18.11
N GLU D 262 36.10 -32.32 -17.99
CA GLU D 262 36.28 -30.88 -17.85
C GLU D 262 36.28 -30.53 -16.37
N VAL D 263 37.32 -29.86 -15.92
CA VAL D 263 37.38 -29.43 -14.52
C VAL D 263 36.40 -28.29 -14.29
N VAL D 264 35.51 -28.47 -13.32
CA VAL D 264 34.51 -27.46 -13.00
C VAL D 264 34.98 -26.55 -11.88
N SER D 265 35.64 -27.12 -10.87
CA SER D 265 36.07 -26.44 -9.67
C SER D 265 36.99 -27.37 -8.90
N VAL D 266 37.91 -26.80 -8.15
CA VAL D 266 38.74 -27.58 -7.23
C VAL D 266 38.86 -26.81 -5.92
N VAL D 267 38.44 -27.44 -4.83
CA VAL D 267 38.71 -26.93 -3.48
C VAL D 267 39.41 -28.07 -2.77
N GLU D 268 40.74 -27.99 -2.69
CA GLU D 268 41.53 -29.17 -2.34
C GLU D 268 41.20 -29.69 -0.94
N SER D 269 40.83 -28.81 -0.02
CA SER D 269 40.61 -29.24 1.36
C SER D 269 39.32 -30.04 1.56
N GLN D 270 38.37 -29.98 0.63
CA GLN D 270 37.03 -30.48 0.87
C GLN D 270 36.91 -31.96 0.53
N LEU D 271 36.22 -32.70 1.40
CA LEU D 271 35.88 -34.09 1.11
C LEU D 271 34.47 -34.09 0.55
N TRP D 272 34.37 -33.86 -0.76
CA TRP D 272 33.07 -33.83 -1.41
C TRP D 272 32.37 -35.20 -1.29
N ASP D 273 31.05 -35.16 -1.16
CA ASP D 273 30.21 -36.36 -1.13
C ASP D 273 29.15 -36.34 -2.22
N ASP D 274 28.19 -35.41 -2.16
CA ASP D 274 27.16 -35.34 -3.19
C ASP D 274 26.65 -33.90 -3.30
N PHE D 275 25.76 -33.67 -4.26
CA PHE D 275 25.46 -32.30 -4.65
C PHE D 275 24.13 -32.25 -5.40
N ALA D 276 23.71 -31.02 -5.72
CA ALA D 276 22.47 -30.76 -6.44
C ALA D 276 22.64 -29.50 -7.29
N PHE D 277 21.95 -29.45 -8.42
CA PHE D 277 21.90 -28.27 -9.27
C PHE D 277 20.81 -27.33 -8.79
N GLY D 278 21.07 -26.03 -8.90
CA GLY D 278 20.03 -25.04 -8.76
C GLY D 278 20.28 -23.97 -7.71
N PRO D 279 19.21 -23.52 -7.05
CA PRO D 279 17.82 -23.95 -7.31
C PRO D 279 17.27 -23.42 -8.64
N GLY D 280 16.35 -24.18 -9.24
CA GLY D 280 15.75 -23.78 -10.50
C GLY D 280 16.76 -23.46 -11.59
N ASP D 281 16.83 -22.19 -11.97
CA ASP D 281 17.62 -21.75 -13.11
C ASP D 281 19.08 -21.49 -12.75
N GLU D 282 19.37 -21.14 -11.49
CA GLU D 282 20.64 -20.51 -11.13
C GLU D 282 21.85 -21.37 -11.53
N ASP D 283 22.94 -20.68 -11.87
CA ASP D 283 24.15 -21.27 -12.44
C ASP D 283 25.05 -21.91 -11.38
N LEU D 284 24.47 -22.71 -10.49
CA LEU D 284 25.16 -23.13 -9.28
C LEU D 284 25.05 -24.63 -9.06
N LEU D 285 26.06 -25.19 -8.39
CA LEU D 285 25.95 -26.45 -7.69
C LEU D 285 26.03 -26.20 -6.20
N TRP D 286 25.35 -27.05 -5.44
CA TRP D 286 25.39 -26.99 -3.99
C TRP D 286 25.91 -28.34 -3.52
N VAL D 287 27.08 -28.32 -2.86
CA VAL D 287 27.88 -29.51 -2.63
C VAL D 287 28.18 -29.65 -1.15
N THR D 288 28.04 -30.88 -0.64
CA THR D 288 28.39 -31.16 0.74
C THR D 288 29.88 -31.47 0.81
N GLY D 289 30.56 -30.83 1.76
CA GLY D 289 31.98 -31.02 1.92
C GLY D 289 32.33 -31.51 3.31
N LEU D 290 33.43 -30.96 3.84
CA LEU D 290 33.95 -31.40 5.14
C LEU D 290 33.22 -30.63 6.23
N ASN D 291 32.18 -31.24 6.81
CA ASN D 291 31.34 -30.60 7.82
C ASN D 291 30.84 -29.21 7.36
N ALA D 292 30.55 -29.07 6.07
CA ALA D 292 30.16 -27.79 5.50
C ALA D 292 29.45 -28.03 4.17
N VAL D 293 28.78 -26.97 3.68
CA VAL D 293 28.10 -27.00 2.40
C VAL D 293 28.58 -25.79 1.59
N TYR D 294 28.86 -26.00 0.31
CA TYR D 294 29.38 -24.96 -0.57
C TYR D 294 28.43 -24.73 -1.74
N ALA D 295 28.37 -23.48 -2.18
CA ALA D 295 27.80 -23.14 -3.47
C ALA D 295 28.94 -22.98 -4.46
N VAL D 296 28.77 -23.52 -5.67
CA VAL D 296 29.86 -23.54 -6.63
C VAL D 296 29.31 -23.10 -7.98
N SER D 297 29.93 -22.07 -8.56
CA SER D 297 29.56 -21.61 -9.89
C SER D 297 29.90 -22.67 -10.92
N LYS D 298 28.92 -23.00 -11.77
CA LYS D 298 29.19 -23.91 -12.88
C LYS D 298 30.00 -23.23 -13.97
N LYS D 299 29.93 -21.91 -14.06
CA LYS D 299 30.64 -21.22 -15.13
C LYS D 299 32.13 -21.23 -14.89
N ASN D 300 32.55 -20.88 -13.67
CA ASN D 300 33.95 -20.64 -13.39
C ASN D 300 34.47 -21.31 -12.13
N GLY D 301 33.63 -22.05 -11.39
CA GLY D 301 34.15 -22.81 -10.26
C GLY D 301 34.42 -22.04 -8.99
N THR D 302 34.08 -20.75 -8.91
CA THR D 302 34.11 -20.03 -7.64
C THR D 302 33.29 -20.76 -6.58
N ALA D 303 33.90 -21.02 -5.43
CA ALA D 303 33.31 -21.83 -4.37
C ALA D 303 33.13 -21.01 -3.10
N VAL D 304 31.91 -20.95 -2.60
CA VAL D 304 31.58 -20.20 -1.39
C VAL D 304 30.95 -21.16 -0.38
N VAL D 305 31.55 -21.26 0.81
CA VAL D 305 30.96 -22.05 1.89
C VAL D 305 29.81 -21.25 2.48
N VAL D 306 28.65 -21.90 2.62
CA VAL D 306 27.42 -21.20 2.98
C VAL D 306 26.87 -21.61 4.34
N ASP D 307 27.33 -22.73 4.91
CA ASP D 307 26.91 -23.19 6.22
C ASP D 307 27.91 -24.24 6.68
N GLY D 308 28.11 -24.32 7.98
CA GLY D 308 29.00 -25.31 8.55
C GLY D 308 30.38 -24.73 8.80
N VAL D 309 31.37 -25.63 8.89
CA VAL D 309 32.74 -25.21 9.12
C VAL D 309 33.13 -24.17 8.07
N GLY D 310 33.71 -23.07 8.52
CA GLY D 310 34.01 -21.95 7.66
C GLY D 310 33.05 -20.79 7.77
N THR D 311 31.94 -20.97 8.47
CA THR D 311 31.01 -19.87 8.76
C THR D 311 30.82 -19.79 10.27
N SER D 312 30.09 -18.76 10.69
CA SER D 312 29.81 -18.58 12.11
C SER D 312 28.89 -19.66 12.67
N ASN D 313 28.09 -20.29 11.81
CA ASN D 313 27.22 -21.40 12.18
C ASN D 313 27.99 -22.69 11.86
N ASN D 314 28.96 -23.02 12.73
CA ASN D 314 29.99 -23.99 12.37
C ASN D 314 29.78 -25.37 12.98
N MET D 315 28.77 -25.56 13.83
CA MET D 315 28.52 -26.86 14.46
C MET D 315 27.34 -27.59 13.85
N SER D 316 26.67 -27.00 12.87
CA SER D 316 25.35 -27.43 12.46
C SER D 316 25.34 -28.45 11.33
N PHE D 317 26.48 -28.77 10.73
CA PHE D 317 26.53 -29.73 9.64
C PHE D 317 27.59 -30.78 9.94
N PRO D 318 27.34 -31.64 10.94
CA PRO D 318 28.28 -32.73 11.26
C PRO D 318 28.27 -33.86 10.24
N GLY D 319 29.32 -33.92 9.42
CA GLY D 319 29.40 -34.84 8.30
C GLY D 319 28.16 -34.91 7.43
N PRO D 320 27.87 -33.86 6.66
CA PRO D 320 26.78 -33.96 5.66
C PRO D 320 27.13 -34.97 4.59
N THR D 321 26.10 -35.55 3.97
CA THR D 321 26.32 -36.64 3.02
C THR D 321 25.71 -36.38 1.64
N SER D 322 24.58 -35.68 1.56
CA SER D 322 24.00 -35.37 0.25
C SER D 322 23.10 -34.14 0.37
N CYS D 323 22.63 -33.64 -0.77
CA CYS D 323 21.64 -32.57 -0.77
C CYS D 323 20.84 -32.59 -2.07
N GLN D 324 19.56 -32.23 -1.93
CA GLN D 324 18.64 -32.04 -3.03
C GLN D 324 17.68 -30.90 -2.69
N PHE D 325 17.20 -30.22 -3.72
CA PHE D 325 16.26 -29.11 -3.56
C PHE D 325 14.82 -29.58 -3.46
N GLY D 326 14.01 -28.80 -2.75
CA GLY D 326 12.58 -29.03 -2.73
C GLY D 326 11.95 -28.85 -4.10
N ARG D 327 10.79 -29.49 -4.29
CA ARG D 327 10.13 -29.47 -5.59
C ARG D 327 8.72 -28.88 -5.55
N THR D 328 8.36 -28.17 -4.48
CA THR D 328 7.03 -27.57 -4.40
C THR D 328 7.09 -26.04 -4.32
N LYS D 329 5.89 -25.47 -4.46
CA LYS D 329 5.55 -24.10 -4.07
C LYS D 329 6.28 -23.65 -2.81
N HIS D 330 6.28 -24.51 -1.80
CA HIS D 330 6.72 -24.14 -0.46
C HIS D 330 8.22 -24.11 -0.31
N ASP D 331 8.98 -24.73 -1.22
CA ASP D 331 10.36 -25.00 -0.85
C ASP D 331 11.31 -25.18 -2.03
N SER D 332 11.00 -24.60 -3.19
CA SER D 332 11.86 -24.76 -4.36
C SER D 332 13.26 -24.19 -4.14
N ASN D 333 13.42 -23.27 -3.19
CA ASN D 333 14.72 -22.68 -2.87
C ASN D 333 15.35 -23.27 -1.63
N VAL D 334 14.75 -24.31 -1.06
CA VAL D 334 15.26 -24.93 0.15
C VAL D 334 16.12 -26.11 -0.26
N LEU D 335 17.34 -26.16 0.26
CA LEU D 335 18.23 -27.29 0.05
C LEU D 335 18.09 -28.23 1.24
N TYR D 336 17.64 -29.45 0.98
CA TYR D 336 17.55 -30.45 2.04
C TYR D 336 18.87 -31.22 2.09
N VAL D 337 19.48 -31.25 3.27
CA VAL D 337 20.81 -31.82 3.44
C VAL D 337 20.73 -33.02 4.39
N THR D 338 21.21 -34.18 3.94
CA THR D 338 21.39 -35.34 4.82
C THR D 338 22.78 -35.31 5.46
N GLY D 339 22.93 -36.01 6.59
CA GLY D 339 24.21 -36.14 7.25
C GLY D 339 24.19 -37.33 8.19
N ASN D 340 25.38 -37.78 8.62
CA ASN D 340 25.46 -39.03 9.38
C ASN D 340 26.27 -38.94 10.67
N LEU D 341 26.71 -37.77 11.10
CA LEU D 341 27.48 -37.70 12.34
C LEU D 341 26.71 -36.97 13.42
N TYR D 342 26.96 -37.38 14.67
CA TYR D 342 26.28 -36.78 15.83
C TYR D 342 26.74 -35.35 16.07
N SER D 343 28.04 -35.10 15.98
CA SER D 343 28.58 -33.75 16.12
C SER D 343 29.87 -33.69 15.32
N VAL D 344 30.36 -32.47 15.10
CA VAL D 344 31.59 -32.29 14.33
C VAL D 344 32.74 -32.92 15.10
N PRO D 345 33.39 -33.94 14.54
CA PRO D 345 34.47 -34.61 15.28
C PRO D 345 35.80 -33.87 15.11
N ASP D 346 36.71 -34.14 16.05
CA ASP D 346 38.07 -33.65 15.92
C ASP D 346 38.83 -34.43 14.84
N SER D 347 38.82 -35.76 14.94
CA SER D 347 39.53 -36.62 14.00
C SER D 347 38.54 -37.45 13.20
N LEU D 348 38.80 -37.58 11.90
CA LEU D 348 37.99 -38.45 11.04
C LEU D 348 38.30 -39.92 11.27
N LEU D 349 39.25 -40.25 12.14
CA LEU D 349 39.47 -41.61 12.60
C LEU D 349 38.59 -41.97 13.80
N ASP D 350 38.08 -40.97 14.52
CA ASP D 350 37.22 -41.17 15.69
C ASP D 350 35.95 -40.36 15.48
N VAL D 351 34.90 -41.03 15.00
CA VAL D 351 33.64 -40.40 14.64
C VAL D 351 32.50 -41.12 15.37
N LYS D 352 31.35 -40.47 15.46
CA LYS D 352 30.15 -41.10 16.02
C LYS D 352 28.97 -40.94 15.07
N ILE D 353 28.40 -42.06 14.64
CA ILE D 353 27.29 -42.04 13.69
C ILE D 353 26.02 -41.62 14.43
N GLY D 354 25.30 -40.64 13.87
CA GLY D 354 24.01 -40.23 14.37
C GLY D 354 23.35 -39.27 13.40
N GLY D 355 22.54 -39.80 12.48
CA GLY D 355 22.17 -39.11 11.27
C GLY D 355 21.01 -38.14 11.42
N TRP D 356 20.82 -37.34 10.36
CA TRP D 356 19.93 -36.19 10.43
C TRP D 356 19.60 -35.73 9.01
N VAL D 357 18.61 -34.86 8.91
CA VAL D 357 18.29 -34.15 7.67
C VAL D 357 17.98 -32.70 8.04
N ARG D 358 18.56 -31.77 7.29
CA ARG D 358 18.37 -30.34 7.55
C ARG D 358 17.85 -29.64 6.31
N ALA D 359 17.44 -28.39 6.49
CA ALA D 359 16.97 -27.59 5.38
C ALA D 359 17.71 -26.26 5.41
N ILE D 360 18.32 -25.90 4.29
CA ILE D 360 18.97 -24.61 4.10
C ILE D 360 18.11 -23.81 3.13
N ASP D 361 17.77 -22.58 3.52
CA ASP D 361 17.04 -21.68 2.62
C ASP D 361 18.06 -20.83 1.87
N THR D 362 18.18 -21.08 0.56
CA THR D 362 19.11 -20.34 -0.30
C THR D 362 18.53 -19.06 -0.88
N THR D 363 17.29 -18.70 -0.52
CA THR D 363 16.64 -17.54 -1.09
C THR D 363 17.55 -16.32 -1.03
N GLY D 364 17.76 -15.70 -2.19
CA GLY D 364 18.52 -14.47 -2.25
C GLY D 364 20.02 -14.61 -2.09
N PHE D 365 20.56 -15.82 -2.25
CA PHE D 365 22.01 -16.01 -2.18
C PHE D 365 22.68 -15.57 -3.47
N HIS D 366 23.87 -15.00 -3.33
CA HIS D 366 24.72 -14.65 -4.47
C HIS D 366 26.15 -14.96 -4.07
N LEU D 367 26.97 -15.28 -5.09
CA LEU D 367 28.37 -15.58 -4.80
C LEU D 367 29.13 -14.37 -4.29
N HIS D 368 28.78 -13.18 -4.77
CA HIS D 368 29.52 -11.96 -4.46
C HIS D 368 28.63 -10.93 -3.77
C1 NAG E . -17.09 -0.48 1.85
C2 NAG E . -17.90 -0.24 0.55
C3 NAG E . -18.08 -1.55 -0.24
C4 NAG E . -16.76 -2.29 -0.40
C5 NAG E . -16.13 -2.48 0.97
C6 NAG E . -14.81 -3.22 0.95
C7 NAG E . -19.52 1.62 0.56
C8 NAG E . -20.90 2.04 0.93
N2 NAG E . -19.19 0.35 0.84
O3 NAG E . -18.66 -1.27 -1.51
O4 NAG E . -16.98 -3.56 -1.01
O5 NAG E . -15.89 -1.20 1.55
O6 NAG E . -13.79 -2.46 0.33
O7 NAG E . -18.72 2.39 0.05
C1 NAG E . -16.27 -3.65 -2.27
C2 NAG E . -16.13 -5.14 -2.63
C3 NAG E . -15.40 -5.28 -3.96
C4 NAG E . -16.07 -4.44 -5.04
C5 NAG E . -16.26 -3.00 -4.58
C6 NAG E . -17.06 -2.16 -5.54
C7 NAG E . -16.09 -6.74 -0.77
C8 NAG E . -15.22 -7.43 0.24
N2 NAG E . -15.46 -5.89 -1.59
O3 NAG E . -15.40 -6.65 -4.36
O4 NAG E . -15.28 -4.46 -6.23
O5 NAG E . -16.95 -2.96 -3.32
O6 NAG E . -16.74 -0.78 -5.40
O7 NAG E . -17.29 -6.93 -0.84
C1 NAG F . 12.22 -5.63 25.03
C2 NAG F . 13.59 -6.26 25.36
C3 NAG F . 14.68 -5.20 25.43
C4 NAG F . 14.68 -4.29 24.21
C5 NAG F . 13.30 -3.70 24.00
C6 NAG F . 13.20 -2.91 22.72
C7 NAG F . 13.60 -8.34 26.69
C8 NAG F . 13.63 -8.92 28.07
N2 NAG F . 13.57 -7.00 26.61
O3 NAG F . 15.93 -5.88 25.54
O4 NAG F . 15.58 -3.20 24.47
O5 NAG F . 12.34 -4.77 23.89
O6 NAG F . 13.49 -3.73 21.59
O7 NAG F . 13.56 -9.05 25.68
C1 NAG F . 16.64 -3.11 23.50
C2 NAG F . 17.22 -1.68 23.55
C3 NAG F . 18.46 -1.57 22.66
C4 NAG F . 19.47 -2.68 22.94
C5 NAG F . 18.77 -4.03 22.87
C6 NAG F . 19.68 -5.18 23.26
C7 NAG F . 15.56 0.07 24.00
C8 NAG F . 14.59 1.05 23.40
N2 NAG F . 16.22 -0.71 23.14
O3 NAG F . 19.09 -0.31 22.90
O4 NAG F . 20.52 -2.62 21.98
O5 NAG F . 17.67 -4.05 23.79
O6 NAG F . 19.61 -5.43 24.67
O7 NAG F . 15.73 0.00 25.21
C1 NAG G . -8.11 -27.41 31.89
C2 NAG G . -8.54 -28.85 32.31
C3 NAG G . -10.03 -29.05 32.06
C4 NAG G . -10.84 -27.92 32.68
C5 NAG G . -10.29 -26.57 32.23
C6 NAG G . -10.98 -25.39 32.89
C7 NAG G . -6.97 -30.75 32.18
C8 NAG G . -6.21 -31.63 31.25
N2 NAG G . -7.76 -29.83 31.60
O3 NAG G . -10.45 -30.31 32.58
O4 NAG G . -12.16 -28.04 32.18
O5 NAG G . -8.91 -26.47 32.56
O6 NAG G . -10.40 -24.16 32.45
O7 NAG G . -6.89 -30.86 33.41
C1 NAG G . -13.14 -28.17 33.20
C2 NAG G . -14.52 -27.83 32.59
C3 NAG G . -15.64 -28.17 33.58
C4 NAG G . -15.46 -29.55 34.20
C5 NAG G . -14.03 -29.69 34.72
C6 NAG G . -13.72 -31.05 35.31
C7 NAG G . -14.63 -26.01 30.95
C8 NAG G . -14.73 -24.53 30.75
N2 NAG G . -14.60 -26.44 32.21
O3 NAG G . -16.89 -28.13 32.88
O4 NAG G . -16.33 -29.66 35.33
O5 NAG G . -13.13 -29.48 33.63
O6 NAG G . -12.74 -30.93 36.34
O7 NAG G . -14.57 -26.79 30.00
C1 BMA G . -17.44 -30.53 35.06
C2 BMA G . -17.94 -30.92 36.45
C3 BMA G . -19.21 -31.74 36.33
C4 BMA G . -20.26 -31.03 35.44
C5 BMA G . -19.63 -30.70 34.07
C6 BMA G . -20.58 -29.97 33.09
O2 BMA G . -18.26 -29.74 37.18
O3 BMA G . -19.75 -32.05 37.62
O4 BMA G . -21.38 -31.87 35.26
O5 BMA G . -18.45 -29.89 34.28
O6 BMA G . -21.28 -28.90 33.76
C1 NAG H . -18.41 19.22 -13.55
C2 NAG H . -17.45 19.72 -12.47
C3 NAG H . -17.53 18.85 -11.22
C4 NAG H . -18.98 18.72 -10.76
C5 NAG H . -19.87 18.25 -11.91
C6 NAG H . -21.33 18.22 -11.55
C7 NAG H . -15.42 20.94 -13.09
C8 NAG H . -14.01 20.84 -13.60
N2 NAG H . -16.08 19.79 -12.96
O3 NAG H . -16.72 19.42 -10.20
O4 NAG H . -19.07 17.78 -9.69
O5 NAG H . -19.73 19.16 -13.02
O6 NAG H . -21.83 19.50 -11.21
O7 NAG H . -15.93 22.02 -12.79
C1 NAG H . -19.39 18.45 -8.46
C2 NAG H . -19.94 17.43 -7.46
C3 NAG H . -20.24 18.12 -6.13
C4 NAG H . -19.00 18.86 -5.62
C5 NAG H . -18.48 19.82 -6.69
C6 NAG H . -17.18 20.47 -6.30
C7 NAG H . -21.11 15.46 -8.35
C8 NAG H . -19.81 14.74 -8.23
N2 NAG H . -21.11 16.75 -7.97
O3 NAG H . -20.64 17.15 -5.17
O4 NAG H . -19.32 19.58 -4.43
O5 NAG H . -18.24 19.11 -7.91
O6 NAG H . -16.10 19.55 -6.40
O7 NAG H . -22.12 14.92 -8.78
C1 NAG I . -17.38 27.05 -30.10
C2 NAG I . -16.06 27.05 -29.35
C3 NAG I . -15.43 28.43 -29.36
C4 NAG I . -15.35 29.02 -30.76
C5 NAG I . -16.72 28.94 -31.45
C6 NAG I . -16.66 29.32 -32.91
C7 NAG I . -15.58 25.55 -27.47
C8 NAG I . -15.88 25.22 -26.04
N2 NAG I . -16.24 26.58 -27.99
O3 NAG I . -14.13 28.33 -28.79
O4 NAG I . -14.99 30.38 -30.71
O5 NAG I . -17.20 27.59 -31.41
O6 NAG I . -17.97 29.42 -33.47
O7 NAG I . -14.77 24.89 -28.13
C1 NAG I . -13.60 30.56 -31.03
C2 NAG I . -13.36 32.06 -31.03
C3 NAG I . -11.88 32.37 -31.25
C4 NAG I . -11.00 31.60 -30.28
C5 NAG I . -11.33 30.12 -30.38
C6 NAG I . -10.54 29.25 -29.41
C7 NAG I . -15.39 33.22 -31.82
C8 NAG I . -16.07 33.85 -32.99
N2 NAG I . -14.17 32.71 -32.05
O3 NAG I . -11.66 33.77 -31.08
O4 NAG I . -9.63 31.82 -30.60
O5 NAG I . -12.72 29.92 -30.09
O6 NAG I . -10.41 29.85 -28.14
O7 NAG I . -15.91 33.18 -30.71
C1 NAG J . -49.77 12.67 -33.12
C2 NAG J . -51.28 12.40 -33.19
C3 NAG J . -52.03 13.60 -33.77
C4 NAG J . -51.62 14.92 -33.11
C5 NAG J . -50.12 15.06 -33.10
C6 NAG J . -49.67 16.25 -32.30
C7 NAG J . -52.02 10.06 -33.50
C8 NAG J . -52.14 9.98 -32.02
N2 NAG J . -51.57 11.23 -34.00
O3 NAG J . -53.42 13.38 -33.58
O4 NAG J . -52.16 16.02 -33.84
O5 NAG J . -49.52 13.91 -32.48
O6 NAG J . -50.26 16.22 -31.00
O7 NAG J . -52.28 9.12 -34.24
C1 NAG J . -53.18 16.73 -33.15
C2 NAG J . -53.38 18.06 -33.86
C3 NAG J . -54.56 18.83 -33.27
C4 NAG J . -55.80 17.96 -33.24
C5 NAG J . -55.50 16.65 -32.51
C6 NAG J . -56.66 15.68 -32.55
C7 NAG J . -51.21 18.80 -34.75
C8 NAG J . -50.03 19.70 -34.54
N2 NAG J . -52.17 18.86 -33.81
O3 NAG J . -54.81 19.98 -34.07
O4 NAG J . -56.88 18.63 -32.60
O5 NAG J . -54.39 15.99 -33.15
O6 NAG J . -57.06 15.41 -33.89
O7 NAG J . -51.30 18.05 -35.72
C1 NAG K . -36.92 -14.56 -27.93
C2 NAG K . -36.90 -16.03 -27.44
C3 NAG K . -35.47 -16.54 -27.24
C4 NAG K . -34.56 -16.18 -28.42
C5 NAG K . -34.71 -14.71 -28.78
C6 NAG K . -33.93 -14.32 -30.01
C7 NAG K . -37.34 -15.71 -25.03
C8 NAG K . -38.30 -15.99 -23.90
N2 NAG K . -37.70 -16.19 -26.23
O3 NAG K . -35.49 -17.94 -27.02
O4 NAG K . -33.20 -16.37 -28.04
O5 NAG K . -36.09 -14.42 -29.05
O6 NAG K . -34.02 -12.92 -30.22
O7 NAG K . -36.30 -15.09 -24.84
C1 NAG K . -32.49 -17.35 -28.81
C2 NAG K . -31.00 -17.16 -28.48
C3 NAG K . -30.15 -18.25 -29.16
C4 NAG K . -30.68 -19.63 -28.80
C5 NAG K . -32.15 -19.71 -29.17
C6 NAG K . -32.79 -21.03 -28.83
C7 NAG K . -30.04 -14.93 -28.07
C8 NAG K . -29.62 -13.63 -28.69
N2 NAG K . -30.55 -15.84 -28.90
O3 NAG K . -28.80 -18.10 -28.73
O4 NAG K . -29.95 -20.65 -29.48
O5 NAG K . -32.87 -18.69 -28.47
O6 NAG K . -33.38 -21.02 -27.54
O7 NAG K . -29.90 -15.13 -26.87
C1 NAG L . -5.62 38.53 19.67
C2 NAG L . -6.78 39.31 20.30
C3 NAG L . -7.60 38.42 21.24
C4 NAG L . -7.96 37.08 20.59
C5 NAG L . -6.72 36.44 20.00
C6 NAG L . -7.01 35.17 19.23
C7 NAG L . -6.37 41.73 20.56
C8 NAG L . -5.89 42.80 21.48
N2 NAG L . -6.31 40.48 21.03
O3 NAG L . -8.79 39.11 21.61
O4 NAG L . -8.47 36.23 21.61
O5 NAG L . -6.11 37.34 19.08
O6 NAG L . -8.11 35.36 18.35
O7 NAG L . -6.81 41.98 19.44
C1 NAG L . -9.86 35.92 21.46
C2 NAG L . -10.24 34.80 22.44
C3 NAG L . -11.75 34.54 22.40
C4 NAG L . -12.52 35.84 22.58
C5 NAG L . -12.03 36.90 21.60
C6 NAG L . -12.67 38.24 21.84
C7 NAG L . -8.45 33.17 22.82
C8 NAG L . -7.84 31.86 22.40
N2 NAG L . -9.52 33.57 22.14
O3 NAG L . -12.11 33.61 23.40
O4 NAG L . -13.90 35.60 22.32
O5 NAG L . -10.62 37.07 21.75
O6 NAG L . -12.58 38.61 23.21
O7 NAG L . -7.97 33.84 23.73
C1 BMA L . -14.72 35.54 23.49
C2 BMA L . -16.15 35.64 22.97
C3 BMA L . -17.16 35.40 24.08
C4 BMA L . -16.84 34.10 24.84
C5 BMA L . -15.40 34.16 25.37
C6 BMA L . -15.00 32.88 26.13
O2 BMA L . -16.37 34.64 21.96
O3 BMA L . -18.49 35.39 23.58
O4 BMA L . -17.75 33.91 25.93
O5 BMA L . -14.52 34.35 24.25
O6 BMA L . -13.58 32.91 26.34
C1 MAN L . -13.14 31.74 27.08
C2 MAN L . -11.63 31.95 27.38
C3 MAN L . -10.79 31.82 26.09
C4 MAN L . -11.16 30.54 25.29
C5 MAN L . -12.69 30.44 25.10
C6 MAN L . -13.12 29.13 24.45
O2 MAN L . -11.11 30.97 28.28
O3 MAN L . -9.40 31.87 26.35
O4 MAN L . -10.53 30.56 24.00
O5 MAN L . -13.36 30.54 26.38
O6 MAN L . -12.46 28.07 25.12
C1 NAG M . 14.18 58.76 8.02
C2 NAG M . 14.68 60.08 7.38
C3 NAG M . 16.01 59.85 6.63
C4 NAG M . 17.02 59.09 7.49
C5 NAG M . 16.38 57.84 8.05
C6 NAG M . 17.28 57.07 9.01
C7 NAG M . 13.33 60.14 5.31
C8 NAG M . 12.23 60.85 4.59
N2 NAG M . 13.67 60.64 6.50
O3 NAG M . 16.57 61.10 6.25
O4 NAG M . 18.12 58.70 6.67
O5 NAG M . 15.20 58.20 8.79
O6 NAG M . 16.76 55.78 9.32
O7 NAG M . 13.87 59.15 4.83
C1 NAG M . 19.36 59.06 7.28
C2 NAG M . 20.51 58.46 6.46
C3 NAG M . 21.87 58.90 7.03
C4 NAG M . 21.92 60.40 7.28
C5 NAG M . 20.67 60.86 8.05
C6 NAG M . 20.56 62.36 8.23
C7 NAG M . 20.09 56.30 5.34
C8 NAG M . 20.05 54.81 5.50
N2 NAG M . 20.42 57.01 6.43
O3 NAG M . 22.89 58.52 6.12
O4 NAG M . 23.07 60.69 8.05
O5 NAG M . 19.50 60.46 7.33
O6 NAG M . 20.60 62.70 9.62
O7 NAG M . 19.83 56.85 4.27
C1 BMA M . 23.73 61.90 7.60
C2 BMA M . 24.79 62.32 8.69
C3 BMA M . 25.85 63.18 8.03
C4 BMA M . 26.60 62.43 6.92
C5 BMA M . 25.69 61.41 6.12
C6 BMA M . 25.91 59.92 6.42
O2 BMA M . 25.42 61.18 9.25
O3 BMA M . 26.78 63.72 8.98
O4 BMA M . 27.13 63.40 6.02
O5 BMA M . 24.27 61.73 6.25
O6 BMA M . 27.01 59.48 5.64
C1 NAG N . 25.05 -40.51 21.10
C2 NAG N . 24.87 -40.69 22.60
C3 NAG N . 25.41 -39.48 23.36
C4 NAG N . 26.83 -39.14 22.90
C5 NAG N . 26.90 -39.04 21.38
C6 NAG N . 28.30 -38.86 20.85
C7 NAG N . 22.98 -42.05 23.41
C8 NAG N . 21.51 -42.06 23.70
N2 NAG N . 23.46 -40.89 22.93
O3 NAG N . 25.42 -39.77 24.75
O4 NAG N . 27.21 -37.88 23.46
O5 NAG N . 26.41 -40.26 20.80
O6 NAG N . 29.10 -40.00 21.13
O7 NAG N . 23.69 -43.02 23.61
C1 NAG N . 28.40 -38.04 24.28
C2 NAG N . 29.10 -36.69 24.41
C3 NAG N . 30.35 -36.83 25.28
C4 NAG N . 29.97 -37.42 26.63
C5 NAG N . 29.21 -38.73 26.44
C6 NAG N . 28.70 -39.33 27.73
C7 NAG N . 28.75 -35.16 22.52
C8 NAG N . 29.24 -34.70 21.19
N2 NAG N . 29.45 -36.14 23.11
O3 NAG N . 30.98 -35.57 25.44
O4 NAG N . 31.15 -37.66 27.40
O5 NAG N . 28.07 -38.54 25.59
O6 NAG N . 27.57 -38.62 28.22
O7 NAG N . 27.74 -34.68 23.04
C1 NAG O . 17.51 -54.88 10.35
C2 NAG O . 17.31 -55.06 11.87
C3 NAG O . 17.18 -56.53 12.20
C4 NAG O . 16.05 -57.17 11.40
C5 NAG O . 16.24 -56.89 9.91
C6 NAG O . 15.08 -57.35 9.05
C7 NAG O . 18.26 -53.37 13.38
C8 NAG O . 19.49 -52.92 14.12
N2 NAG O . 18.40 -54.47 12.63
O3 NAG O . 16.98 -56.69 13.60
O4 NAG O . 16.14 -58.58 11.59
O5 NAG O . 16.41 -55.49 9.66
O6 NAG O . 13.88 -56.65 9.35
O7 NAG O . 17.21 -52.76 13.46
C1 NAG O . 14.95 -59.28 11.94
C2 NAG O . 15.25 -60.78 11.78
C3 NAG O . 14.04 -61.62 12.20
C4 NAG O . 13.63 -61.25 13.61
C5 NAG O . 13.32 -59.76 13.66
C6 NAG O . 12.91 -59.27 15.03
C7 NAG O . 16.92 -61.21 10.02
C8 NAG O . 17.96 -60.96 11.07
N2 NAG O . 15.65 -61.10 10.41
O3 NAG O . 14.36 -63.01 12.12
O4 NAG O . 12.52 -62.03 14.02
O5 NAG O . 14.50 -59.02 13.28
O6 NAG O . 13.86 -58.35 15.56
O7 NAG O . 17.22 -61.49 8.85
C1 NAG P . 42.97 -45.02 -11.63
C2 NAG P . 44.23 -45.00 -12.54
C3 NAG P . 44.59 -46.42 -12.97
C4 NAG P . 44.72 -47.34 -11.76
C5 NAG P . 43.42 -47.30 -10.97
C6 NAG P . 43.50 -48.11 -9.70
C7 NAG P . 44.58 -42.96 -13.86
C8 NAG P . 45.42 -42.46 -12.72
N2 NAG P . 44.02 -44.17 -13.71
O3 NAG P . 45.80 -46.41 -13.73
O4 NAG P . 44.90 -48.68 -12.19
O5 NAG P . 43.16 -45.95 -10.56
O6 NAG P . 44.59 -47.66 -8.90
O7 NAG P . 44.41 -42.28 -14.87
C1 NAG P . 46.17 -49.19 -11.77
C2 NAG P . 46.14 -50.69 -12.04
C3 NAG P . 47.52 -51.31 -11.82
C4 NAG P . 48.57 -50.54 -12.61
C5 NAG P . 48.49 -49.08 -12.23
C6 NAG P . 49.44 -48.19 -12.99
C7 NAG P . 43.95 -51.78 -11.69
C8 NAG P . 43.70 -51.52 -13.15
N2 NAG P . 45.13 -51.35 -11.22
O3 NAG P . 47.49 -52.66 -12.25
O4 NAG P . 49.87 -51.06 -12.32
O5 NAG P . 47.17 -48.59 -12.52
O6 NAG P . 49.23 -46.82 -12.67
O7 NAG P . 43.12 -52.32 -10.97
C1 NAG Q . 31.57 -16.78 -12.07
C2 NAG Q . 31.63 -15.26 -12.40
C3 NAG Q . 30.56 -14.51 -11.60
C4 NAG Q . 29.18 -15.15 -11.79
C5 NAG Q . 29.23 -16.66 -11.50
C6 NAG Q . 27.91 -17.34 -11.81
C7 NAG Q . 33.76 -14.09 -12.91
C8 NAG Q . 35.08 -13.66 -12.34
N2 NAG Q . 32.95 -14.74 -12.06
O3 NAG Q . 30.51 -13.15 -12.02
O4 NAG Q . 28.28 -14.59 -10.85
O5 NAG Q . 30.23 -17.27 -12.31
O6 NAG Q . 28.02 -18.75 -11.86
O7 NAG Q . 33.44 -13.87 -14.08
C1 NAG Q . 27.25 -13.78 -11.45
C2 NAG Q . 26.04 -13.77 -10.51
C3 NAG Q . 24.92 -12.90 -11.08
C4 NAG Q . 25.46 -11.51 -11.42
C5 NAG Q . 26.66 -11.63 -12.36
C6 NAG Q . 27.27 -10.30 -12.73
C7 NAG Q . 25.70 -15.73 -9.05
C8 NAG Q . 25.13 -17.12 -8.95
N2 NAG Q . 25.55 -15.12 -10.23
O3 NAG Q . 23.89 -12.80 -10.11
O4 NAG Q . 24.44 -10.74 -12.05
O5 NAG Q . 27.68 -12.41 -11.72
O6 NAG Q . 28.25 -9.88 -11.79
O7 NAG Q . 26.27 -15.20 -8.10
C1 NAG R . -14.96 14.08 13.22
C2 NAG R . -16.36 14.36 12.75
C3 NAG R . -16.39 15.57 11.81
C4 NAG R . -15.74 16.77 12.49
C5 NAG R . -14.40 16.41 13.11
C6 NAG R . -13.90 17.49 14.05
C7 NAG R . -16.72 12.45 11.12
C8 NAG R . -15.50 12.85 10.32
N2 NAG R . -17.04 13.19 12.20
O3 NAG R . -17.74 15.86 11.45
O4 NAG R . -15.55 17.81 11.54
O5 NAG R . -14.46 15.20 13.90
O6 NAG R . -14.45 17.34 15.34
O7 NAG R . -17.40 11.48 10.80
CA CA S . -6.12 -3.07 21.20
C BEZ T . -5.42 2.24 16.90
O1 BEZ T . -6.42 1.76 17.49
O2 BEZ T . -5.60 3.29 16.24
C1 BEZ T . -4.07 1.54 16.97
C2 BEZ T . -3.04 1.87 16.08
C3 BEZ T . -1.81 1.21 16.14
C4 BEZ T . -1.60 0.21 17.09
C5 BEZ T . -2.63 -0.13 17.97
C6 BEZ T . -3.86 0.53 17.90
C1 EDO U . -0.55 -15.35 11.52
O1 EDO U . -1.35 -16.54 11.43
C2 EDO U . -0.54 -14.59 10.20
O2 EDO U . 0.30 -13.45 10.33
C1 EDO V . 8.70 6.66 34.75
O1 EDO V . 8.40 5.54 35.64
C2 EDO V . 8.40 7.96 35.48
O2 EDO V . 8.37 9.10 34.58
C1 EDO W . -15.08 19.76 21.61
O1 EDO W . -14.69 19.28 20.31
C2 EDO W . -14.80 21.23 21.84
O2 EDO W . -15.24 21.58 23.15
C1 EDO X . -9.84 6.75 7.03
O1 EDO X . -9.59 6.05 5.80
C2 EDO X . -11.21 6.36 7.58
O2 EDO X . -11.48 6.96 8.85
C1 EDO Y . -23.14 18.86 33.77
O1 EDO Y . -23.11 17.89 32.71
C2 EDO Y . -24.32 18.57 34.68
O2 EDO Y . -24.21 17.29 35.37
C1 EDO Z . 14.57 6.46 6.43
O1 EDO Z . 15.97 6.77 6.41
C2 EDO Z . 13.97 6.95 7.74
O2 EDO Z . 14.77 6.49 8.84
C1 EDO AA . -18.70 15.94 17.62
O1 EDO AA . -19.50 15.78 18.80
C2 EDO AA . -19.15 14.94 16.57
O2 EDO AA . -18.09 14.66 15.67
C1 EDO BA . -17.62 17.38 21.20
O1 EDO BA . -17.86 18.59 21.94
C2 EDO BA . -18.28 16.25 21.97
O2 EDO BA . -18.79 15.31 21.03
CA CA CA . -31.24 11.38 -29.92
C BEZ DA . -30.16 18.09 -28.86
O1 BEZ DA . -29.58 19.17 -28.68
O2 BEZ DA . -29.50 17.08 -29.24
C1 BEZ DA . -31.63 17.95 -28.62
C2 BEZ DA . -32.28 16.78 -28.98
C3 BEZ DA . -33.64 16.63 -28.74
C4 BEZ DA . -34.35 17.67 -28.16
C5 BEZ DA . -33.70 18.86 -27.80
C6 BEZ DA . -32.33 19.01 -28.02
C1 EDO EA . -43.98 17.40 -47.21
O1 EDO EA . -44.03 16.03 -47.65
C2 EDO EA . -43.49 18.25 -48.37
O2 EDO EA . -43.46 19.63 -47.99
C1 EDO FA . -16.03 -6.83 -16.10
O1 EDO FA . -17.44 -6.86 -15.87
C2 EDO FA . -15.42 -5.53 -15.57
O2 EDO FA . -15.56 -4.49 -16.55
C1 PEG GA . -30.79 14.37 -23.85
O1 PEG GA . -30.60 15.12 -22.64
C2 PEG GA . -32.06 14.83 -24.57
O2 PEG GA . -32.46 16.13 -24.15
C3 PEG GA . -33.70 16.54 -24.72
C4 PEG GA . -33.90 18.04 -24.48
O4 PEG GA . -33.82 18.31 -23.08
C1 NAG HA . 11.11 22.12 -9.53
C2 NAG HA . 11.30 21.22 -10.77
C3 NAG HA . 11.03 22.00 -12.06
C4 NAG HA . 9.67 22.67 -12.00
C5 NAG HA . 9.60 23.56 -10.77
C6 NAG HA . 8.27 24.25 -10.60
C7 NAG HA . 12.88 19.36 -11.04
C8 NAG HA . 11.69 18.50 -11.32
N2 NAG HA . 12.64 20.65 -10.78
O3 NAG HA . 11.11 21.11 -13.16
O4 NAG HA . 9.43 23.43 -13.18
O5 NAG HA . 9.82 22.77 -9.60
O6 NAG HA . 7.18 23.39 -10.93
O7 NAG HA . 14.02 18.90 -11.04
C1 NAG IA . 15.03 12.94 6.07
C2 NAG IA . 15.70 12.49 4.78
C3 NAG IA . 15.70 10.96 4.70
C4 NAG IA . 16.37 10.37 5.94
C5 NAG IA . 15.73 10.91 7.21
C6 NAG IA . 16.48 10.52 8.45
C7 NAG IA . 15.68 13.67 2.63
C8 NAG IA . 14.83 14.18 1.50
N2 NAG IA . 15.03 13.05 3.62
O3 NAG IA . 16.41 10.54 3.54
O4 NAG IA . 16.24 8.95 5.92
O5 NAG IA . 15.71 12.35 7.19
O6 NAG IA . 15.78 10.87 9.64
O7 NAG IA . 16.90 13.80 2.65
C1 NAG JA . 8.72 41.79 -13.40
C2 NAG JA . 7.22 41.48 -13.27
C3 NAG JA . 6.60 41.24 -14.64
C4 NAG JA . 6.91 42.39 -15.58
C5 NAG JA . 8.41 42.66 -15.62
C6 NAG JA . 8.78 43.86 -16.45
C7 NAG JA . 6.71 40.42 -11.11
C8 NAG JA . 6.54 39.12 -10.38
N2 NAG JA . 7.03 40.32 -12.41
O3 NAG JA . 5.20 41.09 -14.50
O4 NAG JA . 6.45 42.08 -16.89
O5 NAG JA . 8.89 42.90 -14.29
O6 NAG JA . 7.89 44.94 -16.24
O7 NAG JA . 6.54 41.51 -10.56
CA CA KA . 9.42 32.82 9.87
C BEZ LA . 7.12 26.33 8.87
O1 BEZ LA . 8.21 26.98 8.85
O2 BEZ LA . 7.15 25.09 8.72
C1 BEZ LA . 5.82 27.07 9.03
C2 BEZ LA . 5.83 28.41 9.38
C3 BEZ LA . 4.63 29.09 9.52
C4 BEZ LA . 3.43 28.40 9.32
C5 BEZ LA . 3.41 27.06 8.98
C6 BEZ LA . 4.62 26.38 8.83
C1 EDO MA . 4.35 33.97 -2.50
O1 EDO MA . 4.28 34.57 -3.80
C2 EDO MA . 5.73 34.24 -1.90
O2 EDO MA . 5.89 33.59 -0.62
C1 EDO NA . -8.56 29.85 5.11
O1 EDO NA . -8.87 29.52 3.74
C2 EDO NA . -8.83 31.33 5.34
O2 EDO NA . -9.67 31.47 6.49
CA CA OA . 28.01 -40.72 -0.98
C1 GOL PA . 32.14 -46.26 2.02
O1 GOL PA . 32.38 -47.43 2.76
C2 GOL PA . 30.64 -46.29 1.63
O2 GOL PA . 29.89 -46.91 2.61
C3 GOL PA . 30.23 -44.80 1.44
O3 GOL PA . 31.26 -44.19 0.70
C1 EDO QA . 40.12 -43.79 -20.51
O1 EDO QA . 40.02 -43.59 -19.10
C2 EDO QA . 40.24 -42.43 -21.22
O2 EDO QA . 39.67 -42.58 -22.53
C1 MAN RA . 48.57 -55.93 -14.59
C2 MAN RA . 47.38 -55.01 -14.25
C3 MAN RA . 46.34 -55.72 -13.34
C4 MAN RA . 46.92 -56.72 -12.30
C5 MAN RA . 48.23 -57.37 -12.77
C6 MAN RA . 48.32 -58.87 -12.43
O1 MAN RA . 49.71 -55.36 -13.98
O2 MAN RA . 46.68 -54.59 -15.43
O3 MAN RA . 45.32 -56.36 -14.12
O4 MAN RA . 47.13 -56.08 -11.05
O5 MAN RA . 48.35 -57.25 -14.20
O6 MAN RA . 49.66 -59.29 -12.66
C1 PEG SA . 35.41 -38.01 18.64
O1 PEG SA . 34.29 -38.32 17.79
C2 PEG SA . 35.66 -36.52 18.62
O2 PEG SA . 34.63 -35.89 19.37
C3 PEG SA . 34.35 -34.57 18.95
C4 PEG SA . 32.90 -34.26 19.27
O4 PEG SA . 32.48 -33.03 18.62
C1 PEG TA . 34.28 -45.54 6.01
O1 PEG TA . 33.38 -45.45 4.89
C2 PEG TA . 34.43 -44.20 6.72
O2 PEG TA . 33.27 -43.89 7.49
C3 PEG TA . 33.46 -42.72 8.30
C4 PEG TA . 32.29 -41.76 8.09
O4 PEG TA . 32.71 -40.42 8.40
#